data_3LME
#
_entry.id   3LME
#
_cell.length_a   112.185
_cell.length_b   142.239
_cell.length_c   147.365
_cell.angle_alpha   90.000
_cell.angle_beta   90.000
_cell.angle_gamma   90.000
#
_symmetry.space_group_name_H-M   'P 21 21 21'
#
loop_
_entity.id
_entity.type
_entity.pdbx_description
1 polymer 'Possible translation initiation inhibitor'
2 non-polymer 'SULFATE ION'
3 water water
#
_entity_poly.entity_id   1
_entity_poly.type   'polypeptide(L)'
_entity_poly.pdbx_seq_one_letter_code
;MSLKIIAPTDKTITPSGTWSIGARAGDFVFIGGMHGTDRVTGKMVDGDEARIRRMFDNMLAAAEAAGATKADAVRLTVFV
TDVAKYRPVVNKVQKDIWGDGPYPPRTVLQVPALDQGDIAEIDGTFYAPAEGHHHHHH
;
_entity_poly.pdbx_strand_id   A,B,C,D,E,F,G,H,I,J,K,L
#
# COMPACT_ATOMS: atom_id res chain seq x y z
N SER A 2 -42.72 17.35 -5.41
CA SER A 2 -41.31 17.38 -5.90
C SER A 2 -40.30 17.41 -4.76
N LEU A 3 -39.13 16.83 -4.99
CA LEU A 3 -38.03 17.01 -4.05
C LEU A 3 -37.68 18.50 -3.95
N LYS A 4 -37.17 18.86 -2.77
CA LYS A 4 -36.50 20.13 -2.52
C LYS A 4 -35.04 19.79 -2.18
N ILE A 5 -34.09 20.26 -3.01
CA ILE A 5 -32.67 20.17 -2.68
C ILE A 5 -32.41 21.04 -1.46
N ILE A 6 -31.68 20.51 -0.50
CA ILE A 6 -31.38 21.22 0.74
C ILE A 6 -30.33 22.27 0.52
N ALA A 7 -30.74 23.54 0.60
CA ALA A 7 -29.80 24.66 0.44
C ALA A 7 -28.72 24.70 1.54
N PRO A 8 -27.48 25.09 1.18
CA PRO A 8 -26.43 25.12 2.18
C PRO A 8 -26.64 26.20 3.21
N THR A 9 -26.17 25.95 4.42
CA THR A 9 -26.50 26.76 5.58
C THR A 9 -25.20 27.09 6.31
N ASP A 10 -25.24 27.96 7.31
CA ASP A 10 -23.99 28.30 8.00
C ASP A 10 -23.58 27.24 9.05
N LYS A 11 -24.41 26.20 9.18
CA LYS A 11 -24.11 25.03 10.03
C LYS A 11 -23.67 23.78 9.22
N THR A 12 -23.69 23.93 7.90
CA THR A 12 -23.68 22.85 6.91
C THR A 12 -22.45 22.92 5.99
N ILE A 13 -22.13 21.78 5.36
CA ILE A 13 -21.14 21.67 4.27
C ILE A 13 -21.58 22.55 3.09
N THR A 14 -20.64 23.02 2.29
CA THR A 14 -20.97 23.79 1.09
C THR A 14 -20.49 23.03 -0.12
N PRO A 15 -21.43 22.48 -0.93
CA PRO A 15 -21.06 21.60 -2.03
C PRO A 15 -20.21 22.32 -3.05
N SER A 16 -19.17 21.63 -3.52
CA SER A 16 -18.06 22.21 -4.30
C SER A 16 -17.93 21.51 -5.64
N GLY A 17 -19.01 20.87 -6.08
CA GLY A 17 -18.98 20.09 -7.29
C GLY A 17 -20.36 19.68 -7.76
N THR A 18 -20.42 18.57 -8.49
CA THR A 18 -21.67 18.16 -9.18
C THR A 18 -22.65 17.42 -8.26
N TRP A 19 -22.86 17.98 -7.06
CA TRP A 19 -23.69 17.35 -6.04
C TRP A 19 -24.35 18.32 -5.07
N SER A 20 -25.21 17.77 -4.22
CA SER A 20 -25.92 18.51 -3.20
C SER A 20 -25.64 17.85 -1.89
N ILE A 21 -25.99 18.52 -0.81
CA ILE A 21 -25.80 17.92 0.51
C ILE A 21 -26.94 16.90 0.82
N GLY A 22 -28.08 17.09 0.16
CA GLY A 22 -29.16 16.18 0.34
C GLY A 22 -30.44 16.77 -0.18
N ALA A 23 -31.52 16.02 -0.02
CA ALA A 23 -32.81 16.39 -0.54
C ALA A 23 -33.89 15.97 0.43
N ARG A 24 -34.90 16.83 0.55
CA ARG A 24 -36.16 16.45 1.15
C ARG A 24 -37.04 15.87 0.06
N ALA A 25 -37.64 14.72 0.32
CA ALA A 25 -38.56 14.13 -0.64
C ALA A 25 -39.74 13.69 0.18
N GLY A 26 -40.81 14.50 0.16
CA GLY A 26 -41.98 14.27 1.01
C GLY A 26 -41.60 14.23 2.48
N ASP A 27 -41.79 13.07 3.11
CA ASP A 27 -41.43 12.89 4.52
C ASP A 27 -39.99 12.49 4.72
N PHE A 28 -39.34 12.02 3.64
CA PHE A 28 -37.99 11.51 3.79
C PHE A 28 -36.92 12.54 3.50
N VAL A 29 -35.76 12.36 4.13
CA VAL A 29 -34.60 13.21 3.89
C VAL A 29 -33.35 12.37 3.61
N PHE A 30 -32.78 12.58 2.41
CA PHE A 30 -31.63 11.79 1.96
C PHE A 30 -30.39 12.64 2.02
N ILE A 31 -29.47 12.31 2.90
CA ILE A 31 -28.26 13.05 2.95
C ILE A 31 -27.18 12.39 2.06
N GLY A 32 -26.52 13.19 1.23
CA GLY A 32 -25.39 12.70 0.43
C GLY A 32 -24.22 12.25 1.29
N GLY A 33 -23.25 11.59 0.67
CA GLY A 33 -22.10 11.10 1.42
C GLY A 33 -21.41 12.22 2.13
N MET A 34 -21.18 12.03 3.43
CA MET A 34 -20.51 12.99 4.29
C MET A 34 -19.19 12.43 4.81
N HIS A 35 -18.17 13.27 4.92
CA HIS A 35 -17.01 12.84 5.66
C HIS A 35 -16.48 13.89 6.60
N GLY A 36 -15.42 13.55 7.34
CA GLY A 36 -14.96 14.35 8.47
C GLY A 36 -14.16 15.59 8.10
N THR A 37 -14.67 16.36 7.15
CA THR A 37 -14.06 17.62 6.78
C THR A 37 -14.64 18.77 7.60
N ASP A 38 -13.84 19.83 7.75
CA ASP A 38 -14.26 21.08 8.36
C ASP A 38 -15.08 21.82 7.36
N ARG A 39 -16.27 22.28 7.75
CA ARG A 39 -17.19 22.94 6.82
C ARG A 39 -16.61 24.19 6.16
N VAL A 40 -15.67 24.85 6.84
CA VAL A 40 -15.14 26.15 6.42
C VAL A 40 -14.03 25.96 5.40
N THR A 41 -13.01 25.19 5.74
CA THR A 41 -11.85 24.99 4.87
C THR A 41 -12.01 23.84 3.89
N GLY A 42 -12.86 22.88 4.22
CA GLY A 42 -13.06 21.69 3.36
C GLY A 42 -11.99 20.63 3.58
N LYS A 43 -11.06 20.92 4.51
CA LYS A 43 -9.99 20.03 4.89
C LYS A 43 -10.38 19.03 6.00
N MET A 44 -9.72 17.87 5.97
CA MET A 44 -10.03 16.78 6.87
C MET A 44 -9.45 17.08 8.24
N VAL A 45 -10.16 16.68 9.26
CA VAL A 45 -9.78 17.00 10.61
C VAL A 45 -8.77 15.97 11.13
N ASP A 46 -7.95 16.33 12.10
CA ASP A 46 -6.96 15.39 12.63
C ASP A 46 -7.62 14.52 13.66
N GLY A 47 -7.05 13.34 13.88
CA GLY A 47 -7.48 12.42 14.93
C GLY A 47 -8.57 11.48 14.45
N ASP A 48 -8.33 10.18 14.63
CA ASP A 48 -9.29 9.15 14.29
C ASP A 48 -10.69 9.50 14.74
N GLU A 49 -10.87 9.74 16.02
CA GLU A 49 -12.18 9.93 16.60
C GLU A 49 -12.79 11.31 16.27
N ALA A 50 -11.95 12.34 16.26
CA ALA A 50 -12.36 13.66 15.85
C ALA A 50 -12.87 13.58 14.44
N ARG A 51 -12.23 12.77 13.59
CA ARG A 51 -12.61 12.64 12.18
C ARG A 51 -13.99 12.05 12.01
N ILE A 52 -14.24 10.96 12.70
CA ILE A 52 -15.50 10.28 12.65
C ILE A 52 -16.63 11.08 13.31
N ARG A 53 -16.36 11.64 14.51
CA ARG A 53 -17.36 12.54 15.16
C ARG A 53 -17.77 13.66 14.18
N ARG A 54 -16.77 14.23 13.49
CA ARG A 54 -17.04 15.30 12.57
C ARG A 54 -17.81 14.86 11.33
N MET A 55 -17.58 13.62 10.89
CA MET A 55 -18.37 13.04 9.81
C MET A 55 -19.83 12.96 10.24
N PHE A 56 -20.07 12.44 11.46
CA PHE A 56 -21.43 12.40 11.98
C PHE A 56 -22.09 13.78 12.15
N ASP A 57 -21.35 14.74 12.74
CA ASP A 57 -21.85 16.09 12.88
C ASP A 57 -22.16 16.73 11.51
N ASN A 58 -21.29 16.59 10.52
CA ASN A 58 -21.63 17.13 9.21
C ASN A 58 -22.94 16.55 8.69
N MET A 59 -23.11 15.23 8.81
CA MET A 59 -24.29 14.53 8.28
C MET A 59 -25.50 15.08 9.02
N LEU A 60 -25.40 15.16 10.36
CA LEU A 60 -26.55 15.57 11.21
C LEU A 60 -26.98 17.01 10.98
N ALA A 61 -26.03 17.87 10.63
CA ALA A 61 -26.30 19.25 10.27
C ALA A 61 -27.09 19.33 8.97
N ALA A 62 -26.66 18.59 7.96
CA ALA A 62 -27.42 18.56 6.74
C ALA A 62 -28.83 18.10 7.09
N ALA A 63 -28.95 17.08 7.94
CA ALA A 63 -30.27 16.54 8.27
C ALA A 63 -31.13 17.58 8.97
N GLU A 64 -30.56 18.21 9.99
CA GLU A 64 -31.24 19.22 10.77
C GLU A 64 -31.65 20.44 9.90
N ALA A 65 -30.86 20.77 8.88
CA ALA A 65 -31.24 21.80 7.89
C ALA A 65 -32.44 21.39 7.01
N ALA A 66 -32.85 20.13 7.05
CA ALA A 66 -34.06 19.74 6.36
C ALA A 66 -35.15 19.35 7.34
N GLY A 67 -34.89 19.57 8.64
CA GLY A 67 -35.89 19.34 9.67
C GLY A 67 -35.85 17.96 10.31
N ALA A 68 -34.81 17.17 10.02
CA ALA A 68 -34.67 15.87 10.62
C ALA A 68 -33.68 15.94 11.74
N THR A 69 -33.88 15.10 12.74
CA THR A 69 -32.94 15.01 13.85
C THR A 69 -32.29 13.62 13.82
N LYS A 70 -31.31 13.42 14.70
CA LYS A 70 -30.65 12.13 14.87
C LYS A 70 -31.63 11.00 15.22
N ALA A 71 -32.80 11.34 15.76
CA ALA A 71 -33.77 10.31 16.18
C ALA A 71 -34.67 9.88 15.00
N ASP A 72 -34.51 10.57 13.87
CA ASP A 72 -35.22 10.29 12.64
C ASP A 72 -34.44 9.41 11.69
N ALA A 73 -33.27 8.87 12.08
CA ALA A 73 -32.45 8.10 11.12
C ALA A 73 -33.04 6.74 10.83
N VAL A 74 -33.33 6.42 9.57
CA VAL A 74 -33.81 5.07 9.24
C VAL A 74 -32.73 4.19 8.64
N ARG A 75 -31.64 4.77 8.14
CA ARG A 75 -30.52 3.95 7.70
C ARG A 75 -29.21 4.70 7.68
N LEU A 76 -28.17 4.07 8.20
CA LEU A 76 -26.83 4.60 8.12
C LEU A 76 -25.94 3.60 7.41
N THR A 77 -25.27 4.00 6.34
CA THR A 77 -24.30 3.11 5.70
C THR A 77 -22.91 3.72 5.88
N VAL A 78 -22.13 3.14 6.77
CA VAL A 78 -20.79 3.64 7.02
C VAL A 78 -19.79 2.84 6.20
N PHE A 79 -19.08 3.54 5.31
CA PHE A 79 -17.95 2.96 4.60
C PHE A 79 -16.66 3.44 5.25
N VAL A 80 -15.83 2.51 5.65
CA VAL A 80 -14.55 2.82 6.24
C VAL A 80 -13.43 2.06 5.52
N THR A 81 -12.22 2.37 5.94
CA THR A 81 -11.02 2.02 5.25
C THR A 81 -10.34 0.82 5.89
N ASP A 82 -10.70 0.58 7.16
CA ASP A 82 -10.18 -0.53 7.96
C ASP A 82 -11.25 -0.84 9.00
N VAL A 83 -12.16 -1.74 8.66
CA VAL A 83 -13.24 -2.10 9.58
C VAL A 83 -12.69 -2.58 10.94
N ALA A 84 -11.67 -3.41 10.93
CA ALA A 84 -11.09 -3.86 12.19
C ALA A 84 -10.73 -2.66 13.08
N LYS A 85 -10.21 -1.59 12.48
CA LYS A 85 -9.69 -0.45 13.22
C LYS A 85 -10.77 0.56 13.64
N TYR A 86 -11.69 0.86 12.72
CA TYR A 86 -12.64 1.95 12.94
C TYR A 86 -14.04 1.57 13.40
N ARG A 87 -14.39 0.30 13.29
CA ARG A 87 -15.69 -0.09 13.77
C ARG A 87 -15.83 0.30 15.25
N PRO A 88 -14.82 0.01 16.08
CA PRO A 88 -14.93 0.41 17.50
C PRO A 88 -15.02 1.95 17.69
N VAL A 89 -14.43 2.70 16.77
CA VAL A 89 -14.47 4.13 16.88
C VAL A 89 -15.89 4.60 16.56
N VAL A 90 -16.43 4.13 15.43
CA VAL A 90 -17.83 4.39 15.07
C VAL A 90 -18.78 4.02 16.22
N ASN A 91 -18.53 2.88 16.84
CA ASN A 91 -19.28 2.51 18.02
C ASN A 91 -19.20 3.60 19.08
N LYS A 92 -17.97 3.94 19.47
CA LYS A 92 -17.75 4.93 20.51
C LYS A 92 -18.43 6.28 20.16
N VAL A 93 -18.29 6.72 18.91
CA VAL A 93 -18.89 7.99 18.54
C VAL A 93 -20.42 7.95 18.59
N GLN A 94 -20.97 6.80 18.19
CA GLN A 94 -22.41 6.64 18.25
C GLN A 94 -22.90 6.56 19.71
N LYS A 95 -22.15 5.94 20.62
CA LYS A 95 -22.53 6.02 22.05
C LYS A 95 -22.57 7.47 22.52
N ASP A 96 -21.67 8.29 21.98
CA ASP A 96 -21.59 9.68 22.40
C ASP A 96 -22.83 10.46 21.95
N ILE A 97 -23.35 10.09 20.79
CA ILE A 97 -24.39 10.88 20.15
C ILE A 97 -25.75 10.36 20.58
N TRP A 98 -25.92 9.05 20.53
CA TRP A 98 -27.21 8.42 20.74
C TRP A 98 -27.43 7.99 22.19
N GLY A 99 -26.40 8.11 23.02
CA GLY A 99 -26.48 7.65 24.39
C GLY A 99 -26.65 6.16 24.40
N ASP A 100 -27.59 5.68 25.21
CA ASP A 100 -27.88 4.25 25.29
C ASP A 100 -28.94 3.81 24.26
N GLY A 101 -29.32 4.70 23.34
CA GLY A 101 -30.22 4.33 22.24
C GLY A 101 -31.58 5.03 22.28
N PRO A 102 -32.55 4.55 21.50
CA PRO A 102 -32.42 3.46 20.54
C PRO A 102 -31.59 3.92 19.34
N TYR A 103 -30.90 2.98 18.71
CA TYR A 103 -29.97 3.26 17.63
C TYR A 103 -30.55 2.98 16.23
N PRO A 104 -30.13 3.72 15.20
CA PRO A 104 -30.66 3.45 13.86
C PRO A 104 -30.12 2.16 13.25
N PRO A 105 -30.87 1.58 12.28
CA PRO A 105 -30.35 0.46 11.52
C PRO A 105 -29.09 0.90 10.78
N ARG A 106 -28.12 0.00 10.65
CA ARG A 106 -26.80 0.42 10.29
C ARG A 106 -26.07 -0.68 9.54
N THR A 107 -25.24 -0.30 8.57
CA THR A 107 -24.36 -1.26 7.94
C THR A 107 -22.96 -0.67 7.80
N VAL A 108 -21.94 -1.39 8.28
CA VAL A 108 -20.52 -0.95 8.22
C VAL A 108 -19.66 -1.83 7.30
N LEU A 109 -19.17 -1.30 6.19
CA LEU A 109 -18.32 -2.10 5.29
C LEU A 109 -16.94 -1.51 5.13
N GLN A 110 -15.96 -2.37 4.89
CA GLN A 110 -14.63 -1.91 4.50
C GLN A 110 -14.61 -1.66 3.00
N VAL A 111 -13.79 -0.72 2.57
CA VAL A 111 -13.79 -0.30 1.18
C VAL A 111 -12.35 0.16 0.89
N PRO A 112 -11.88 0.12 -0.37
CA PRO A 112 -10.45 0.45 -0.50
C PRO A 112 -10.12 1.95 -0.53
N ALA A 113 -10.91 2.76 -1.22
CA ALA A 113 -10.62 4.19 -1.30
C ALA A 113 -11.86 5.07 -1.14
N LEU A 114 -11.69 6.27 -0.58
CA LEU A 114 -12.83 7.16 -0.29
C LEU A 114 -12.68 8.53 -0.92
N ASP A 115 -13.75 9.32 -0.94
CA ASP A 115 -13.62 10.77 -1.15
C ASP A 115 -12.24 11.20 -0.51
N GLN A 116 -11.30 11.70 -1.31
CA GLN A 116 -10.12 12.43 -0.74
C GLN A 116 -9.02 11.60 0.00
N GLY A 117 -9.20 10.29 0.13
CA GLY A 117 -8.25 9.45 0.87
C GLY A 117 -8.61 9.38 2.34
N ASP A 118 -9.83 9.84 2.65
CA ASP A 118 -10.40 9.83 4.00
C ASP A 118 -10.55 8.39 4.54
N ILE A 119 -10.73 8.28 5.85
CA ILE A 119 -10.91 6.98 6.49
C ILE A 119 -12.35 6.50 6.63
N ALA A 120 -13.33 7.35 6.36
CA ALA A 120 -14.72 7.00 6.61
C ALA A 120 -15.64 7.97 5.88
N GLU A 121 -16.69 7.42 5.29
CA GLU A 121 -17.71 8.24 4.67
C GLU A 121 -19.05 7.61 5.06
N ILE A 122 -20.09 8.42 5.20
CA ILE A 122 -21.36 7.90 5.69
C ILE A 122 -22.53 8.35 4.85
N ASP A 123 -23.52 7.48 4.69
CA ASP A 123 -24.80 7.77 4.02
C ASP A 123 -25.96 7.70 4.99
N GLY A 124 -26.72 8.77 5.10
CA GLY A 124 -27.77 8.84 6.08
C GLY A 124 -29.07 9.11 5.38
N THR A 125 -30.11 8.41 5.82
CA THR A 125 -31.49 8.56 5.33
C THR A 125 -32.42 8.72 6.54
N PHE A 126 -33.26 9.75 6.50
CA PHE A 126 -34.07 10.12 7.65
C PHE A 126 -35.55 10.17 7.28
N TYR A 127 -36.40 9.88 8.27
CA TYR A 127 -37.85 9.98 8.14
C TYR A 127 -38.28 11.04 9.08
N ALA A 128 -38.77 12.16 8.56
CA ALA A 128 -39.13 13.29 9.40
C ALA A 128 -40.44 13.95 8.94
N PRO A 129 -41.60 13.30 9.18
CA PRO A 129 -42.88 13.83 8.65
C PRO A 129 -43.09 15.30 8.98
N ALA A 130 -43.70 16.05 8.06
CA ALA A 130 -44.08 17.46 8.31
C ALA A 130 -45.52 17.56 8.90
N SER B 2 -44.41 9.05 13.84
CA SER B 2 -43.12 9.06 13.11
C SER B 2 -42.47 7.66 13.08
N LEU B 3 -41.17 7.59 13.26
CA LEU B 3 -40.42 6.36 12.97
C LEU B 3 -40.62 5.31 14.08
N LYS B 4 -40.57 4.03 13.72
CA LYS B 4 -40.80 2.95 14.69
C LYS B 4 -39.69 1.86 14.60
N ILE B 5 -38.77 1.85 15.57
CA ILE B 5 -37.70 0.84 15.59
C ILE B 5 -38.29 -0.56 15.67
N ILE B 6 -37.81 -1.50 14.87
CA ILE B 6 -38.35 -2.84 14.95
C ILE B 6 -37.76 -3.57 16.16
N ALA B 7 -38.62 -4.00 17.07
CA ALA B 7 -38.16 -4.68 18.28
C ALA B 7 -37.82 -6.14 17.99
N PRO B 8 -36.71 -6.66 18.58
CA PRO B 8 -36.30 -8.06 18.42
C PRO B 8 -37.43 -9.05 18.76
N THR B 9 -37.30 -10.29 18.31
CA THR B 9 -38.46 -11.19 18.26
C THR B 9 -37.99 -12.64 18.37
N ASP B 10 -38.93 -13.57 18.60
CA ASP B 10 -38.57 -14.98 18.61
C ASP B 10 -38.18 -15.52 17.23
N LYS B 11 -38.43 -14.76 16.17
CA LYS B 11 -38.00 -15.16 14.81
C LYS B 11 -36.75 -14.38 14.36
N THR B 12 -36.37 -13.40 15.17
CA THR B 12 -35.49 -12.30 14.76
C THR B 12 -34.13 -12.30 15.45
N ILE B 13 -33.19 -11.55 14.89
CA ILE B 13 -31.86 -11.40 15.43
C ILE B 13 -31.92 -10.46 16.64
N THR B 14 -30.98 -10.60 17.57
CA THR B 14 -30.92 -9.72 18.76
C THR B 14 -29.74 -8.74 18.64
N PRO B 15 -30.05 -7.44 18.48
CA PRO B 15 -28.99 -6.44 18.39
C PRO B 15 -28.08 -6.46 19.63
N SER B 16 -26.79 -6.21 19.44
CA SER B 16 -25.84 -6.29 20.54
C SER B 16 -24.69 -5.32 20.29
N GLY B 17 -25.02 -4.02 20.27
CA GLY B 17 -24.11 -3.00 19.75
C GLY B 17 -24.92 -1.76 19.44
N THR B 18 -24.32 -0.81 18.74
CA THR B 18 -24.97 0.48 18.62
C THR B 18 -25.80 0.52 17.34
N TRP B 19 -26.79 -0.36 17.27
CA TRP B 19 -27.67 -0.45 16.09
C TRP B 19 -28.95 -1.24 16.40
N SER B 20 -29.87 -1.22 15.45
CA SER B 20 -31.15 -1.87 15.53
C SER B 20 -31.30 -2.83 14.38
N ILE B 21 -32.17 -3.83 14.50
CA ILE B 21 -32.41 -4.73 13.39
C ILE B 21 -33.00 -3.95 12.23
N GLY B 22 -33.84 -2.98 12.53
CA GLY B 22 -34.37 -2.15 11.47
C GLY B 22 -35.44 -1.21 11.91
N ALA B 23 -35.97 -0.46 10.96
CA ALA B 23 -37.03 0.49 11.26
C ALA B 23 -38.17 0.56 10.24
N ARG B 24 -39.34 0.86 10.75
CA ARG B 24 -40.45 1.19 9.90
C ARG B 24 -40.67 2.69 9.87
N ALA B 25 -40.80 3.27 8.69
CA ALA B 25 -41.06 4.70 8.57
C ALA B 25 -42.16 4.88 7.54
N GLY B 26 -43.31 5.39 7.99
CA GLY B 26 -44.48 5.52 7.12
C GLY B 26 -44.80 4.22 6.44
N ASP B 27 -44.67 4.18 5.13
CA ASP B 27 -45.03 2.98 4.39
C ASP B 27 -43.88 2.02 4.12
N PHE B 28 -42.70 2.33 4.68
CA PHE B 28 -41.47 1.66 4.25
C PHE B 28 -40.82 0.99 5.42
N VAL B 29 -40.06 -0.05 5.16
CA VAL B 29 -39.34 -0.73 6.21
C VAL B 29 -37.89 -0.85 5.80
N PHE B 30 -36.97 -0.39 6.65
CA PHE B 30 -35.53 -0.45 6.36
C PHE B 30 -34.86 -1.41 7.30
N ILE B 31 -34.20 -2.43 6.76
CA ILE B 31 -33.50 -3.41 7.59
C ILE B 31 -32.02 -3.11 7.53
N GLY B 32 -31.34 -3.12 8.67
CA GLY B 32 -29.89 -2.92 8.70
C GLY B 32 -29.13 -4.14 8.21
N GLY B 33 -27.81 -4.04 8.21
CA GLY B 33 -26.97 -5.06 7.61
C GLY B 33 -27.27 -6.40 8.21
N MET B 34 -27.44 -7.40 7.36
CA MET B 34 -27.69 -8.75 7.87
C MET B 34 -26.59 -9.70 7.44
N HIS B 35 -26.15 -10.59 8.33
CA HIS B 35 -25.14 -11.62 8.06
C HIS B 35 -25.82 -12.97 8.21
N GLY B 36 -25.13 -14.04 7.83
CA GLY B 36 -25.66 -15.38 8.00
C GLY B 36 -25.36 -16.04 9.35
N THR B 37 -25.77 -15.41 10.43
CA THR B 37 -25.53 -15.92 11.77
C THR B 37 -26.79 -16.60 12.33
N ASP B 38 -26.64 -17.48 13.31
CA ASP B 38 -27.79 -18.07 14.02
C ASP B 38 -28.40 -17.06 15.01
N ARG B 39 -29.68 -16.75 14.84
CA ARG B 39 -30.38 -15.78 15.70
C ARG B 39 -30.17 -15.96 17.21
N VAL B 40 -30.04 -17.21 17.66
CA VAL B 40 -29.87 -17.54 19.09
C VAL B 40 -28.41 -17.42 19.53
N THR B 41 -27.50 -18.05 18.81
CA THR B 41 -26.09 -18.13 19.23
C THR B 41 -25.25 -16.94 18.76
N GLY B 42 -25.69 -16.28 17.68
CA GLY B 42 -24.88 -15.23 17.05
C GLY B 42 -23.66 -15.74 16.32
N LYS B 43 -23.43 -17.06 16.36
CA LYS B 43 -22.39 -17.72 15.57
C LYS B 43 -22.76 -17.81 14.09
N MET B 44 -21.77 -17.62 13.23
CA MET B 44 -21.99 -17.74 11.81
C MET B 44 -22.16 -19.22 11.44
N VAL B 45 -23.25 -19.51 10.71
CA VAL B 45 -23.56 -20.83 10.18
C VAL B 45 -22.45 -21.35 9.24
N ASP B 46 -22.16 -22.66 9.27
CA ASP B 46 -21.17 -23.27 8.35
C ASP B 46 -21.75 -23.54 6.96
N GLY B 47 -20.95 -23.32 5.92
CA GLY B 47 -21.38 -23.60 4.56
C GLY B 47 -21.76 -22.35 3.78
N ASP B 48 -21.11 -22.15 2.65
CA ASP B 48 -21.36 -20.99 1.80
C ASP B 48 -22.85 -20.76 1.56
N GLU B 49 -23.49 -21.76 0.96
CA GLU B 49 -24.91 -21.70 0.63
C GLU B 49 -25.77 -21.59 1.88
N ALA B 50 -25.55 -22.46 2.86
CA ALA B 50 -26.30 -22.33 4.09
C ALA B 50 -26.18 -20.91 4.64
N ARG B 51 -25.00 -20.30 4.57
CA ARG B 51 -24.82 -18.97 5.15
C ARG B 51 -25.57 -17.89 4.41
N ILE B 52 -25.54 -17.95 3.10
CA ILE B 52 -26.18 -16.95 2.30
C ILE B 52 -27.70 -17.13 2.38
N ARG B 53 -28.12 -18.38 2.57
CA ARG B 53 -29.51 -18.67 2.90
C ARG B 53 -29.83 -18.01 4.25
N ARG B 54 -29.03 -18.29 5.27
CA ARG B 54 -29.27 -17.70 6.56
C ARG B 54 -29.36 -16.15 6.55
N MET B 55 -28.46 -15.50 5.82
CA MET B 55 -28.41 -14.07 5.74
C MET B 55 -29.77 -13.61 5.23
N PHE B 56 -30.21 -14.18 4.12
CA PHE B 56 -31.50 -13.83 3.57
C PHE B 56 -32.63 -14.03 4.57
N ASP B 57 -32.57 -15.17 5.29
CA ASP B 57 -33.64 -15.55 6.18
C ASP B 57 -33.77 -14.58 7.37
N ASN B 58 -32.62 -14.08 7.85
CA ASN B 58 -32.59 -13.09 8.90
C ASN B 58 -33.16 -11.74 8.47
N MET B 59 -32.75 -11.29 7.28
CA MET B 59 -33.35 -10.09 6.67
C MET B 59 -34.88 -10.20 6.59
N LEU B 60 -35.42 -11.32 6.12
CA LEU B 60 -36.89 -11.39 5.99
C LEU B 60 -37.59 -11.55 7.32
N ALA B 61 -36.99 -12.31 8.23
CA ALA B 61 -37.55 -12.40 9.58
C ALA B 61 -37.70 -10.98 10.15
N ALA B 62 -36.64 -10.18 10.11
CA ALA B 62 -36.75 -8.79 10.55
C ALA B 62 -37.84 -8.02 9.77
N ALA B 63 -37.81 -8.11 8.46
CA ALA B 63 -38.82 -7.43 7.66
C ALA B 63 -40.24 -7.88 8.03
N GLU B 64 -40.46 -9.14 8.36
CA GLU B 64 -41.80 -9.60 8.76
C GLU B 64 -42.23 -9.02 10.12
N ALA B 65 -41.28 -8.98 11.05
CA ALA B 65 -41.54 -8.38 12.34
C ALA B 65 -42.11 -6.99 12.19
N ALA B 66 -42.04 -6.45 10.96
CA ALA B 66 -42.50 -5.11 10.69
C ALA B 66 -43.60 -5.08 9.64
N GLY B 67 -44.09 -6.23 9.23
CA GLY B 67 -45.23 -6.27 8.34
C GLY B 67 -44.90 -6.31 6.86
N ALA B 68 -43.66 -6.72 6.54
CA ALA B 68 -43.21 -6.77 5.16
C ALA B 68 -42.73 -8.16 4.77
N THR B 69 -43.03 -8.50 3.52
CA THR B 69 -42.73 -9.82 3.01
C THR B 69 -41.69 -9.68 1.91
N LYS B 70 -41.21 -10.80 1.40
CA LYS B 70 -40.23 -10.76 0.32
C LYS B 70 -40.81 -10.06 -0.90
N ALA B 71 -42.13 -10.13 -1.08
CA ALA B 71 -42.78 -9.48 -2.23
C ALA B 71 -42.82 -7.95 -2.06
N ASP B 72 -42.34 -7.48 -0.92
CA ASP B 72 -42.28 -6.05 -0.64
C ASP B 72 -40.92 -5.42 -0.86
N ALA B 73 -39.94 -6.22 -1.26
CA ALA B 73 -38.57 -5.74 -1.43
C ALA B 73 -38.42 -4.71 -2.55
N VAL B 74 -38.08 -3.48 -2.20
CA VAL B 74 -37.78 -2.49 -3.24
C VAL B 74 -36.29 -2.30 -3.52
N ARG B 75 -35.40 -2.79 -2.67
CA ARG B 75 -33.99 -2.79 -3.06
C ARG B 75 -33.17 -3.73 -2.20
N LEU B 76 -32.35 -4.56 -2.82
CA LEU B 76 -31.37 -5.33 -2.10
C LEU B 76 -30.01 -4.89 -2.58
N THR B 77 -29.13 -4.59 -1.62
CA THR B 77 -27.74 -4.30 -1.91
C THR B 77 -26.96 -5.36 -1.19
N VAL B 78 -26.24 -6.19 -1.94
CA VAL B 78 -25.53 -7.33 -1.38
C VAL B 78 -24.03 -7.11 -1.47
N PHE B 79 -23.36 -7.15 -0.34
CA PHE B 79 -21.92 -6.94 -0.27
C PHE B 79 -21.24 -8.27 -0.03
N VAL B 80 -20.43 -8.69 -0.98
CA VAL B 80 -19.75 -9.97 -0.86
C VAL B 80 -18.26 -9.82 -0.99
N THR B 81 -17.55 -10.81 -0.47
CA THR B 81 -16.09 -10.88 -0.41
C THR B 81 -15.42 -11.33 -1.72
N ASP B 82 -16.21 -11.91 -2.64
CA ASP B 82 -15.72 -12.52 -3.89
C ASP B 82 -16.91 -12.62 -4.85
N VAL B 83 -17.06 -11.65 -5.76
CA VAL B 83 -18.24 -11.66 -6.64
C VAL B 83 -18.30 -12.90 -7.49
N ALA B 84 -17.13 -13.32 -7.98
CA ALA B 84 -17.06 -14.45 -8.90
C ALA B 84 -17.53 -15.73 -8.21
N LYS B 85 -17.04 -16.02 -7.01
CA LYS B 85 -17.44 -17.22 -6.31
C LYS B 85 -18.87 -17.12 -5.71
N TYR B 86 -19.35 -15.92 -5.41
CA TYR B 86 -20.65 -15.83 -4.71
C TYR B 86 -21.90 -15.28 -5.45
N ARG B 87 -21.76 -14.53 -6.55
CA ARG B 87 -22.96 -14.12 -7.36
C ARG B 87 -23.82 -15.38 -7.57
N PRO B 88 -23.20 -16.52 -7.98
CA PRO B 88 -24.02 -17.68 -8.30
C PRO B 88 -24.73 -18.22 -7.09
N VAL B 89 -24.04 -18.32 -5.97
CA VAL B 89 -24.67 -18.78 -4.75
C VAL B 89 -25.90 -17.93 -4.41
N VAL B 90 -25.76 -16.60 -4.54
CA VAL B 90 -26.84 -15.66 -4.28
C VAL B 90 -27.99 -15.88 -5.26
N ASN B 91 -27.67 -16.12 -6.52
CA ASN B 91 -28.71 -16.42 -7.53
C ASN B 91 -29.47 -17.68 -7.15
N LYS B 92 -28.75 -18.70 -6.71
CA LYS B 92 -29.37 -19.94 -6.31
C LYS B 92 -30.30 -19.70 -5.12
N VAL B 93 -29.79 -19.02 -4.10
CA VAL B 93 -30.55 -18.80 -2.88
C VAL B 93 -31.79 -17.99 -3.23
N GLN B 94 -31.63 -17.04 -4.13
CA GLN B 94 -32.75 -16.19 -4.53
C GLN B 94 -33.81 -16.99 -5.32
N LYS B 95 -33.37 -18.03 -6.02
CA LYS B 95 -34.28 -18.96 -6.72
C LYS B 95 -35.12 -19.71 -5.71
N ASP B 96 -34.42 -20.33 -4.75
CA ASP B 96 -35.04 -21.09 -3.69
C ASP B 96 -36.08 -20.28 -2.92
N ILE B 97 -35.85 -18.98 -2.78
CA ILE B 97 -36.75 -18.15 -1.98
C ILE B 97 -37.86 -17.55 -2.84
N TRP B 98 -37.45 -16.98 -3.97
CA TRP B 98 -38.40 -16.23 -4.75
C TRP B 98 -39.07 -17.04 -5.87
N GLY B 99 -38.62 -18.29 -6.06
CA GLY B 99 -39.21 -19.15 -7.09
C GLY B 99 -39.06 -18.53 -8.46
N ASP B 100 -40.13 -18.44 -9.24
CA ASP B 100 -39.95 -17.75 -10.52
C ASP B 100 -39.97 -16.22 -10.41
N GLY B 101 -40.17 -15.69 -9.21
CA GLY B 101 -40.13 -14.26 -9.03
C GLY B 101 -41.46 -13.74 -8.52
N PRO B 102 -41.81 -12.49 -8.86
CA PRO B 102 -40.91 -11.54 -9.52
C PRO B 102 -39.80 -11.13 -8.57
N TYR B 103 -38.63 -10.85 -9.12
CA TYR B 103 -37.49 -10.60 -8.28
C TYR B 103 -37.32 -9.13 -7.97
N PRO B 104 -36.81 -8.79 -6.78
CA PRO B 104 -36.56 -7.38 -6.46
C PRO B 104 -35.37 -6.77 -7.21
N PRO B 105 -35.36 -5.43 -7.36
CA PRO B 105 -34.15 -4.74 -7.82
C PRO B 105 -33.01 -4.98 -6.84
N ARG B 106 -31.84 -5.31 -7.37
CA ARG B 106 -30.68 -5.56 -6.56
C ARG B 106 -29.35 -5.03 -7.12
N THR B 107 -28.33 -5.09 -6.28
CA THR B 107 -26.97 -4.83 -6.73
C THR B 107 -26.01 -5.69 -5.91
N VAL B 108 -24.95 -6.19 -6.55
CA VAL B 108 -24.00 -7.11 -5.91
C VAL B 108 -22.59 -6.57 -6.06
N LEU B 109 -21.90 -6.41 -4.94
CA LEU B 109 -20.64 -5.68 -4.90
C LEU B 109 -19.59 -6.48 -4.21
N GLN B 110 -18.37 -6.45 -4.74
CA GLN B 110 -17.28 -6.99 -3.99
C GLN B 110 -16.75 -5.89 -3.06
N VAL B 111 -16.11 -6.31 -1.98
CA VAL B 111 -15.79 -5.43 -0.91
C VAL B 111 -14.69 -6.20 -0.15
N PRO B 112 -13.59 -5.52 0.27
CA PRO B 112 -12.43 -6.25 0.80
C PRO B 112 -12.68 -6.98 2.12
N ALA B 113 -13.61 -6.49 2.94
CA ALA B 113 -13.92 -7.15 4.20
C ALA B 113 -15.25 -6.67 4.79
N LEU B 114 -15.88 -7.57 5.54
CA LEU B 114 -17.09 -7.26 6.29
C LEU B 114 -16.73 -7.54 7.72
N ASP B 115 -17.55 -7.09 8.66
CA ASP B 115 -17.18 -7.29 10.05
C ASP B 115 -17.27 -8.79 10.39
N GLN B 116 -16.47 -9.20 11.39
CA GLN B 116 -16.48 -10.57 11.90
C GLN B 116 -15.82 -11.52 10.89
N GLY B 117 -15.34 -10.94 9.78
CA GLY B 117 -14.69 -11.68 8.70
C GLY B 117 -15.63 -12.46 7.78
N ASP B 118 -16.94 -12.19 7.88
CA ASP B 118 -17.91 -12.86 7.04
C ASP B 118 -17.70 -12.60 5.54
N ILE B 119 -18.27 -13.49 4.71
CA ILE B 119 -18.21 -13.48 3.24
C ILE B 119 -19.31 -12.65 2.53
N ALA B 120 -20.42 -12.40 3.23
CA ALA B 120 -21.55 -11.71 2.62
C ALA B 120 -22.40 -10.97 3.63
N GLU B 121 -23.07 -9.94 3.17
CA GLU B 121 -23.94 -9.12 4.01
C GLU B 121 -24.93 -8.37 3.15
N ILE B 122 -26.16 -8.19 3.64
CA ILE B 122 -27.24 -7.64 2.79
C ILE B 122 -28.04 -6.48 3.44
N ASP B 123 -28.49 -5.56 2.60
CA ASP B 123 -29.25 -4.39 3.01
C ASP B 123 -30.61 -4.41 2.33
N GLY B 124 -31.68 -4.69 3.04
CA GLY B 124 -32.96 -4.71 2.37
C GLY B 124 -33.77 -3.47 2.71
N THR B 125 -34.34 -2.85 1.68
CA THR B 125 -35.35 -1.83 1.87
C THR B 125 -36.69 -2.36 1.33
N PHE B 126 -37.75 -2.06 2.07
CA PHE B 126 -39.07 -2.63 1.83
C PHE B 126 -40.18 -1.59 1.80
N TYR B 127 -41.23 -1.90 1.05
CA TYR B 127 -42.41 -1.06 0.91
C TYR B 127 -43.63 -1.91 1.19
N ALA B 128 -44.37 -1.53 2.21
CA ALA B 128 -45.42 -2.37 2.73
C ALA B 128 -46.49 -1.50 3.39
N PRO B 129 -47.26 -0.76 2.58
CA PRO B 129 -48.28 0.08 3.19
C PRO B 129 -49.25 -0.79 3.99
N ALA B 130 -49.63 -0.29 5.17
CA ALA B 130 -50.61 -0.97 6.06
C ALA B 130 -52.07 -0.63 5.69
N SER C 2 -49.42 -1.18 -3.16
CA SER C 2 -48.24 -2.07 -3.39
C SER C 2 -47.21 -1.48 -4.34
N LEU C 3 -46.02 -2.08 -4.30
CA LEU C 3 -44.99 -1.77 -5.27
C LEU C 3 -45.46 -2.32 -6.62
N LYS C 4 -44.94 -1.73 -7.70
CA LYS C 4 -45.06 -2.28 -9.05
C LYS C 4 -43.69 -2.41 -9.68
N ILE C 5 -43.23 -3.65 -9.92
CA ILE C 5 -42.02 -3.86 -10.69
C ILE C 5 -42.14 -3.18 -12.03
N ILE C 6 -41.10 -2.41 -12.40
CA ILE C 6 -40.96 -1.75 -13.70
C ILE C 6 -40.68 -2.79 -14.77
N ALA C 7 -41.60 -2.88 -15.73
CA ALA C 7 -41.50 -3.88 -16.80
C ALA C 7 -40.64 -3.34 -17.93
N PRO C 8 -39.75 -4.18 -18.47
CA PRO C 8 -38.85 -3.89 -19.60
C PRO C 8 -39.47 -3.14 -20.80
N THR C 9 -38.62 -2.49 -21.58
CA THR C 9 -39.05 -1.53 -22.61
C THR C 9 -38.04 -1.52 -23.76
N ASP C 10 -38.46 -0.95 -24.89
CA ASP C 10 -37.56 -0.73 -26.03
C ASP C 10 -36.52 0.34 -25.70
N LYS C 11 -36.83 1.24 -24.77
CA LYS C 11 -35.83 2.17 -24.21
C LYS C 11 -34.99 1.55 -23.10
N THR C 12 -35.45 0.43 -22.55
CA THR C 12 -34.91 -0.12 -21.31
C THR C 12 -33.99 -1.35 -21.46
N ILE C 13 -33.20 -1.62 -20.42
CA ILE C 13 -32.43 -2.86 -20.29
C ILE C 13 -33.38 -4.05 -20.09
N THR C 14 -32.98 -5.23 -20.55
CA THR C 14 -33.76 -6.45 -20.27
C THR C 14 -33.06 -7.35 -19.22
N PRO C 15 -33.76 -7.60 -18.09
CA PRO C 15 -33.26 -8.43 -16.97
C PRO C 15 -32.93 -9.85 -17.38
N SER C 16 -31.69 -10.26 -17.13
CA SER C 16 -31.16 -11.58 -17.53
C SER C 16 -30.96 -12.57 -16.38
N GLY C 17 -31.63 -12.35 -15.25
CA GLY C 17 -31.42 -13.22 -14.08
C GLY C 17 -32.32 -12.85 -12.92
N THR C 18 -31.94 -13.28 -11.71
CA THR C 18 -32.79 -13.11 -10.53
C THR C 18 -32.91 -11.67 -10.03
N TRP C 19 -33.43 -10.78 -10.86
CA TRP C 19 -33.64 -9.38 -10.50
C TRP C 19 -34.58 -8.66 -11.46
N SER C 20 -34.95 -7.44 -11.08
CA SER C 20 -35.72 -6.52 -11.89
C SER C 20 -34.94 -5.25 -12.13
N ILE C 21 -35.44 -4.40 -13.03
CA ILE C 21 -34.71 -3.19 -13.34
C ILE C 21 -34.91 -2.19 -12.18
N GLY C 22 -36.08 -2.26 -11.57
CA GLY C 22 -36.41 -1.37 -10.47
C GLY C 22 -37.88 -1.48 -10.13
N ALA C 23 -38.33 -0.64 -9.21
CA ALA C 23 -39.70 -0.73 -8.79
C ALA C 23 -40.23 0.64 -8.42
N ARG C 24 -41.51 0.88 -8.66
CA ARG C 24 -42.18 2.06 -8.12
C ARG C 24 -42.82 1.68 -6.77
N ALA C 25 -42.65 2.51 -5.76
CA ALA C 25 -43.21 2.23 -4.46
C ALA C 25 -43.82 3.52 -3.95
N GLY C 26 -45.14 3.65 -4.08
CA GLY C 26 -45.80 4.92 -3.79
C GLY C 26 -45.21 6.02 -4.66
N ASP C 27 -44.57 6.99 -4.02
CA ASP C 27 -44.08 8.20 -4.72
C ASP C 27 -42.65 8.04 -5.19
N PHE C 28 -42.04 6.92 -4.84
CA PHE C 28 -40.62 6.74 -5.07
C PHE C 28 -40.38 5.71 -6.11
N VAL C 29 -39.17 5.71 -6.63
CA VAL C 29 -38.75 4.82 -7.70
C VAL C 29 -37.37 4.34 -7.32
N PHE C 30 -37.18 3.03 -7.30
CA PHE C 30 -35.91 2.44 -6.90
C PHE C 30 -35.32 1.69 -8.06
N ILE C 31 -34.32 2.26 -8.70
CA ILE C 31 -33.63 1.56 -9.75
C ILE C 31 -32.50 0.69 -9.20
N GLY C 32 -32.51 -0.59 -9.57
CA GLY C 32 -31.43 -1.49 -9.21
C GLY C 32 -30.16 -1.11 -9.93
N GLY C 33 -29.09 -1.85 -9.66
CA GLY C 33 -27.76 -1.57 -10.18
C GLY C 33 -27.72 -1.51 -11.69
N MET C 34 -27.05 -0.48 -12.23
CA MET C 34 -26.88 -0.36 -13.69
C MET C 34 -25.40 -0.31 -14.04
N HIS C 35 -25.02 -1.07 -15.07
CA HIS C 35 -23.68 -1.00 -15.69
C HIS C 35 -23.80 -0.21 -17.01
N GLY C 36 -22.68 0.19 -17.61
CA GLY C 36 -22.75 0.89 -18.90
C GLY C 36 -22.91 -0.01 -20.14
N THR C 37 -24.00 -0.77 -20.19
CA THR C 37 -24.13 -1.80 -21.21
C THR C 37 -25.18 -1.41 -22.24
N ASP C 38 -25.15 -2.11 -23.38
CA ASP C 38 -26.18 -1.92 -24.41
C ASP C 38 -27.44 -2.67 -24.00
N ARG C 39 -28.57 -1.96 -24.04
CA ARG C 39 -29.88 -2.57 -23.78
C ARG C 39 -30.16 -3.75 -24.70
N VAL C 40 -29.76 -3.63 -25.97
CA VAL C 40 -30.03 -4.65 -26.98
C VAL C 40 -29.01 -5.82 -27.05
N THR C 41 -27.76 -5.62 -26.64
CA THR C 41 -26.77 -6.72 -26.74
C THR C 41 -26.30 -7.31 -25.41
N GLY C 42 -26.25 -6.47 -24.38
CA GLY C 42 -25.65 -6.86 -23.12
C GLY C 42 -24.14 -6.74 -23.11
N LYS C 43 -23.58 -6.28 -24.21
CA LYS C 43 -22.14 -5.97 -24.26
C LYS C 43 -21.90 -4.66 -23.54
N MET C 44 -20.78 -4.59 -22.82
CA MET C 44 -20.32 -3.34 -22.23
C MET C 44 -19.82 -2.43 -23.35
N VAL C 45 -20.52 -1.32 -23.56
CA VAL C 45 -20.12 -0.24 -24.47
C VAL C 45 -18.65 0.18 -24.28
N ASP C 46 -18.00 0.49 -25.40
CA ASP C 46 -16.55 0.74 -25.43
C ASP C 46 -16.09 2.14 -25.02
N GLY C 47 -15.00 2.19 -24.25
CA GLY C 47 -14.38 3.45 -23.86
C GLY C 47 -14.99 4.09 -22.63
N ASP C 48 -14.12 4.51 -21.71
CA ASP C 48 -14.48 5.13 -20.43
C ASP C 48 -15.61 6.17 -20.50
N GLU C 49 -15.37 7.34 -21.07
CA GLU C 49 -16.39 8.36 -21.05
C GLU C 49 -17.73 7.79 -21.50
N ALA C 50 -17.76 7.09 -22.62
CA ALA C 50 -19.04 6.63 -23.19
C ALA C 50 -19.75 5.64 -22.27
N ARG C 51 -18.94 4.81 -21.58
CA ARG C 51 -19.43 3.73 -20.73
C ARG C 51 -20.17 4.30 -19.53
N ILE C 52 -19.47 5.20 -18.84
CA ILE C 52 -20.07 5.90 -17.73
C ILE C 52 -21.32 6.73 -18.13
N ARG C 53 -21.39 7.18 -19.38
CA ARG C 53 -22.59 7.89 -19.84
C ARG C 53 -23.71 6.90 -20.15
N ARG C 54 -23.33 5.68 -20.54
CA ARG C 54 -24.32 4.67 -20.83
C ARG C 54 -25.03 4.27 -19.55
N MET C 55 -24.21 3.99 -18.54
CA MET C 55 -24.65 3.75 -17.16
C MET C 55 -25.72 4.76 -16.79
N PHE C 56 -25.43 6.04 -16.82
CA PHE C 56 -26.45 7.00 -16.40
C PHE C 56 -27.69 6.89 -17.28
N ASP C 57 -27.47 6.77 -18.59
CA ASP C 57 -28.56 6.78 -19.58
C ASP C 57 -29.49 5.59 -19.40
N ASN C 58 -28.88 4.44 -19.08
CA ASN C 58 -29.60 3.25 -18.67
C ASN C 58 -30.46 3.51 -17.45
N MET C 59 -29.80 3.85 -16.34
CA MET C 59 -30.48 4.22 -15.09
C MET C 59 -31.62 5.18 -15.35
N LEU C 60 -31.38 6.18 -16.20
CA LEU C 60 -32.39 7.23 -16.39
C LEU C 60 -33.57 6.81 -17.29
N ALA C 61 -33.34 5.86 -18.19
CA ALA C 61 -34.41 5.31 -19.01
C ALA C 61 -35.33 4.53 -18.11
N ALA C 62 -34.72 3.71 -17.24
CA ALA C 62 -35.47 2.87 -16.31
C ALA C 62 -36.30 3.78 -15.40
N ALA C 63 -35.70 4.85 -14.89
CA ALA C 63 -36.43 5.80 -14.08
C ALA C 63 -37.59 6.40 -14.85
N GLU C 64 -37.35 6.62 -16.14
CA GLU C 64 -38.30 7.25 -17.05
C GLU C 64 -39.49 6.30 -17.29
N ALA C 65 -39.19 5.01 -17.35
CA ALA C 65 -40.23 4.02 -17.55
C ALA C 65 -41.26 4.06 -16.42
N ALA C 66 -40.85 4.61 -15.27
CA ALA C 66 -41.73 4.74 -14.12
C ALA C 66 -42.15 6.18 -13.87
N GLY C 67 -41.86 7.07 -14.81
CA GLY C 67 -42.33 8.44 -14.73
C GLY C 67 -41.45 9.30 -13.85
N ALA C 68 -40.15 8.96 -13.77
CA ALA C 68 -39.13 9.78 -13.09
C ALA C 68 -38.06 10.40 -14.03
N THR C 69 -37.79 11.69 -13.84
CA THR C 69 -36.82 12.43 -14.66
C THR C 69 -35.55 12.59 -13.85
N LYS C 70 -34.47 13.02 -14.49
CA LYS C 70 -33.20 13.22 -13.77
C LYS C 70 -33.34 14.24 -12.65
N ALA C 71 -34.25 15.19 -12.81
CA ALA C 71 -34.57 16.17 -11.75
C ALA C 71 -35.18 15.55 -10.45
N ASP C 72 -35.46 14.25 -10.49
CA ASP C 72 -36.12 13.55 -9.40
C ASP C 72 -35.19 12.70 -8.54
N ALA C 73 -33.91 12.63 -8.89
CA ALA C 73 -32.99 11.82 -8.12
C ALA C 73 -32.79 12.35 -6.70
N VAL C 74 -33.08 11.51 -5.71
CA VAL C 74 -32.80 11.85 -4.33
C VAL C 74 -31.54 11.18 -3.81
N ARG C 75 -31.04 10.14 -4.48
CA ARG C 75 -29.76 9.55 -4.08
C ARG C 75 -29.06 8.90 -5.25
N LEU C 76 -27.77 9.14 -5.40
CA LEU C 76 -26.97 8.35 -6.32
C LEU C 76 -25.84 7.72 -5.58
N THR C 77 -25.70 6.42 -5.71
CA THR C 77 -24.55 5.75 -5.16
C THR C 77 -23.80 5.16 -6.35
N VAL C 78 -22.56 5.59 -6.52
CA VAL C 78 -21.77 5.22 -7.68
C VAL C 78 -20.57 4.47 -7.18
N PHE C 79 -20.42 3.23 -7.63
CA PHE C 79 -19.30 2.40 -7.24
C PHE C 79 -18.37 2.37 -8.43
N VAL C 80 -17.09 2.60 -8.21
CA VAL C 80 -16.15 2.49 -9.31
C VAL C 80 -14.97 1.64 -8.89
N THR C 81 -14.17 1.27 -9.88
CA THR C 81 -13.12 0.28 -9.70
C THR C 81 -11.79 0.98 -9.41
N ASP C 82 -11.76 2.30 -9.73
CA ASP C 82 -10.63 3.22 -9.52
C ASP C 82 -11.18 4.64 -9.31
N VAL C 83 -11.16 5.14 -8.08
CA VAL C 83 -11.84 6.42 -7.79
C VAL C 83 -11.10 7.63 -8.38
N ALA C 84 -9.78 7.65 -8.16
CA ALA C 84 -8.89 8.68 -8.73
C ALA C 84 -9.02 8.82 -10.25
N LYS C 85 -9.15 7.68 -10.94
CA LYS C 85 -9.29 7.73 -12.37
C LYS C 85 -10.74 8.09 -12.81
N TYR C 86 -11.77 7.59 -12.12
CA TYR C 86 -13.14 7.78 -12.63
C TYR C 86 -14.04 8.90 -12.05
N ARG C 87 -13.76 9.42 -10.85
CA ARG C 87 -14.66 10.49 -10.42
C ARG C 87 -14.66 11.66 -11.42
N PRO C 88 -13.47 12.03 -11.96
CA PRO C 88 -13.46 13.06 -13.01
C PRO C 88 -14.41 12.74 -14.15
N VAL C 89 -14.40 11.50 -14.62
CA VAL C 89 -15.31 11.09 -15.68
C VAL C 89 -16.77 11.22 -15.22
N VAL C 90 -17.06 10.69 -14.03
CA VAL C 90 -18.41 10.82 -13.45
C VAL C 90 -18.80 12.32 -13.34
N ASN C 91 -17.99 13.10 -12.61
CA ASN C 91 -18.19 14.55 -12.48
C ASN C 91 -18.55 15.20 -13.81
N LYS C 92 -17.83 14.81 -14.87
CA LYS C 92 -17.98 15.31 -16.22
C LYS C 92 -19.27 14.88 -16.90
N VAL C 93 -19.58 13.57 -16.85
CA VAL C 93 -20.87 13.07 -17.31
C VAL C 93 -22.03 13.76 -16.56
N GLN C 94 -21.85 14.06 -15.27
CA GLN C 94 -22.92 14.71 -14.53
C GLN C 94 -23.22 16.12 -14.98
N LYS C 95 -22.18 16.83 -15.41
CA LYS C 95 -22.32 18.21 -15.91
C LYS C 95 -23.09 18.21 -17.22
N ASP C 96 -22.76 17.26 -18.10
CA ASP C 96 -23.48 17.07 -19.36
C ASP C 96 -24.98 16.90 -19.10
N ILE C 97 -25.33 16.12 -18.08
CA ILE C 97 -26.73 15.74 -17.84
C ILE C 97 -27.51 16.77 -17.02
N TRP C 98 -26.89 17.27 -15.96
CA TRP C 98 -27.55 18.20 -15.01
C TRP C 98 -27.20 19.70 -15.21
N GLY C 99 -26.30 19.99 -16.15
CA GLY C 99 -25.88 21.37 -16.39
C GLY C 99 -25.19 22.00 -15.20
N ASP C 100 -25.51 23.25 -14.92
CA ASP C 100 -24.91 23.99 -13.79
C ASP C 100 -25.62 23.68 -12.46
N GLY C 101 -26.85 23.19 -12.57
CA GLY C 101 -27.61 22.86 -11.38
C GLY C 101 -29.11 22.82 -11.58
N PRO C 102 -29.82 22.20 -10.61
CA PRO C 102 -29.18 21.59 -9.44
C PRO C 102 -28.81 20.12 -9.62
N TYR C 103 -28.07 19.60 -8.64
CA TYR C 103 -27.58 18.23 -8.66
C TYR C 103 -28.10 17.37 -7.50
N PRO C 104 -28.26 16.06 -7.72
CA PRO C 104 -28.74 15.23 -6.64
C PRO C 104 -27.66 14.96 -5.59
N PRO C 105 -28.07 14.55 -4.38
CA PRO C 105 -27.09 14.03 -3.45
C PRO C 105 -26.38 12.80 -4.04
N ARG C 106 -25.14 12.58 -3.65
CA ARG C 106 -24.39 11.43 -4.16
C ARG C 106 -23.30 10.96 -3.23
N THR C 107 -22.80 9.77 -3.52
CA THR C 107 -21.64 9.28 -2.84
C THR C 107 -20.92 8.42 -3.86
N VAL C 108 -19.60 8.55 -3.91
CA VAL C 108 -18.77 7.89 -4.92
C VAL C 108 -17.69 7.10 -4.22
N LEU C 109 -17.71 5.79 -4.38
CA LEU C 109 -16.77 4.93 -3.67
C LEU C 109 -15.98 4.03 -4.59
N GLN C 110 -14.86 3.54 -4.08
CA GLN C 110 -14.07 2.55 -4.79
C GLN C 110 -14.33 1.14 -4.29
N VAL C 111 -14.49 0.23 -5.23
CA VAL C 111 -14.83 -1.14 -4.89
C VAL C 111 -13.86 -2.00 -5.70
N PRO C 112 -13.38 -3.13 -5.16
CA PRO C 112 -12.35 -3.85 -5.92
C PRO C 112 -12.86 -4.60 -7.15
N ALA C 113 -14.15 -4.93 -7.20
CA ALA C 113 -14.75 -5.58 -8.38
C ALA C 113 -16.24 -5.35 -8.51
N LEU C 114 -16.71 -5.32 -9.75
CA LEU C 114 -18.16 -5.35 -10.02
C LEU C 114 -18.53 -6.59 -10.88
N ASP C 115 -19.82 -6.86 -11.06
CA ASP C 115 -20.16 -8.02 -11.89
C ASP C 115 -19.56 -7.85 -13.30
N GLN C 116 -18.99 -8.96 -13.79
CA GLN C 116 -18.41 -9.08 -15.13
C GLN C 116 -17.28 -8.05 -15.42
N GLY C 117 -16.46 -7.82 -14.38
CA GLY C 117 -15.22 -7.02 -14.45
C GLY C 117 -15.37 -5.58 -14.94
N ASP C 118 -16.54 -4.97 -14.72
CA ASP C 118 -16.85 -3.59 -15.16
C ASP C 118 -16.10 -2.56 -14.31
N ILE C 119 -16.05 -1.32 -14.81
CA ILE C 119 -15.41 -0.18 -14.13
C ILE C 119 -16.33 0.66 -13.21
N ALA C 120 -17.64 0.57 -13.38
CA ALA C 120 -18.56 1.46 -12.68
C ALA C 120 -19.96 0.92 -12.63
N GLU C 121 -20.64 1.18 -11.50
CA GLU C 121 -22.03 0.77 -11.28
C GLU C 121 -22.77 1.82 -10.48
N ILE C 122 -24.00 2.11 -10.87
CA ILE C 122 -24.78 3.13 -10.18
C ILE C 122 -26.08 2.60 -9.53
N ASP C 123 -26.45 3.15 -8.37
CA ASP C 123 -27.76 2.90 -7.72
C ASP C 123 -28.51 4.19 -7.59
N GLY C 124 -29.69 4.29 -8.18
CA GLY C 124 -30.42 5.54 -8.16
C GLY C 124 -31.71 5.40 -7.44
N THR C 125 -32.10 6.43 -6.72
CA THR C 125 -33.38 6.45 -6.05
C THR C 125 -34.04 7.77 -6.39
N PHE C 126 -35.35 7.74 -6.65
CA PHE C 126 -36.01 8.89 -7.22
C PHE C 126 -37.29 9.19 -6.53
N TYR C 127 -37.72 10.43 -6.63
CA TYR C 127 -38.98 10.85 -6.07
C TYR C 127 -39.85 11.54 -7.12
N ALA C 128 -41.05 10.98 -7.36
CA ALA C 128 -42.10 11.57 -8.20
C ALA C 128 -43.24 12.19 -7.36
N SER D 2 35.20 8.99 19.29
CA SER D 2 33.78 8.53 19.28
C SER D 2 32.87 9.37 18.38
N LEU D 3 31.78 8.75 17.95
CA LEU D 3 30.78 9.49 17.22
C LEU D 3 30.11 10.47 18.17
N LYS D 4 29.68 11.62 17.64
CA LYS D 4 28.78 12.51 18.35
C LYS D 4 27.54 12.61 17.50
N ILE D 5 26.40 12.25 18.09
CA ILE D 5 25.08 12.43 17.49
C ILE D 5 24.78 13.93 17.30
N ILE D 6 24.25 14.30 16.13
CA ILE D 6 23.87 15.70 15.93
C ILE D 6 22.67 16.08 16.81
N ALA D 7 22.92 17.04 17.69
CA ALA D 7 21.88 17.62 18.53
C ALA D 7 20.95 18.48 17.67
N PRO D 8 19.63 18.30 17.83
CA PRO D 8 18.61 19.15 17.20
C PRO D 8 18.85 20.64 17.42
N THR D 9 18.33 21.44 16.51
CA THR D 9 18.69 22.84 16.44
C THR D 9 17.51 23.57 15.86
N ASP D 10 17.44 24.88 16.07
CA ASP D 10 16.28 25.64 15.60
C ASP D 10 16.23 25.72 14.08
N LYS D 11 17.26 25.19 13.41
CA LYS D 11 17.25 25.12 11.95
C LYS D 11 16.90 23.73 11.45
N THR D 12 16.71 22.83 12.39
CA THR D 12 16.69 21.42 12.13
C THR D 12 15.34 20.76 12.39
N ILE D 13 15.11 19.62 11.74
CA ILE D 13 14.07 18.65 12.08
C ILE D 13 14.27 18.23 13.53
N THR D 14 13.18 18.04 14.30
CA THR D 14 13.30 17.50 15.68
C THR D 14 12.86 16.03 15.76
N PRO D 15 13.81 15.10 16.03
CA PRO D 15 13.44 13.69 16.08
C PRO D 15 12.28 13.41 17.04
N SER D 16 11.51 12.37 16.74
CA SER D 16 10.24 12.05 17.42
C SER D 16 10.05 10.53 17.40
N GLY D 17 11.10 9.79 17.78
CA GLY D 17 11.08 8.34 17.63
C GLY D 17 12.44 7.76 17.89
N THR D 18 12.62 6.52 17.48
CA THR D 18 13.87 5.78 17.76
C THR D 18 14.97 6.06 16.73
N TRP D 19 15.23 7.35 16.50
CA TRP D 19 16.22 7.80 15.53
C TRP D 19 16.82 9.16 15.88
N SER D 20 17.94 9.45 15.24
CA SER D 20 18.63 10.72 15.38
C SER D 20 18.69 11.41 14.02
N ILE D 21 18.85 12.73 14.00
CA ILE D 21 18.95 13.39 12.68
C ILE D 21 20.25 13.06 11.92
N GLY D 22 21.32 12.78 12.67
CA GLY D 22 22.55 12.37 12.03
C GLY D 22 23.67 12.23 13.02
N ALA D 23 24.84 11.81 12.52
CA ALA D 23 25.99 11.55 13.35
C ALA D 23 27.26 12.09 12.72
N ARG D 24 28.11 12.71 13.55
CA ARG D 24 29.47 13.02 13.15
C ARG D 24 30.40 11.91 13.61
N ALA D 25 31.12 11.31 12.68
CA ALA D 25 32.04 10.22 12.97
C ALA D 25 33.40 10.60 12.39
N GLY D 26 34.30 11.06 13.27
CA GLY D 26 35.62 11.55 12.87
C GLY D 26 35.45 12.67 11.85
N ASP D 27 35.92 12.43 10.63
CA ASP D 27 35.79 13.44 9.57
C ASP D 27 34.46 13.36 8.80
N PHE D 28 33.68 12.30 9.00
CA PHE D 28 32.40 12.15 8.25
C PHE D 28 31.13 12.61 8.96
N VAL D 29 30.12 12.96 8.18
CA VAL D 29 28.80 13.29 8.70
C VAL D 29 27.79 12.40 7.97
N PHE D 30 27.05 11.59 8.71
CA PHE D 30 26.05 10.76 8.12
C PHE D 30 24.71 11.33 8.54
N ILE D 31 23.87 11.72 7.58
CA ILE D 31 22.50 12.18 7.92
C ILE D 31 21.47 11.08 7.68
N GLY D 32 20.52 10.95 8.61
CA GLY D 32 19.42 9.98 8.45
C GLY D 32 18.48 10.44 7.34
N GLY D 33 17.61 9.53 6.86
CA GLY D 33 16.60 9.85 5.83
C GLY D 33 15.89 11.14 6.12
N MET D 34 15.58 11.93 5.11
CA MET D 34 14.93 13.23 5.30
C MET D 34 13.89 13.41 4.23
N HIS D 35 12.81 14.11 4.55
CA HIS D 35 11.80 14.43 3.54
C HIS D 35 11.26 15.83 3.69
N GLY D 36 10.30 16.17 2.84
CA GLY D 36 9.87 17.55 2.72
C GLY D 36 8.98 17.99 3.85
N THR D 37 9.36 17.68 5.10
CA THR D 37 8.52 18.10 6.22
C THR D 37 8.87 19.52 6.66
N ASP D 38 7.92 20.20 7.30
CA ASP D 38 8.21 21.46 7.93
C ASP D 38 8.73 21.13 9.32
N ARG D 39 9.81 21.76 9.74
CA ARG D 39 10.40 21.45 11.04
C ARG D 39 9.49 21.73 12.27
N VAL D 40 8.62 22.75 12.20
CA VAL D 40 7.70 23.13 13.31
C VAL D 40 6.57 22.12 13.48
N THR D 41 5.75 22.06 12.42
CA THR D 41 4.62 21.18 12.26
C THR D 41 5.02 19.72 12.46
N GLY D 42 6.00 19.27 11.67
CA GLY D 42 6.33 17.85 11.48
C GLY D 42 5.59 17.26 10.29
N LYS D 43 4.78 18.09 9.64
CA LYS D 43 3.95 17.67 8.52
C LYS D 43 4.59 17.99 7.20
N MET D 44 4.28 17.17 6.20
CA MET D 44 4.75 17.35 4.84
C MET D 44 4.19 18.63 4.26
N VAL D 45 4.74 19.04 3.13
CA VAL D 45 4.58 20.37 2.61
C VAL D 45 3.91 20.26 1.25
N ASP D 46 3.10 21.25 0.89
CA ASP D 46 2.33 21.10 -0.32
C ASP D 46 3.13 21.51 -1.54
N GLY D 47 2.96 20.74 -2.62
CA GLY D 47 3.68 20.95 -3.88
C GLY D 47 4.73 19.88 -4.08
N ASP D 48 4.72 19.22 -5.23
CA ASP D 48 5.78 18.27 -5.57
C ASP D 48 7.20 18.90 -5.49
N GLU D 49 7.44 19.98 -6.23
CA GLU D 49 8.74 20.69 -6.20
C GLU D 49 9.14 21.30 -4.83
N ALA D 50 8.28 22.15 -4.25
CA ALA D 50 8.41 22.61 -2.85
C ALA D 50 8.85 21.48 -1.92
N ARG D 51 8.19 20.33 -2.05
CA ARG D 51 8.45 19.19 -1.20
C ARG D 51 9.88 18.67 -1.39
N ILE D 52 10.35 18.64 -2.64
CA ILE D 52 11.68 18.10 -2.91
C ILE D 52 12.75 19.09 -2.50
N ARG D 53 12.46 20.37 -2.64
CA ARG D 53 13.39 21.40 -2.18
C ARG D 53 13.58 21.34 -0.66
N ARG D 54 12.46 21.13 0.03
CA ARG D 54 12.43 21.14 1.49
C ARG D 54 13.19 19.96 2.02
N MET D 55 13.09 18.86 1.31
CA MET D 55 13.82 17.67 1.60
C MET D 55 15.34 18.02 1.59
N PHE D 56 15.80 18.59 0.48
CA PHE D 56 17.18 19.02 0.40
C PHE D 56 17.55 20.00 1.52
N ASP D 57 16.72 21.03 1.70
CA ASP D 57 16.90 22.03 2.71
C ASP D 57 17.03 21.44 4.12
N ASN D 58 16.19 20.45 4.47
CA ASN D 58 16.30 19.78 5.77
C ASN D 58 17.64 19.05 5.92
N MET D 59 18.02 18.24 4.93
CA MET D 59 19.26 17.48 4.96
C MET D 59 20.45 18.46 5.15
N LEU D 60 20.48 19.52 4.37
CA LEU D 60 21.59 20.44 4.41
C LEU D 60 21.68 21.19 5.77
N ALA D 61 20.52 21.64 6.27
CA ALA D 61 20.40 22.15 7.63
C ALA D 61 20.99 21.19 8.70
N ALA D 62 20.60 19.91 8.67
CA ALA D 62 21.22 18.91 9.55
C ALA D 62 22.73 18.80 9.32
N ALA D 63 23.17 18.79 8.06
CA ALA D 63 24.61 18.88 7.75
C ALA D 63 25.32 20.11 8.33
N GLU D 64 24.79 21.31 8.13
CA GLU D 64 25.39 22.54 8.70
C GLU D 64 25.57 22.38 10.22
N ALA D 65 24.59 21.75 10.87
CA ALA D 65 24.59 21.67 12.30
C ALA D 65 25.80 20.88 12.77
N ALA D 66 26.33 20.07 11.85
CA ALA D 66 27.46 19.22 12.18
C ALA D 66 28.70 19.76 11.48
N GLY D 67 28.56 20.91 10.82
CA GLY D 67 29.70 21.62 10.20
C GLY D 67 30.04 21.18 8.80
N ALA D 68 29.03 20.75 8.03
CA ALA D 68 29.20 20.24 6.69
C ALA D 68 28.34 21.07 5.75
N THR D 69 28.90 21.45 4.62
CA THR D 69 28.23 22.28 3.65
C THR D 69 27.82 21.39 2.48
N LYS D 70 27.04 21.94 1.54
CA LYS D 70 26.62 21.21 0.35
C LYS D 70 27.80 20.72 -0.48
N ALA D 71 28.91 21.43 -0.40
CA ALA D 71 30.14 21.05 -1.13
C ALA D 71 30.86 19.86 -0.50
N ASP D 72 30.37 19.40 0.65
CA ASP D 72 31.01 18.29 1.36
C ASP D 72 30.37 16.94 1.09
N ALA D 73 29.27 16.90 0.34
CA ALA D 73 28.50 15.66 0.08
C ALA D 73 29.29 14.61 -0.70
N VAL D 74 29.46 13.42 -0.14
CA VAL D 74 30.11 12.32 -0.87
C VAL D 74 29.16 11.27 -1.48
N ARG D 75 27.91 11.27 -1.02
CA ARG D 75 26.90 10.38 -1.59
C ARG D 75 25.52 10.86 -1.21
N LEU D 76 24.62 10.93 -2.20
CA LEU D 76 23.20 11.14 -2.00
C LEU D 76 22.46 9.97 -2.60
N THR D 77 21.70 9.27 -1.77
CA THR D 77 20.85 8.24 -2.29
C THR D 77 19.44 8.79 -2.20
N VAL D 78 18.73 8.86 -3.32
CA VAL D 78 17.43 9.48 -3.37
C VAL D 78 16.37 8.44 -3.69
N PHE D 79 15.40 8.28 -2.79
CA PHE D 79 14.29 7.37 -3.04
C PHE D 79 13.04 8.12 -3.38
N VAL D 80 12.46 7.77 -4.51
CA VAL D 80 11.26 8.43 -4.96
C VAL D 80 10.20 7.40 -5.32
N THR D 81 8.99 7.89 -5.42
CA THR D 81 7.79 7.09 -5.52
C THR D 81 7.42 6.75 -6.96
N ASP D 82 8.00 7.51 -7.88
CA ASP D 82 7.79 7.48 -9.35
C ASP D 82 9.03 8.16 -9.97
N VAL D 83 9.99 7.39 -10.44
CA VAL D 83 11.26 7.96 -10.85
C VAL D 83 11.15 8.74 -12.17
N ALA D 84 10.31 8.27 -13.07
CA ALA D 84 10.05 8.96 -14.33
C ALA D 84 9.52 10.41 -14.11
N LYS D 85 8.71 10.58 -13.07
CA LYS D 85 7.99 11.83 -12.84
C LYS D 85 8.80 12.81 -11.99
N TYR D 86 9.56 12.27 -11.04
CA TYR D 86 10.23 13.05 -10.04
C TYR D 86 11.71 13.18 -10.22
N ARG D 87 12.34 12.33 -11.02
CA ARG D 87 13.78 12.50 -11.25
C ARG D 87 14.09 13.85 -11.93
N PRO D 88 13.26 14.31 -12.90
CA PRO D 88 13.57 15.63 -13.44
C PRO D 88 13.37 16.73 -12.41
N VAL D 89 12.35 16.60 -11.56
CA VAL D 89 12.12 17.60 -10.53
C VAL D 89 13.34 17.64 -9.60
N VAL D 90 13.91 16.47 -9.30
CA VAL D 90 15.13 16.36 -8.49
C VAL D 90 16.31 17.05 -9.18
N ASN D 91 16.47 16.85 -10.48
CA ASN D 91 17.54 17.52 -11.23
C ASN D 91 17.42 19.05 -11.13
N LYS D 92 16.22 19.52 -11.43
CA LYS D 92 15.85 20.90 -11.34
C LYS D 92 16.20 21.47 -9.96
N VAL D 93 15.79 20.81 -8.89
CA VAL D 93 16.10 21.34 -7.57
C VAL D 93 17.59 21.34 -7.29
N GLN D 94 18.29 20.34 -7.79
CA GLN D 94 19.72 20.30 -7.58
C GLN D 94 20.40 21.41 -8.38
N LYS D 95 19.80 21.81 -9.50
CA LYS D 95 20.36 22.94 -10.26
C LYS D 95 20.19 24.21 -9.46
N ASP D 96 19.02 24.36 -8.84
CA ASP D 96 18.73 25.52 -8.02
C ASP D 96 19.78 25.69 -6.90
N ILE D 97 20.26 24.55 -6.37
CA ILE D 97 21.11 24.52 -5.18
C ILE D 97 22.62 24.54 -5.50
N TRP D 98 23.07 23.61 -6.33
CA TRP D 98 24.48 23.48 -6.68
C TRP D 98 24.87 24.24 -7.93
N GLY D 99 23.93 24.97 -8.51
CA GLY D 99 24.18 25.68 -9.75
C GLY D 99 24.65 24.72 -10.82
N ASP D 100 25.84 25.00 -11.37
CA ASP D 100 26.33 24.33 -12.55
C ASP D 100 27.32 23.21 -12.19
N GLY D 101 27.44 22.93 -10.90
CA GLY D 101 28.43 21.95 -10.45
C GLY D 101 29.50 22.47 -9.47
N PRO D 102 30.44 21.58 -9.06
CA PRO D 102 30.36 20.14 -9.38
C PRO D 102 29.22 19.53 -8.55
N TYR D 103 28.81 18.31 -8.85
CA TYR D 103 27.69 17.68 -8.16
C TYR D 103 28.13 16.46 -7.37
N PRO D 104 27.44 16.19 -6.24
CA PRO D 104 27.61 15.01 -5.43
C PRO D 104 27.38 13.72 -6.22
N PRO D 105 28.14 12.67 -5.91
CA PRO D 105 27.78 11.36 -6.48
C PRO D 105 26.39 10.99 -5.97
N ARG D 106 25.55 10.43 -6.83
CA ARG D 106 24.14 10.33 -6.56
C ARG D 106 23.57 9.02 -7.07
N THR D 107 22.46 8.57 -6.50
CA THR D 107 21.70 7.47 -7.10
C THR D 107 20.21 7.66 -6.83
N VAL D 108 19.38 7.41 -7.83
CA VAL D 108 17.94 7.72 -7.71
C VAL D 108 17.14 6.46 -7.94
N LEU D 109 16.43 5.99 -6.92
CA LEU D 109 15.66 4.76 -6.99
C LEU D 109 14.18 4.97 -6.82
N GLN D 110 13.41 4.17 -7.55
CA GLN D 110 12.00 4.11 -7.29
C GLN D 110 11.71 3.14 -6.14
N VAL D 111 10.73 3.47 -5.31
CA VAL D 111 10.43 2.71 -4.11
C VAL D 111 8.91 2.78 -3.91
N PRO D 112 8.27 1.66 -3.52
CA PRO D 112 6.79 1.66 -3.55
C PRO D 112 6.16 2.60 -2.52
N ALA D 113 6.87 2.88 -1.44
CA ALA D 113 6.33 3.66 -0.32
C ALA D 113 7.41 4.17 0.60
N LEU D 114 7.17 5.33 1.22
CA LEU D 114 8.12 5.97 2.14
C LEU D 114 7.51 6.29 3.51
N ASP D 115 8.37 6.82 4.39
CA ASP D 115 7.96 7.58 5.59
C ASP D 115 6.71 8.47 5.23
N GLN D 116 5.53 8.10 5.76
CA GLN D 116 4.31 8.94 5.68
C GLN D 116 3.52 8.98 4.34
N GLY D 117 3.85 8.13 3.36
CA GLY D 117 3.20 8.21 2.04
C GLY D 117 3.72 9.38 1.22
N ASP D 118 4.82 9.96 1.68
CA ASP D 118 5.58 10.97 0.97
C ASP D 118 6.05 10.46 -0.42
N ILE D 119 6.62 11.36 -1.21
CA ILE D 119 7.02 11.06 -2.58
C ILE D 119 8.54 11.05 -2.80
N ALA D 120 9.29 11.56 -1.84
CA ALA D 120 10.74 11.51 -1.92
C ALA D 120 11.36 11.54 -0.55
N GLU D 121 12.40 10.73 -0.40
CA GLU D 121 13.25 10.71 0.80
C GLU D 121 14.73 10.63 0.37
N ILE D 122 15.64 11.21 1.15
CA ILE D 122 17.07 11.27 0.78
C ILE D 122 18.04 10.94 1.93
N ASP D 123 19.06 10.11 1.64
CA ASP D 123 20.21 9.85 2.53
C ASP D 123 21.42 10.60 2.04
N GLY D 124 22.00 11.42 2.90
CA GLY D 124 23.19 12.18 2.54
C GLY D 124 24.32 11.86 3.49
N THR D 125 25.51 11.71 2.90
CA THR D 125 26.73 11.43 3.65
C THR D 125 27.74 12.48 3.25
N PHE D 126 28.40 13.11 4.22
CA PHE D 126 29.32 14.21 3.93
C PHE D 126 30.71 13.95 4.47
N TYR D 127 31.69 14.60 3.86
CA TYR D 127 33.09 14.56 4.35
C TYR D 127 33.51 15.98 4.72
N ALA D 128 33.67 16.25 6.00
CA ALA D 128 34.03 17.62 6.38
C ALA D 128 35.12 17.71 7.45
N PRO D 129 36.39 17.46 7.09
CA PRO D 129 37.37 17.43 8.18
C PRO D 129 37.60 18.81 8.83
N ALA D 130 37.91 18.82 10.12
CA ALA D 130 38.50 20.03 10.77
C ALA D 130 39.82 19.76 11.54
N SER E 2 39.90 18.19 2.32
CA SER E 2 38.47 18.14 1.89
C SER E 2 38.32 17.26 0.63
N LEU E 3 37.08 16.94 0.23
CA LEU E 3 36.86 15.89 -0.78
C LEU E 3 37.42 16.25 -2.15
N LYS E 4 37.55 15.24 -3.02
CA LYS E 4 38.08 15.42 -4.38
C LYS E 4 37.18 14.66 -5.32
N ILE E 5 36.49 15.38 -6.21
CA ILE E 5 35.56 14.74 -7.17
C ILE E 5 36.34 14.05 -8.28
N ILE E 6 36.05 12.78 -8.57
CA ILE E 6 36.78 12.02 -9.60
C ILE E 6 36.49 12.55 -11.00
N ALA E 7 37.46 13.23 -11.61
CA ALA E 7 37.37 13.70 -13.00
C ALA E 7 37.20 12.55 -14.01
N PRO E 8 36.33 12.75 -15.03
CA PRO E 8 36.16 11.79 -16.14
C PRO E 8 37.47 11.43 -16.87
N THR E 9 37.46 10.29 -17.56
CA THR E 9 38.65 9.60 -18.03
C THR E 9 38.28 8.73 -19.23
N ASP E 10 39.26 8.45 -20.08
CA ASP E 10 39.03 7.58 -21.24
C ASP E 10 38.41 6.22 -20.87
N LYS E 11 38.59 5.80 -19.61
CA LYS E 11 38.06 4.52 -19.09
C LYS E 11 36.70 4.66 -18.37
N THR E 12 36.16 5.87 -18.34
CA THR E 12 35.12 6.26 -17.40
C THR E 12 33.84 6.76 -18.07
N ILE E 13 32.74 6.66 -17.34
CA ILE E 13 31.46 7.18 -17.79
C ILE E 13 31.58 8.73 -17.77
N THR E 14 30.71 9.47 -18.48
CA THR E 14 30.85 10.95 -18.52
C THR E 14 29.65 11.66 -17.91
N PRO E 15 29.83 12.30 -16.75
CA PRO E 15 28.67 12.91 -16.10
C PRO E 15 27.94 13.88 -17.02
N SER E 16 26.62 13.71 -17.11
CA SER E 16 25.75 14.48 -17.99
C SER E 16 24.66 15.30 -17.23
N GLY E 17 24.42 15.01 -15.97
CA GLY E 17 23.38 15.71 -15.26
C GLY E 17 23.91 16.29 -13.99
N THR E 18 23.03 16.37 -13.00
CA THR E 18 23.39 16.94 -11.73
C THR E 18 23.90 15.78 -10.90
N TRP E 19 25.07 15.29 -11.28
CA TRP E 19 25.78 14.22 -10.54
C TRP E 19 27.22 14.13 -11.00
N SER E 20 28.03 13.41 -10.26
CA SER E 20 29.37 13.12 -10.71
C SER E 20 29.59 11.67 -10.47
N ILE E 21 30.70 11.12 -10.95
CA ILE E 21 30.84 9.65 -10.94
C ILE E 21 31.14 9.13 -9.56
N GLY E 22 31.91 9.90 -8.80
CA GLY E 22 32.32 9.49 -7.48
C GLY E 22 33.22 10.53 -6.84
N ALA E 23 33.58 10.28 -5.58
CA ALA E 23 34.46 11.18 -4.84
C ALA E 23 35.48 10.43 -4.02
N ARG E 24 36.58 11.11 -3.78
CA ARG E 24 37.62 10.66 -2.89
C ARG E 24 37.46 11.50 -1.65
N ALA E 25 37.32 10.83 -0.52
CA ALA E 25 37.22 11.51 0.76
C ALA E 25 38.19 10.82 1.68
N GLY E 26 39.22 11.56 2.11
CA GLY E 26 40.33 10.98 2.88
C GLY E 26 40.72 9.62 2.33
N ASP E 27 40.64 8.58 3.13
CA ASP E 27 40.99 7.26 2.62
C ASP E 27 39.89 6.52 1.83
N PHE E 28 38.70 7.12 1.69
CA PHE E 28 37.58 6.40 1.13
C PHE E 28 37.24 6.88 -0.24
N VAL E 29 36.49 6.08 -0.98
CA VAL E 29 36.10 6.42 -2.32
C VAL E 29 34.65 5.99 -2.49
N PHE E 30 33.80 6.95 -2.87
CA PHE E 30 32.36 6.75 -2.94
C PHE E 30 31.98 6.92 -4.38
N ILE E 31 31.59 5.84 -5.04
CA ILE E 31 31.20 5.86 -6.43
C ILE E 31 29.70 5.96 -6.53
N GLY E 32 29.24 6.89 -7.35
CA GLY E 32 27.81 7.10 -7.58
C GLY E 32 27.12 5.92 -8.20
N GLY E 33 25.87 6.08 -8.55
CA GLY E 33 25.08 4.95 -9.00
C GLY E 33 25.50 4.60 -10.40
N MET E 34 25.84 3.34 -10.63
CA MET E 34 26.30 2.88 -11.93
C MET E 34 25.30 1.96 -12.62
N HIS E 35 25.12 2.13 -13.92
CA HIS E 35 24.30 1.25 -14.76
C HIS E 35 25.19 0.54 -15.79
N GLY E 36 24.69 -0.52 -16.41
CA GLY E 36 25.43 -1.12 -17.52
C GLY E 36 25.31 -0.36 -18.84
N THR E 37 25.98 0.79 -18.95
CA THR E 37 25.87 1.59 -20.17
C THR E 37 27.21 1.69 -20.84
N ASP E 38 27.20 2.00 -22.13
CA ASP E 38 28.45 2.21 -22.86
C ASP E 38 29.00 3.65 -22.68
N ARG E 39 30.23 3.74 -22.21
CA ARG E 39 30.79 5.04 -21.89
C ARG E 39 30.83 5.99 -23.09
N VAL E 40 30.99 5.43 -24.29
CA VAL E 40 31.15 6.22 -25.50
C VAL E 40 29.79 6.73 -25.95
N THR E 41 28.84 5.78 -26.09
CA THR E 41 27.59 6.03 -26.79
C THR E 41 26.45 6.33 -25.84
N GLY E 42 26.66 6.09 -24.55
CA GLY E 42 25.66 6.39 -23.52
C GLY E 42 24.44 5.46 -23.55
N LYS E 43 24.39 4.55 -24.54
CA LYS E 43 23.35 3.50 -24.59
C LYS E 43 23.58 2.40 -23.53
N MET E 44 22.51 1.71 -23.15
CA MET E 44 22.62 0.51 -22.33
C MET E 44 23.11 -0.66 -23.21
N VAL E 45 23.98 -1.51 -22.68
CA VAL E 45 24.40 -2.72 -23.40
C VAL E 45 23.25 -3.74 -23.49
N ASP E 46 23.28 -4.61 -24.49
CA ASP E 46 22.17 -5.56 -24.69
C ASP E 46 22.36 -6.92 -24.01
N GLY E 47 21.28 -7.43 -23.43
CA GLY E 47 21.28 -8.74 -22.81
C GLY E 47 21.66 -8.69 -21.33
N ASP E 48 20.84 -9.35 -20.52
CA ASP E 48 20.96 -9.41 -19.05
C ASP E 48 22.39 -9.52 -18.50
N GLU E 49 23.13 -10.55 -18.90
CA GLU E 49 24.43 -10.82 -18.33
C GLU E 49 25.49 -9.75 -18.68
N ALA E 50 25.54 -9.34 -19.94
CA ALA E 50 26.50 -8.32 -20.38
C ALA E 50 26.22 -7.01 -19.69
N ARG E 51 24.92 -6.71 -19.54
CA ARG E 51 24.50 -5.48 -18.89
C ARG E 51 24.97 -5.40 -17.44
N ILE E 52 24.83 -6.49 -16.69
CA ILE E 52 25.28 -6.49 -15.31
C ILE E 52 26.81 -6.47 -15.24
N ARG E 53 27.47 -7.09 -16.19
CA ARG E 53 28.93 -7.00 -16.23
C ARG E 53 29.41 -5.58 -16.54
N ARG E 54 28.75 -4.89 -17.46
CA ARG E 54 29.14 -3.54 -17.78
C ARG E 54 29.02 -2.65 -16.54
N MET E 55 27.89 -2.80 -15.85
CA MET E 55 27.65 -2.14 -14.58
C MET E 55 28.86 -2.25 -13.63
N PHE E 56 29.28 -3.46 -13.34
CA PHE E 56 30.43 -3.64 -12.46
C PHE E 56 31.72 -3.03 -13.01
N ASP E 57 31.87 -3.11 -14.33
CA ASP E 57 33.08 -2.66 -15.01
C ASP E 57 33.16 -1.13 -14.94
N ASN E 58 32.03 -0.50 -15.24
CA ASN E 58 31.84 0.94 -15.06
C ASN E 58 32.13 1.38 -13.62
N MET E 59 31.53 0.68 -12.65
CA MET E 59 31.83 0.97 -11.24
C MET E 59 33.34 0.87 -10.95
N LEU E 60 33.95 -0.22 -11.40
CA LEU E 60 35.35 -0.49 -11.10
C LEU E 60 36.27 0.48 -11.81
N ALA E 61 35.87 0.91 -13.01
CA ALA E 61 36.62 1.91 -13.79
C ALA E 61 36.64 3.21 -13.05
N ALA E 62 35.46 3.69 -12.61
CA ALA E 62 35.43 4.89 -11.83
C ALA E 62 36.29 4.77 -10.59
N ALA E 63 36.20 3.61 -9.92
CA ALA E 63 36.96 3.36 -8.73
C ALA E 63 38.47 3.37 -9.01
N GLU E 64 38.86 2.76 -10.12
CA GLU E 64 40.27 2.65 -10.45
C GLU E 64 40.85 4.05 -10.71
N ALA E 65 40.04 4.92 -11.30
CA ALA E 65 40.45 6.30 -11.56
C ALA E 65 40.79 7.03 -10.29
N ALA E 66 40.29 6.58 -9.14
CA ALA E 66 40.66 7.20 -7.87
C ALA E 66 41.65 6.37 -7.04
N GLY E 67 42.20 5.33 -7.67
CA GLY E 67 43.23 4.52 -7.04
C GLY E 67 42.67 3.40 -6.17
N ALA E 68 41.48 2.93 -6.52
CA ALA E 68 40.80 1.92 -5.73
C ALA E 68 40.50 0.67 -6.56
N THR E 69 40.82 -0.48 -5.99
CA THR E 69 40.65 -1.74 -6.71
C THR E 69 39.40 -2.45 -6.19
N LYS E 70 39.01 -3.54 -6.86
CA LYS E 70 37.96 -4.43 -6.36
C LYS E 70 38.26 -4.99 -4.95
N ALA E 71 39.55 -5.15 -4.64
CA ALA E 71 39.96 -5.66 -3.34
C ALA E 71 39.57 -4.71 -2.23
N ASP E 72 39.26 -3.47 -2.62
CA ASP E 72 39.09 -2.37 -1.70
C ASP E 72 37.61 -2.06 -1.40
N ALA E 73 36.68 -2.86 -1.94
CA ALA E 73 35.25 -2.59 -1.73
C ALA E 73 34.78 -2.89 -0.30
N VAL E 74 34.32 -1.88 0.42
CA VAL E 74 33.81 -2.10 1.78
C VAL E 74 32.30 -2.33 1.82
N ARG E 75 31.60 -1.98 0.74
CA ARG E 75 30.14 -2.16 0.68
C ARG E 75 29.67 -1.98 -0.74
N LEU E 76 28.73 -2.84 -1.13
CA LEU E 76 28.10 -2.77 -2.43
C LEU E 76 26.61 -2.89 -2.24
N THR E 77 25.86 -2.01 -2.88
CA THR E 77 24.42 -2.09 -2.76
C THR E 77 23.86 -2.23 -4.12
N VAL E 78 23.28 -3.38 -4.40
CA VAL E 78 22.76 -3.64 -5.73
C VAL E 78 21.25 -3.53 -5.78
N PHE E 79 20.73 -2.64 -6.60
CA PHE E 79 19.28 -2.55 -6.78
C PHE E 79 18.94 -3.20 -8.10
N VAL E 80 17.95 -4.10 -8.12
CA VAL E 80 17.49 -4.70 -9.38
C VAL E 80 15.99 -4.65 -9.56
N THR E 81 15.57 -4.80 -10.80
CA THR E 81 14.15 -4.86 -11.17
C THR E 81 13.41 -6.13 -10.76
N ASP E 82 14.17 -7.23 -10.59
CA ASP E 82 13.65 -8.60 -10.35
C ASP E 82 14.71 -9.50 -9.67
N VAL E 83 14.58 -9.69 -8.36
CA VAL E 83 15.63 -10.35 -7.57
C VAL E 83 15.78 -11.87 -7.77
N ALA E 84 14.66 -12.57 -7.97
CA ALA E 84 14.74 -14.00 -8.32
C ALA E 84 15.48 -14.23 -9.66
N LYS E 85 15.28 -13.35 -10.63
CA LYS E 85 15.87 -13.52 -11.94
C LYS E 85 17.32 -13.02 -12.03
N TYR E 86 17.62 -11.89 -11.39
CA TYR E 86 18.91 -11.26 -11.62
C TYR E 86 19.92 -11.49 -10.53
N ARG E 87 19.49 -11.92 -9.35
CA ARG E 87 20.47 -12.25 -8.30
C ARG E 87 21.48 -13.32 -8.75
N PRO E 88 21.01 -14.44 -9.35
CA PRO E 88 22.02 -15.39 -9.77
C PRO E 88 22.96 -14.84 -10.87
N VAL E 89 22.47 -13.87 -11.63
CA VAL E 89 23.28 -13.23 -12.69
C VAL E 89 24.36 -12.38 -12.04
N VAL E 90 23.96 -11.60 -11.04
CA VAL E 90 24.91 -10.83 -10.24
C VAL E 90 25.95 -11.76 -9.62
N ASN E 91 25.48 -12.87 -9.07
CA ASN E 91 26.38 -13.89 -8.49
C ASN E 91 27.44 -14.34 -9.48
N LYS E 92 27.01 -14.71 -10.69
CA LYS E 92 27.92 -15.13 -11.72
C LYS E 92 28.93 -14.02 -11.99
N VAL E 93 28.42 -12.84 -12.35
CA VAL E 93 29.33 -11.76 -12.75
C VAL E 93 30.42 -11.56 -11.70
N GLN E 94 30.08 -11.61 -10.41
CA GLN E 94 31.04 -11.38 -9.34
C GLN E 94 32.12 -12.46 -9.23
N LYS E 95 31.73 -13.70 -9.58
CA LYS E 95 32.63 -14.86 -9.65
C LYS E 95 33.74 -14.63 -10.65
N ASP E 96 33.33 -14.11 -11.82
CA ASP E 96 34.22 -13.78 -12.92
C ASP E 96 35.21 -12.69 -12.50
N ILE E 97 34.76 -11.76 -11.66
CA ILE E 97 35.56 -10.59 -11.29
C ILE E 97 36.47 -10.78 -10.08
N TRP E 98 35.89 -11.16 -8.94
CA TRP E 98 36.68 -11.37 -7.72
C TRP E 98 37.31 -12.76 -7.66
N GLY E 99 36.85 -13.64 -8.56
CA GLY E 99 37.38 -14.98 -8.70
C GLY E 99 36.83 -15.87 -7.60
N ASP E 100 37.72 -16.32 -6.74
CA ASP E 100 37.26 -16.94 -5.53
C ASP E 100 37.59 -16.06 -4.33
N GLY E 101 37.25 -14.78 -4.47
CA GLY E 101 37.27 -13.84 -3.36
C GLY E 101 38.65 -13.56 -2.80
N PRO E 102 38.72 -13.09 -1.54
CA PRO E 102 37.58 -12.75 -0.67
C PRO E 102 36.59 -11.75 -1.30
N TYR E 103 35.30 -11.86 -0.99
CA TYR E 103 34.27 -10.98 -1.57
C TYR E 103 33.96 -9.78 -0.70
N PRO E 104 33.33 -8.74 -1.30
CA PRO E 104 32.90 -7.63 -0.45
C PRO E 104 31.49 -7.83 0.13
N PRO E 105 31.23 -7.20 1.29
CA PRO E 105 29.92 -7.16 1.90
C PRO E 105 28.98 -6.56 0.89
N ARG E 106 27.99 -7.32 0.43
CA ARG E 106 27.02 -6.73 -0.44
C ARG E 106 25.69 -6.79 0.23
N THR E 107 24.68 -6.32 -0.51
CA THR E 107 23.31 -6.30 -0.10
C THR E 107 22.57 -6.13 -1.44
N VAL E 108 21.55 -6.95 -1.69
CA VAL E 108 20.91 -7.01 -3.01
C VAL E 108 19.40 -6.94 -2.87
N LEU E 109 18.77 -5.99 -3.55
CA LEU E 109 17.34 -5.66 -3.33
C LEU E 109 16.59 -5.48 -4.61
N GLN E 110 15.30 -5.77 -4.54
CA GLN E 110 14.42 -5.49 -5.64
C GLN E 110 13.76 -4.14 -5.43
N VAL E 111 13.53 -3.48 -6.54
CA VAL E 111 13.05 -2.15 -6.53
C VAL E 111 12.17 -2.08 -7.76
N PRO E 112 11.08 -1.33 -7.73
CA PRO E 112 10.16 -1.41 -8.87
C PRO E 112 10.72 -0.88 -10.18
N ALA E 113 11.52 0.18 -10.11
CA ALA E 113 12.07 0.83 -11.33
C ALA E 113 13.36 1.60 -11.09
N LEU E 114 14.13 1.75 -12.15
CA LEU E 114 15.37 2.50 -12.19
C LEU E 114 15.32 3.45 -13.38
N ASP E 115 16.13 4.49 -13.41
CA ASP E 115 16.06 5.43 -14.54
C ASP E 115 16.23 4.69 -15.88
N GLN E 116 15.72 5.30 -16.95
CA GLN E 116 15.82 4.80 -18.33
C GLN E 116 15.14 3.42 -18.46
N GLY E 117 14.48 2.98 -17.39
CA GLY E 117 13.91 1.63 -17.28
C GLY E 117 14.93 0.49 -17.20
N ASP E 118 16.10 0.75 -16.60
CA ASP E 118 17.16 -0.27 -16.48
C ASP E 118 16.74 -1.42 -15.55
N ILE E 119 17.53 -2.49 -15.49
CA ILE E 119 17.19 -3.61 -14.65
C ILE E 119 18.10 -3.72 -13.44
N ALA E 120 19.27 -3.10 -13.49
CA ALA E 120 20.17 -3.10 -12.33
C ALA E 120 20.95 -1.79 -12.14
N GLU E 121 21.16 -1.43 -10.88
CA GLU E 121 22.05 -0.35 -10.51
C GLU E 121 22.81 -0.74 -9.24
N ILE E 122 24.02 -0.21 -9.07
CA ILE E 122 24.89 -0.60 -7.97
C ILE E 122 25.63 0.62 -7.38
N ASP E 123 25.72 0.70 -6.05
CA ASP E 123 26.55 1.71 -5.39
C ASP E 123 27.73 1.02 -4.75
N GLY E 124 28.93 1.47 -5.05
CA GLY E 124 30.10 0.92 -4.41
C GLY E 124 30.73 1.95 -3.49
N THR E 125 31.36 1.47 -2.44
CA THR E 125 32.08 2.31 -1.50
C THR E 125 33.39 1.58 -1.22
N PHE E 126 34.47 2.32 -1.17
CA PHE E 126 35.78 1.71 -1.22
C PHE E 126 36.69 2.31 -0.17
N TYR E 127 37.66 1.53 0.29
CA TYR E 127 38.67 2.00 1.22
C TYR E 127 40.01 1.74 0.56
N ALA E 128 40.72 2.82 0.24
CA ALA E 128 42.00 2.72 -0.44
C ALA E 128 42.91 3.82 0.05
N PRO E 129 43.58 3.60 1.20
CA PRO E 129 44.52 4.61 1.73
C PRO E 129 45.78 4.79 0.84
N ALA E 130 46.32 6.01 0.81
CA ALA E 130 47.53 6.34 0.01
C ALA E 130 48.80 5.55 0.42
N SER F 2 45.12 -1.21 4.67
CA SER F 2 44.02 -1.82 3.87
C SER F 2 42.85 -2.29 4.72
N LEU F 3 41.78 -2.72 4.05
CA LEU F 3 40.58 -3.16 4.75
C LEU F 3 40.82 -4.55 5.31
N LYS F 4 40.10 -4.89 6.38
CA LYS F 4 40.13 -6.22 6.93
C LYS F 4 38.72 -6.79 6.93
N ILE F 5 38.50 -7.83 6.14
CA ILE F 5 37.26 -8.58 6.19
C ILE F 5 37.01 -9.17 7.59
N ILE F 6 35.74 -9.22 8.01
CA ILE F 6 35.39 -9.81 9.30
C ILE F 6 35.28 -11.34 9.23
N ALA F 7 36.28 -12.02 9.80
CA ALA F 7 36.25 -13.48 9.90
C ALA F 7 35.03 -13.93 10.72
N PRO F 8 34.24 -14.89 10.21
CA PRO F 8 33.07 -15.39 10.95
C PRO F 8 33.38 -15.86 12.38
N THR F 9 32.36 -15.93 13.21
CA THR F 9 32.58 -16.15 14.63
C THR F 9 31.51 -17.11 15.18
N ASP F 10 31.79 -17.62 16.37
CA ASP F 10 30.85 -18.46 17.11
C ASP F 10 29.56 -17.69 17.38
N LYS F 11 29.65 -16.35 17.40
CA LYS F 11 28.49 -15.47 17.59
C LYS F 11 27.93 -14.93 16.27
N THR F 12 28.67 -15.16 15.18
CA THR F 12 28.36 -14.54 13.89
C THR F 12 27.72 -15.53 12.91
N ILE F 13 27.19 -15.00 11.81
CA ILE F 13 26.69 -15.77 10.67
C ILE F 13 27.84 -16.32 9.83
N THR F 14 27.51 -17.14 8.84
CA THR F 14 28.51 -17.82 8.03
C THR F 14 28.20 -17.58 6.57
N PRO F 15 29.06 -16.79 5.88
CA PRO F 15 28.94 -16.49 4.44
C PRO F 15 28.72 -17.75 3.61
N SER F 16 27.76 -17.70 2.70
CA SER F 16 27.48 -18.82 1.82
C SER F 16 27.22 -18.27 0.42
N GLY F 17 28.32 -17.93 -0.25
CA GLY F 17 28.28 -17.39 -1.61
C GLY F 17 29.12 -16.15 -1.82
N THR F 18 28.88 -15.47 -2.93
CA THR F 18 29.72 -14.34 -3.41
C THR F 18 29.66 -13.04 -2.59
N TRP F 19 29.81 -13.18 -1.28
CA TRP F 19 29.83 -12.06 -0.33
C TRP F 19 30.47 -12.41 0.98
N SER F 20 30.64 -11.38 1.79
CA SER F 20 31.32 -11.41 3.06
C SER F 20 30.36 -10.82 4.12
N ILE F 21 30.64 -10.99 5.41
CA ILE F 21 29.71 -10.43 6.37
C ILE F 21 29.94 -8.97 6.58
N GLY F 22 31.19 -8.55 6.48
CA GLY F 22 31.50 -7.17 6.76
C GLY F 22 32.97 -6.88 6.69
N ALA F 23 33.31 -5.61 6.88
CA ALA F 23 34.68 -5.21 6.74
C ALA F 23 35.01 -4.16 7.78
N ARG F 24 36.22 -4.23 8.32
CA ARG F 24 36.84 -3.10 9.02
C ARG F 24 37.68 -2.31 8.02
N ALA F 25 37.38 -1.01 7.92
CA ALA F 25 38.15 -0.09 7.12
C ALA F 25 38.51 1.04 8.03
N GLY F 26 39.81 1.18 8.32
CA GLY F 26 40.30 2.19 9.27
C GLY F 26 39.46 2.19 10.52
N ASP F 27 38.80 3.30 10.80
CA ASP F 27 38.01 3.36 12.03
C ASP F 27 36.53 3.06 11.82
N PHE F 28 36.16 2.61 10.62
CA PHE F 28 34.78 2.31 10.32
C PHE F 28 34.55 0.82 10.12
N VAL F 29 33.33 0.38 10.42
CA VAL F 29 32.92 -0.99 10.20
C VAL F 29 31.68 -1.00 9.34
N PHE F 30 31.71 -1.82 8.30
CA PHE F 30 30.60 -1.91 7.35
C PHE F 30 30.07 -3.32 7.37
N ILE F 31 28.82 -3.50 7.76
CA ILE F 31 28.21 -4.81 7.77
C ILE F 31 27.29 -4.88 6.60
N GLY F 32 27.49 -5.86 5.73
CA GLY F 32 26.61 -6.09 4.56
C GLY F 32 25.21 -6.46 4.99
N GLY F 33 24.30 -6.65 4.05
CA GLY F 33 22.87 -6.86 4.38
C GLY F 33 22.67 -8.03 5.31
N MET F 34 22.01 -7.77 6.44
CA MET F 34 21.66 -8.82 7.43
C MET F 34 20.18 -9.12 7.42
N HIS F 35 19.79 -10.36 7.65
CA HIS F 35 18.39 -10.62 8.00
C HIS F 35 18.13 -11.55 9.21
N GLY F 36 16.86 -11.78 9.55
CA GLY F 36 16.52 -12.54 10.75
C GLY F 36 16.67 -14.04 10.59
N THR F 37 17.90 -14.50 10.46
CA THR F 37 18.19 -15.92 10.33
C THR F 37 18.98 -16.37 11.53
N ASP F 38 18.81 -17.63 11.93
CA ASP F 38 19.64 -18.25 12.96
C ASP F 38 21.04 -18.52 12.37
N ARG F 39 22.08 -18.10 13.09
CA ARG F 39 23.44 -18.32 12.62
C ARG F 39 23.75 -19.78 12.29
N VAL F 40 23.18 -20.72 13.05
CA VAL F 40 23.49 -22.16 12.88
C VAL F 40 22.69 -22.91 11.82
N THR F 41 21.38 -22.68 11.69
CA THR F 41 20.64 -23.35 10.62
C THR F 41 20.73 -22.61 9.29
N GLY F 42 20.55 -21.28 9.33
CA GLY F 42 20.41 -20.46 8.13
C GLY F 42 18.95 -20.14 7.84
N LYS F 43 18.07 -20.95 8.44
CA LYS F 43 16.61 -20.76 8.41
C LYS F 43 16.15 -19.43 9.04
N MET F 44 15.02 -18.92 8.56
CA MET F 44 14.38 -17.75 9.14
C MET F 44 13.49 -18.13 10.34
N VAL F 45 13.68 -17.42 11.45
CA VAL F 45 12.86 -17.54 12.66
C VAL F 45 11.38 -17.20 12.43
N ASP F 46 10.50 -17.76 13.26
CA ASP F 46 9.10 -17.33 13.33
C ASP F 46 9.00 -16.45 14.56
N GLY F 47 8.22 -15.35 14.54
CA GLY F 47 7.68 -14.70 13.36
C GLY F 47 8.12 -13.23 13.45
N ASP F 48 7.20 -12.30 13.20
CA ASP F 48 7.55 -10.89 12.98
C ASP F 48 8.57 -10.25 13.95
N GLU F 49 8.18 -10.01 15.19
CA GLU F 49 9.03 -9.32 16.14
C GLU F 49 10.32 -10.09 16.46
N ALA F 50 10.23 -11.42 16.44
CA ALA F 50 11.40 -12.25 16.71
C ALA F 50 12.40 -12.14 15.57
N ARG F 51 11.88 -12.19 14.34
CA ARG F 51 12.68 -12.12 13.12
C ARG F 51 13.43 -10.79 13.02
N ILE F 52 12.71 -9.69 13.26
CA ILE F 52 13.31 -8.38 13.19
C ILE F 52 14.35 -8.14 14.30
N ARG F 53 14.09 -8.68 15.49
CA ARG F 53 15.07 -8.57 16.57
C ARG F 53 16.25 -9.47 16.26
N ARG F 54 16.00 -10.61 15.67
CA ARG F 54 17.09 -11.46 15.26
C ARG F 54 17.96 -10.73 14.21
N MET F 55 17.29 -9.98 13.32
CA MET F 55 17.93 -9.20 12.28
C MET F 55 18.90 -8.21 12.92
N PHE F 56 18.46 -7.48 13.93
CA PHE F 56 19.35 -6.53 14.56
C PHE F 56 20.45 -7.27 15.30
N ASP F 57 20.08 -8.34 16.00
CA ASP F 57 21.05 -9.08 16.83
C ASP F 57 22.22 -9.55 15.99
N ASN F 58 21.92 -10.03 14.78
CA ASN F 58 22.94 -10.47 13.86
C ASN F 58 23.89 -9.35 13.45
N MET F 59 23.31 -8.22 13.04
CA MET F 59 24.08 -7.03 12.67
C MET F 59 25.00 -6.66 13.82
N LEU F 60 24.41 -6.47 15.00
CA LEU F 60 25.19 -6.12 16.19
C LEU F 60 26.30 -7.15 16.48
N ALA F 61 25.99 -8.43 16.27
CA ALA F 61 26.98 -9.51 16.46
C ALA F 61 28.20 -9.29 15.60
N ALA F 62 27.98 -9.26 14.28
CA ALA F 62 28.99 -8.91 13.27
C ALA F 62 29.75 -7.64 13.65
N ALA F 63 29.03 -6.58 14.02
CA ALA F 63 29.65 -5.35 14.49
C ALA F 63 30.58 -5.59 15.70
N GLU F 64 30.16 -6.45 16.61
CA GLU F 64 31.01 -6.76 17.76
C GLU F 64 32.25 -7.53 17.28
N ALA F 65 32.05 -8.48 16.38
CA ALA F 65 33.16 -9.28 15.89
C ALA F 65 34.33 -8.42 15.36
N ALA F 66 34.09 -7.12 15.15
CA ALA F 66 35.18 -6.19 14.78
C ALA F 66 35.35 -5.00 15.71
N GLY F 67 34.86 -5.09 16.95
CA GLY F 67 35.14 -4.06 17.96
C GLY F 67 34.16 -2.90 18.07
N ALA F 68 32.95 -3.06 17.51
CA ALA F 68 31.95 -1.99 17.49
C ALA F 68 30.61 -2.39 18.15
N THR F 69 29.95 -1.44 18.80
CA THR F 69 28.81 -1.71 19.69
C THR F 69 27.55 -1.06 19.17
N LYS F 70 26.39 -1.35 19.77
CA LYS F 70 25.17 -0.64 19.39
C LYS F 70 25.29 0.88 19.49
N ALA F 71 26.22 1.36 20.32
CA ALA F 71 26.34 2.81 20.59
C ALA F 71 27.20 3.49 19.52
N ASP F 72 27.62 2.68 18.55
CA ASP F 72 28.55 3.08 17.52
C ASP F 72 27.90 3.19 16.13
N ALA F 73 26.62 2.83 15.99
CA ALA F 73 25.98 2.87 14.67
C ALA F 73 25.92 4.30 14.13
N VAL F 74 26.39 4.48 12.88
CA VAL F 74 26.33 5.78 12.23
C VAL F 74 25.26 5.86 11.15
N ARG F 75 24.92 4.73 10.53
CA ARG F 75 23.78 4.68 9.61
C ARG F 75 23.14 3.30 9.63
N LEU F 76 21.81 3.27 9.68
CA LEU F 76 21.07 2.03 9.56
C LEU F 76 20.05 2.22 8.47
N THR F 77 20.13 1.41 7.44
CA THR F 77 19.15 1.54 6.40
C THR F 77 18.33 0.25 6.46
N VAL F 78 17.05 0.39 6.82
CA VAL F 78 16.21 -0.77 7.06
C VAL F 78 15.23 -0.95 5.92
N PHE F 79 15.24 -2.10 5.27
CA PHE F 79 14.35 -2.31 4.14
C PHE F 79 13.30 -3.30 4.53
N VAL F 80 12.04 -2.97 4.30
CA VAL F 80 10.95 -3.87 4.68
C VAL F 80 9.92 -4.09 3.57
N THR F 81 9.29 -5.26 3.59
CA THR F 81 8.34 -5.65 2.55
C THR F 81 6.98 -4.97 2.69
N ASP F 82 6.68 -4.48 3.89
CA ASP F 82 5.45 -3.67 4.21
C ASP F 82 5.70 -2.68 5.36
N VAL F 83 5.85 -1.41 5.02
CA VAL F 83 6.31 -0.43 6.00
C VAL F 83 5.24 -0.06 7.06
N ALA F 84 3.97 -0.02 6.66
CA ALA F 84 2.83 0.20 7.56
C ALA F 84 2.83 -0.88 8.64
N LYS F 85 2.86 -2.14 8.20
CA LYS F 85 2.96 -3.28 9.11
C LYS F 85 4.29 -3.46 9.87
N TYR F 86 5.46 -3.12 9.31
CA TYR F 86 6.69 -3.47 10.05
C TYR F 86 7.46 -2.36 10.76
N ARG F 87 7.15 -1.10 10.47
CA ARG F 87 7.85 0.01 11.10
C ARG F 87 7.64 0.09 12.64
N PRO F 88 6.38 -0.03 13.12
CA PRO F 88 6.09 -0.13 14.56
C PRO F 88 6.88 -1.26 15.23
N VAL F 89 7.01 -2.37 14.52
CA VAL F 89 7.82 -3.49 15.00
C VAL F 89 9.30 -3.09 15.12
N VAL F 90 9.82 -2.45 14.07
CA VAL F 90 11.19 -1.89 14.08
C VAL F 90 11.34 -0.89 15.27
N ASN F 91 10.42 0.08 15.34
CA ASN F 91 10.43 1.10 16.40
C ASN F 91 10.55 0.48 17.79
N LYS F 92 9.83 -0.62 17.99
CA LYS F 92 9.80 -1.27 19.27
C LYS F 92 11.11 -2.00 19.56
N VAL F 93 11.56 -2.83 18.61
CA VAL F 93 12.85 -3.51 18.75
C VAL F 93 13.96 -2.50 19.07
N GLN F 94 13.94 -1.37 18.38
CA GLN F 94 14.97 -0.37 18.56
C GLN F 94 14.97 0.22 19.97
N LYS F 95 13.78 0.35 20.56
CA LYS F 95 13.62 0.82 21.94
C LYS F 95 14.19 -0.19 22.91
N ASP F 96 13.89 -1.48 22.67
CA ASP F 96 14.48 -2.57 23.43
C ASP F 96 16.00 -2.47 23.49
N ILE F 97 16.63 -2.34 22.31
CA ILE F 97 18.09 -2.23 22.23
C ILE F 97 18.66 -0.88 22.71
N TRP F 98 18.07 0.24 22.30
CA TRP F 98 18.70 1.55 22.52
C TRP F 98 18.15 2.33 23.74
N GLY F 99 17.15 1.76 24.41
CA GLY F 99 16.58 2.41 25.59
C GLY F 99 15.88 3.68 25.17
N ASP F 100 16.26 4.79 25.80
CA ASP F 100 15.61 6.10 25.55
C ASP F 100 16.45 6.96 24.63
N GLY F 101 17.72 6.60 24.49
CA GLY F 101 18.63 7.44 23.75
C GLY F 101 20.07 7.17 24.11
N PRO F 102 20.99 7.59 23.22
CA PRO F 102 20.58 8.21 21.97
C PRO F 102 20.35 7.13 20.90
N TYR F 103 19.77 7.52 19.76
CA TYR F 103 19.54 6.59 18.64
C TYR F 103 20.44 6.82 17.40
N PRO F 104 20.79 5.76 16.66
CA PRO F 104 21.53 6.06 15.44
C PRO F 104 20.60 6.63 14.37
N PRO F 105 21.14 7.41 13.39
CA PRO F 105 20.38 7.85 12.21
C PRO F 105 19.93 6.66 11.37
N ARG F 106 18.70 6.68 10.90
CA ARG F 106 18.21 5.52 10.18
C ARG F 106 17.32 5.95 9.06
N THR F 107 16.99 4.99 8.22
CA THR F 107 16.02 5.24 7.19
C THR F 107 15.31 3.94 6.90
N VAL F 108 13.98 4.02 6.83
CA VAL F 108 13.15 2.85 6.69
C VAL F 108 12.35 2.95 5.41
N LEU F 109 12.62 2.07 4.44
CA LEU F 109 11.90 2.11 3.17
C LEU F 109 11.21 0.83 2.89
N GLN F 110 10.09 0.92 2.19
CA GLN F 110 9.42 -0.28 1.74
C GLN F 110 10.07 -0.76 0.46
N VAL F 111 10.04 -2.07 0.22
CA VAL F 111 10.76 -2.68 -0.88
C VAL F 111 9.92 -3.92 -1.29
N PRO F 112 9.71 -4.17 -2.59
CA PRO F 112 8.73 -5.23 -2.87
C PRO F 112 9.21 -6.68 -2.70
N ALA F 113 10.51 -6.90 -2.55
CA ALA F 113 11.04 -8.25 -2.37
C ALA F 113 12.47 -8.24 -1.84
N LEU F 114 12.89 -9.34 -1.20
CA LEU F 114 14.17 -9.38 -0.46
C LEU F 114 14.99 -10.67 -0.59
N ASP F 115 16.25 -10.60 -0.12
CA ASP F 115 17.11 -11.78 0.14
C ASP F 115 16.25 -12.89 0.82
N GLN F 116 15.79 -13.87 0.03
CA GLN F 116 15.18 -15.13 0.56
C GLN F 116 13.65 -15.14 0.79
N GLY F 117 12.94 -14.07 0.43
CA GLY F 117 11.48 -14.00 0.66
C GLY F 117 11.12 -13.34 1.99
N ASP F 118 12.15 -12.93 2.72
CA ASP F 118 12.06 -12.37 4.09
C ASP F 118 11.19 -11.09 4.16
N ILE F 119 10.95 -10.61 5.37
CA ILE F 119 10.08 -9.46 5.60
C ILE F 119 10.86 -8.17 5.79
N ALA F 120 12.11 -8.30 6.23
CA ALA F 120 12.96 -7.16 6.55
C ALA F 120 14.45 -7.48 6.41
N GLU F 121 15.22 -6.49 5.98
CA GLU F 121 16.66 -6.60 5.84
C GLU F 121 17.31 -5.29 6.31
N ILE F 122 18.59 -5.35 6.66
CA ILE F 122 19.24 -4.19 7.25
C ILE F 122 20.72 -4.03 6.89
N ASP F 123 21.11 -2.79 6.60
CA ASP F 123 22.53 -2.37 6.42
C ASP F 123 23.02 -1.56 7.59
N GLY F 124 24.14 -1.94 8.17
CA GLY F 124 24.73 -1.16 9.26
C GLY F 124 26.10 -0.63 8.91
N THR F 125 26.44 0.52 9.47
CA THR F 125 27.76 1.13 9.27
C THR F 125 28.13 1.76 10.61
N PHE F 126 29.36 1.50 11.07
CA PHE F 126 29.68 1.83 12.46
C PHE F 126 30.96 2.62 12.53
N TYR F 127 31.12 3.38 13.61
CA TYR F 127 32.35 4.09 13.85
C TYR F 127 32.96 3.68 15.20
N ALA F 128 34.13 3.04 15.14
CA ALA F 128 34.85 2.63 16.34
C ALA F 128 36.17 3.37 16.48
N SER G 2 11.74 -4.00 -39.84
CA SER G 2 10.97 -3.15 -38.88
C SER G 2 11.75 -1.92 -38.39
N LEU G 3 11.01 -0.83 -38.13
CA LEU G 3 11.56 0.36 -37.49
C LEU G 3 12.18 0.02 -36.14
N LYS G 4 13.17 0.80 -35.77
CA LYS G 4 13.78 0.73 -34.47
C LYS G 4 13.67 2.12 -33.83
N ILE G 5 12.93 2.20 -32.74
CA ILE G 5 12.79 3.44 -31.98
C ILE G 5 14.16 3.91 -31.46
N ILE G 6 14.38 5.22 -31.49
CA ILE G 6 15.60 5.82 -30.96
C ILE G 6 15.55 5.87 -29.45
N ALA G 7 16.52 5.21 -28.84
CA ALA G 7 16.63 5.21 -27.40
C ALA G 7 17.29 6.49 -26.90
N PRO G 8 16.80 6.99 -25.76
CA PRO G 8 17.44 8.10 -25.02
C PRO G 8 18.94 7.88 -24.69
N THR G 9 19.65 9.01 -24.63
CA THR G 9 21.11 9.07 -24.60
C THR G 9 21.44 10.29 -23.74
N ASP G 10 22.65 10.31 -23.20
CA ASP G 10 23.07 11.42 -22.36
C ASP G 10 23.19 12.75 -23.15
N LYS G 11 23.00 12.65 -24.48
CA LYS G 11 22.97 13.83 -25.36
C LYS G 11 21.56 14.25 -25.80
N THR G 12 20.55 13.56 -25.27
CA THR G 12 19.19 13.56 -25.82
C THR G 12 18.13 13.92 -24.79
N ILE G 13 17.00 14.44 -25.26
CA ILE G 13 15.80 14.64 -24.45
C ILE G 13 15.34 13.30 -23.84
N THR G 14 14.77 13.29 -22.64
CA THR G 14 14.12 12.08 -22.14
C THR G 14 12.63 12.20 -22.35
N PRO G 15 12.02 11.24 -23.07
CA PRO G 15 10.57 11.22 -23.23
C PRO G 15 9.83 11.02 -21.89
N SER G 16 8.73 11.77 -21.70
CA SER G 16 7.94 11.74 -20.48
C SER G 16 6.44 11.70 -20.81
N GLY G 17 6.07 11.11 -21.93
CA GLY G 17 4.68 11.07 -22.34
C GLY G 17 4.41 9.86 -23.20
N THR G 18 3.30 9.89 -23.91
CA THR G 18 2.96 8.82 -24.82
C THR G 18 3.68 9.01 -26.16
N TRP G 19 5.01 9.12 -26.11
CA TRP G 19 5.84 9.43 -27.29
C TRP G 19 7.31 9.04 -27.19
N SER G 20 7.93 9.02 -28.38
CA SER G 20 9.30 8.66 -28.59
C SER G 20 10.12 9.86 -29.13
N ILE G 21 11.42 9.93 -28.84
CA ILE G 21 12.19 11.03 -29.47
C ILE G 21 12.20 10.86 -30.98
N GLY G 22 12.31 9.63 -31.45
CA GLY G 22 12.22 9.36 -32.86
C GLY G 22 12.38 7.91 -33.24
N ALA G 23 12.43 7.66 -34.54
CA ALA G 23 12.43 6.34 -35.08
C ALA G 23 13.43 6.25 -36.22
N ARG G 24 14.16 5.16 -36.28
CA ARG G 24 14.89 4.84 -37.48
C ARG G 24 14.05 3.83 -38.29
N ALA G 25 13.80 4.12 -39.56
CA ALA G 25 13.00 3.25 -40.40
C ALA G 25 13.73 3.09 -41.69
N GLY G 26 14.43 1.97 -41.83
CA GLY G 26 15.23 1.73 -43.01
C GLY G 26 16.32 2.77 -43.13
N ASP G 27 16.35 3.47 -44.26
CA ASP G 27 17.34 4.53 -44.50
C ASP G 27 16.96 5.89 -43.92
N PHE G 28 15.73 6.03 -43.46
CA PHE G 28 15.23 7.31 -43.00
C PHE G 28 15.24 7.39 -41.49
N VAL G 29 15.27 8.62 -40.96
CA VAL G 29 15.18 8.84 -39.54
C VAL G 29 14.16 9.95 -39.30
N PHE G 30 13.14 9.67 -38.49
CA PHE G 30 12.10 10.63 -38.20
C PHE G 30 12.24 11.06 -36.77
N ILE G 31 12.29 12.37 -36.53
CA ILE G 31 12.38 12.90 -35.17
C ILE G 31 11.06 13.56 -34.81
N GLY G 32 10.57 13.30 -33.59
CA GLY G 32 9.36 13.93 -33.08
C GLY G 32 9.58 15.38 -32.76
N GLY G 33 8.49 16.12 -32.51
CA GLY G 33 8.57 17.54 -32.16
C GLY G 33 9.65 17.85 -31.15
N MET G 34 10.56 18.77 -31.49
CA MET G 34 11.56 19.26 -30.53
C MET G 34 11.34 20.73 -30.25
N HIS G 35 11.60 21.15 -29.00
CA HIS G 35 11.60 22.56 -28.64
C HIS G 35 12.77 22.90 -27.72
N GLY G 36 12.96 24.16 -27.39
CA GLY G 36 14.19 24.55 -26.76
C GLY G 36 14.20 24.31 -25.27
N THR G 37 14.12 23.03 -24.90
CA THR G 37 14.14 22.58 -23.51
C THR G 37 15.54 22.13 -23.16
N ASP G 38 15.80 21.97 -21.87
CA ASP G 38 17.06 21.43 -21.36
C ASP G 38 16.91 19.92 -21.13
N ARG G 39 17.76 19.11 -21.78
CA ARG G 39 17.95 17.68 -21.48
C ARG G 39 17.64 17.30 -20.03
N VAL G 40 18.41 17.94 -19.13
CA VAL G 40 18.53 17.60 -17.71
C VAL G 40 17.26 17.91 -16.96
N THR G 41 16.73 19.08 -17.23
CA THR G 41 15.64 19.59 -16.46
C THR G 41 14.26 19.38 -17.17
N GLY G 42 14.21 19.61 -18.49
CA GLY G 42 12.94 19.73 -19.19
C GLY G 42 12.39 21.14 -19.19
N LYS G 43 13.12 22.09 -18.59
CA LYS G 43 12.67 23.48 -18.56
C LYS G 43 13.18 24.18 -19.80
N MET G 44 12.35 25.10 -20.28
CA MET G 44 12.65 25.87 -21.46
C MET G 44 13.75 26.85 -21.16
N VAL G 45 14.65 27.01 -22.11
CA VAL G 45 15.82 27.86 -22.00
C VAL G 45 15.43 29.33 -22.23
N ASP G 46 16.21 30.25 -21.66
CA ASP G 46 15.92 31.68 -21.76
C ASP G 46 16.50 32.30 -23.02
N GLY G 47 15.80 33.30 -23.54
CA GLY G 47 16.26 34.03 -24.72
C GLY G 47 15.65 33.51 -26.01
N ASP G 48 15.10 34.42 -26.83
CA ASP G 48 14.62 34.12 -28.17
C ASP G 48 15.59 33.24 -28.97
N GLU G 49 16.71 33.82 -29.40
CA GLU G 49 17.69 33.09 -30.17
C GLU G 49 18.14 31.77 -29.51
N ALA G 50 18.40 31.83 -28.22
CA ALA G 50 18.96 30.68 -27.50
C ALA G 50 17.97 29.54 -27.50
N ARG G 51 16.69 29.85 -27.48
CA ARG G 51 15.69 28.80 -27.37
C ARG G 51 15.55 28.11 -28.69
N ILE G 52 15.68 28.90 -29.75
CA ILE G 52 15.60 28.32 -31.06
C ILE G 52 16.86 27.55 -31.39
N ARG G 53 18.02 28.03 -30.95
CA ARG G 53 19.23 27.25 -31.14
C ARG G 53 19.10 25.90 -30.44
N ARG G 54 18.49 25.94 -29.26
CA ARG G 54 18.34 24.75 -28.49
C ARG G 54 17.41 23.77 -29.18
N MET G 55 16.25 24.23 -29.62
CA MET G 55 15.37 23.43 -30.46
C MET G 55 16.18 22.67 -31.55
N PHE G 56 17.00 23.39 -32.34
CA PHE G 56 17.81 22.70 -33.33
C PHE G 56 18.78 21.70 -32.71
N ASP G 57 19.54 22.13 -31.70
CA ASP G 57 20.49 21.24 -31.05
C ASP G 57 19.85 19.95 -30.55
N ASN G 58 18.66 20.06 -29.95
CA ASN G 58 17.94 18.91 -29.44
C ASN G 58 17.57 17.95 -30.57
N MET G 59 16.99 18.52 -31.63
CA MET G 59 16.61 17.77 -32.81
C MET G 59 17.84 17.04 -33.37
N LEU G 60 18.96 17.76 -33.45
CA LEU G 60 20.17 17.20 -34.05
C LEU G 60 20.86 16.23 -33.14
N ALA G 61 20.64 16.34 -31.84
CA ALA G 61 21.19 15.38 -30.92
C ALA G 61 20.49 14.06 -31.10
N ALA G 62 19.18 14.11 -31.30
CA ALA G 62 18.36 12.93 -31.47
C ALA G 62 18.62 12.23 -32.81
N ALA G 63 18.93 13.01 -33.85
CA ALA G 63 19.27 12.46 -35.16
C ALA G 63 20.65 11.79 -35.10
N GLU G 64 21.56 12.43 -34.39
CA GLU G 64 22.89 11.89 -34.23
C GLU G 64 22.84 10.52 -33.52
N ALA G 65 21.90 10.34 -32.58
CA ALA G 65 21.78 9.10 -31.83
C ALA G 65 21.38 7.95 -32.75
N ALA G 66 20.81 8.30 -33.91
CA ALA G 66 20.38 7.36 -34.91
C ALA G 66 21.31 7.35 -36.12
N GLY G 67 22.38 8.14 -36.09
CA GLY G 67 23.37 8.10 -37.17
C GLY G 67 23.13 9.11 -38.29
N ALA G 68 22.24 10.07 -38.06
CA ALA G 68 22.01 11.11 -39.04
C ALA G 68 22.71 12.39 -38.61
N THR G 69 23.22 13.15 -39.57
CA THR G 69 23.91 14.41 -39.32
C THR G 69 23.04 15.55 -39.88
N LYS G 70 23.44 16.79 -39.64
CA LYS G 70 22.71 17.94 -40.17
C LYS G 70 22.68 17.98 -41.72
N ALA G 71 23.65 17.34 -42.38
CA ALA G 71 23.69 17.30 -43.84
C ALA G 71 22.65 16.33 -44.37
N ASP G 72 22.13 15.48 -43.48
CA ASP G 72 21.22 14.43 -43.89
C ASP G 72 19.77 14.83 -43.87
N ALA G 73 19.49 16.10 -43.63
CA ALA G 73 18.10 16.52 -43.47
C ALA G 73 17.36 16.58 -44.78
N VAL G 74 16.28 15.84 -44.90
CA VAL G 74 15.43 15.95 -46.10
C VAL G 74 14.18 16.86 -45.92
N ARG G 75 13.81 17.17 -44.68
CA ARG G 75 12.68 18.09 -44.47
C ARG G 75 12.65 18.63 -43.03
N LEU G 76 12.49 19.94 -42.90
CA LEU G 76 12.30 20.58 -41.62
C LEU G 76 10.96 21.32 -41.67
N THR G 77 10.11 21.06 -40.68
CA THR G 77 8.87 21.80 -40.59
C THR G 77 8.94 22.53 -39.27
N VAL G 78 8.78 23.83 -39.30
CA VAL G 78 9.00 24.61 -38.14
C VAL G 78 7.74 25.38 -37.84
N PHE G 79 7.26 25.21 -36.61
CA PHE G 79 6.07 25.90 -36.22
C PHE G 79 6.48 26.97 -35.23
N VAL G 80 6.01 28.19 -35.47
CA VAL G 80 6.35 29.30 -34.64
C VAL G 80 5.11 30.03 -34.22
N THR G 81 5.27 30.86 -33.21
CA THR G 81 4.16 31.49 -32.53
C THR G 81 3.88 32.85 -33.14
N ASP G 82 4.89 33.39 -33.84
CA ASP G 82 4.81 34.69 -34.49
C ASP G 82 5.85 34.70 -35.60
N VAL G 83 5.39 34.37 -36.79
CA VAL G 83 6.29 34.22 -37.91
C VAL G 83 7.11 35.50 -38.16
N ALA G 84 6.48 36.66 -38.08
CA ALA G 84 7.19 37.91 -38.43
C ALA G 84 8.32 38.20 -37.46
N LYS G 85 8.14 37.78 -36.21
CA LYS G 85 9.16 37.98 -35.18
C LYS G 85 10.27 36.95 -35.27
N TYR G 86 9.91 35.68 -35.38
CA TYR G 86 10.88 34.61 -35.25
C TYR G 86 11.48 34.03 -36.51
N ARG G 87 10.84 34.22 -37.66
CA ARG G 87 11.45 33.72 -38.89
C ARG G 87 12.88 34.28 -39.10
N PRO G 88 13.12 35.59 -38.87
CA PRO G 88 14.51 36.03 -38.98
C PRO G 88 15.45 35.31 -38.02
N VAL G 89 14.92 34.94 -36.85
CA VAL G 89 15.72 34.32 -35.79
C VAL G 89 16.06 32.87 -36.19
N VAL G 90 15.04 32.13 -36.63
CA VAL G 90 15.22 30.84 -37.27
C VAL G 90 16.28 30.95 -38.36
N ASN G 91 16.12 31.94 -39.25
CA ASN G 91 17.10 32.19 -40.33
C ASN G 91 18.54 32.33 -39.84
N LYS G 92 18.74 33.19 -38.82
CA LYS G 92 20.06 33.36 -38.22
C LYS G 92 20.51 32.04 -37.63
N VAL G 93 19.62 31.29 -36.99
CA VAL G 93 20.09 30.06 -36.36
C VAL G 93 20.57 29.05 -37.38
N GLN G 94 19.85 28.93 -38.50
CA GLN G 94 20.26 28.04 -39.58
C GLN G 94 21.61 28.44 -40.16
N LYS G 95 21.83 29.75 -40.33
CA LYS G 95 23.17 30.30 -40.72
C LYS G 95 24.31 29.86 -39.81
N ASP G 96 24.09 29.93 -38.50
CA ASP G 96 25.10 29.50 -37.57
C ASP G 96 25.42 28.04 -37.83
N ILE G 97 24.37 27.24 -38.07
CA ILE G 97 24.50 25.79 -38.22
C ILE G 97 25.00 25.35 -39.61
N TRP G 98 24.28 25.74 -40.65
CA TRP G 98 24.53 25.24 -42.00
C TRP G 98 25.51 26.11 -42.82
N GLY G 99 25.90 27.27 -42.27
CA GLY G 99 26.83 28.17 -42.98
C GLY G 99 26.19 28.74 -44.21
N ASP G 100 26.94 28.78 -45.31
CA ASP G 100 26.40 29.35 -46.56
C ASP G 100 25.58 28.31 -47.37
N GLY G 101 25.39 27.12 -46.80
CA GLY G 101 24.70 26.02 -47.48
C GLY G 101 25.52 24.75 -47.68
N PRO G 102 24.94 23.76 -48.39
CA PRO G 102 23.54 23.67 -48.82
C PRO G 102 22.54 23.59 -47.62
N TYR G 103 21.28 23.90 -47.85
CA TYR G 103 20.29 23.94 -46.80
C TYR G 103 19.18 22.88 -47.00
N PRO G 104 18.59 22.35 -45.90
CA PRO G 104 17.51 21.36 -46.05
C PRO G 104 16.24 21.99 -46.58
N PRO G 105 15.40 21.21 -47.28
CA PRO G 105 14.08 21.81 -47.59
C PRO G 105 13.37 22.11 -46.26
N ARG G 106 12.57 23.17 -46.21
CA ARG G 106 11.88 23.48 -44.97
C ARG G 106 10.55 24.16 -45.23
N THR G 107 9.77 24.28 -44.17
CA THR G 107 8.61 25.12 -44.20
C THR G 107 8.38 25.65 -42.78
N VAL G 108 8.00 26.92 -42.69
CA VAL G 108 7.94 27.67 -41.45
C VAL G 108 6.57 28.28 -41.36
N LEU G 109 5.80 27.86 -40.35
CA LEU G 109 4.40 28.24 -40.23
C LEU G 109 4.09 28.92 -38.92
N GLN G 110 3.17 29.90 -38.95
CA GLN G 110 2.67 30.45 -37.68
C GLN G 110 1.61 29.53 -37.14
N VAL G 111 1.52 29.46 -35.82
CA VAL G 111 0.59 28.54 -35.19
C VAL G 111 0.17 29.13 -33.82
N PRO G 112 -1.12 29.00 -33.41
CA PRO G 112 -1.59 29.75 -32.22
C PRO G 112 -0.88 29.38 -30.91
N ALA G 113 -0.47 28.12 -30.80
CA ALA G 113 0.11 27.58 -29.57
C ALA G 113 0.72 26.19 -29.80
N LEU G 114 1.70 25.83 -28.98
CA LEU G 114 2.38 24.51 -29.08
C LEU G 114 2.82 23.98 -27.70
N ASP G 115 3.66 22.92 -27.67
CA ASP G 115 4.16 22.29 -26.41
C ASP G 115 4.57 23.34 -25.34
N GLN G 116 4.03 23.21 -24.13
CA GLN G 116 4.59 23.90 -22.96
C GLN G 116 4.48 25.46 -23.00
N GLY G 117 3.77 26.00 -23.98
CA GLY G 117 3.67 27.45 -24.19
C GLY G 117 4.89 28.01 -24.91
N ASP G 118 5.60 27.14 -25.65
CA ASP G 118 6.87 27.51 -26.29
C ASP G 118 6.68 28.50 -27.45
N ILE G 119 7.79 28.98 -28.04
CA ILE G 119 7.73 29.88 -29.19
C ILE G 119 7.89 29.16 -30.53
N ALA G 120 8.63 28.06 -30.53
CA ALA G 120 8.91 27.33 -31.74
C ALA G 120 8.97 25.86 -31.45
N GLU G 121 8.58 25.06 -32.44
CA GLU G 121 8.72 23.61 -32.41
C GLU G 121 9.18 23.19 -33.82
N ILE G 122 10.02 22.16 -33.88
CA ILE G 122 10.54 21.68 -35.15
C ILE G 122 10.35 20.19 -35.30
N ASP G 123 10.01 19.77 -36.52
CA ASP G 123 9.94 18.37 -36.92
C ASP G 123 10.97 18.14 -38.00
N GLY G 124 11.82 17.15 -37.82
CA GLY G 124 12.88 16.93 -38.80
C GLY G 124 12.88 15.50 -39.25
N THR G 125 13.03 15.31 -40.56
CA THR G 125 13.14 13.99 -41.16
C THR G 125 14.48 13.98 -41.83
N PHE G 126 15.17 12.85 -41.74
CA PHE G 126 16.54 12.74 -42.25
C PHE G 126 16.70 11.51 -43.12
N TYR G 127 17.69 11.56 -44.00
CA TYR G 127 18.03 10.42 -44.85
C TYR G 127 19.48 10.06 -44.59
N ALA G 128 19.68 8.90 -43.96
CA ALA G 128 20.99 8.49 -43.52
C ALA G 128 21.29 7.00 -43.78
N PRO G 129 21.52 6.63 -45.05
CA PRO G 129 21.75 5.19 -45.30
C PRO G 129 23.01 4.68 -44.60
N ALA G 130 22.94 3.47 -44.03
CA ALA G 130 24.03 2.91 -43.17
C ALA G 130 25.33 2.46 -43.88
N SER H 2 23.79 8.89 -50.47
CA SER H 2 23.26 9.95 -49.58
C SER H 2 22.32 10.91 -50.34
N LEU H 3 21.66 11.84 -49.65
CA LEU H 3 20.67 12.71 -50.30
C LEU H 3 21.33 13.62 -51.31
N LYS H 4 20.57 14.07 -52.31
CA LYS H 4 21.02 15.14 -53.22
C LYS H 4 20.01 16.29 -53.25
N ILE H 5 20.46 17.54 -53.08
CA ILE H 5 19.59 18.74 -53.13
C ILE H 5 19.20 19.01 -54.56
N ILE H 6 17.92 19.29 -54.79
CA ILE H 6 17.48 19.64 -56.12
C ILE H 6 17.98 21.03 -56.44
N ALA H 7 18.96 21.10 -57.34
CA ALA H 7 19.48 22.38 -57.86
C ALA H 7 18.40 23.13 -58.64
N PRO H 8 18.29 24.45 -58.44
CA PRO H 8 17.35 25.28 -59.18
C PRO H 8 17.50 25.19 -60.70
N THR H 9 16.43 25.55 -61.38
CA THR H 9 16.26 25.27 -62.78
C THR H 9 15.44 26.43 -63.27
N ASP H 10 15.41 26.62 -64.57
CA ASP H 10 14.67 27.76 -65.14
C ASP H 10 13.17 27.47 -65.25
N LYS H 11 12.77 26.32 -64.70
CA LYS H 11 11.36 26.01 -64.41
C LYS H 11 11.03 26.12 -62.91
N THR H 12 12.07 26.32 -62.11
CA THR H 12 12.03 26.24 -60.64
C THR H 12 12.04 27.60 -59.95
N ILE H 13 11.60 27.64 -58.71
CA ILE H 13 11.80 28.80 -57.83
C ILE H 13 13.30 28.93 -57.52
N THR H 14 13.77 30.11 -57.12
CA THR H 14 15.17 30.17 -56.68
C THR H 14 15.31 30.42 -55.17
N PRO H 15 15.97 29.50 -54.46
CA PRO H 15 16.16 29.73 -53.05
C PRO H 15 16.76 31.13 -52.80
N SER H 16 16.13 31.89 -51.94
CA SER H 16 16.60 33.21 -51.61
C SER H 16 16.94 33.31 -50.14
N GLY H 17 16.98 32.16 -49.45
CA GLY H 17 17.18 32.14 -48.00
C GLY H 17 17.90 30.87 -47.56
N THR H 18 17.82 30.59 -46.26
CA THR H 18 18.47 29.41 -45.68
C THR H 18 17.61 28.19 -45.95
N TRP H 19 17.47 27.80 -47.21
CA TRP H 19 16.62 26.67 -47.60
C TRP H 19 16.83 26.20 -49.06
N SER H 20 16.29 25.03 -49.39
CA SER H 20 16.31 24.43 -50.72
C SER H 20 14.92 24.23 -51.27
N ILE H 21 14.84 24.03 -52.58
CA ILE H 21 13.55 23.79 -53.16
C ILE H 21 13.12 22.39 -52.79
N GLY H 22 14.07 21.47 -52.76
CA GLY H 22 13.76 20.12 -52.36
C GLY H 22 14.96 19.20 -52.36
N ALA H 23 14.70 17.95 -52.05
CA ALA H 23 15.77 17.01 -51.94
C ALA H 23 15.32 15.64 -52.40
N ARG H 24 16.29 14.88 -52.86
CA ARG H 24 16.06 13.54 -53.30
C ARG H 24 16.87 12.61 -52.40
N ALA H 25 16.17 11.61 -51.89
CA ALA H 25 16.71 10.69 -50.91
C ALA H 25 16.24 9.31 -51.32
N GLY H 26 17.16 8.51 -51.83
CA GLY H 26 16.80 7.21 -52.39
C GLY H 26 15.66 7.33 -53.39
N ASP H 27 14.53 6.70 -53.11
CA ASP H 27 13.41 6.70 -54.05
C ASP H 27 12.48 7.88 -53.81
N PHE H 28 12.68 8.58 -52.70
CA PHE H 28 11.73 9.61 -52.35
C PHE H 28 12.18 11.00 -52.76
N VAL H 29 11.21 11.88 -52.95
CA VAL H 29 11.53 13.27 -53.25
C VAL H 29 10.71 14.18 -52.32
N PHE H 30 11.42 15.04 -51.58
CA PHE H 30 10.79 15.93 -50.59
C PHE H 30 10.78 17.37 -51.10
N ILE H 31 9.62 17.94 -51.33
CA ILE H 31 9.64 19.29 -51.84
C ILE H 31 9.34 20.24 -50.69
N GLY H 32 10.17 21.26 -50.49
CA GLY H 32 9.94 22.21 -49.42
C GLY H 32 8.68 23.01 -49.63
N GLY H 33 8.23 23.72 -48.58
CA GLY H 33 7.06 24.58 -48.72
C GLY H 33 7.06 25.46 -49.97
N MET H 34 5.94 25.46 -50.69
CA MET H 34 5.75 26.26 -51.90
C MET H 34 4.53 27.20 -51.84
N HIS H 35 4.62 28.41 -52.40
CA HIS H 35 3.41 29.24 -52.54
C HIS H 35 3.24 29.78 -53.96
N GLY H 36 2.16 30.52 -54.21
CA GLY H 36 1.87 31.00 -55.55
C GLY H 36 2.68 32.17 -56.07
N THR H 37 4.00 32.08 -55.99
CA THR H 37 4.86 33.15 -56.45
C THR H 37 5.37 32.90 -57.84
N ASP H 38 5.57 33.96 -58.62
CA ASP H 38 6.18 33.80 -59.94
C ASP H 38 7.68 33.62 -59.76
N ARG H 39 8.28 32.67 -60.48
CA ARG H 39 9.71 32.34 -60.29
C ARG H 39 10.69 33.47 -60.65
N VAL H 40 10.34 34.26 -61.66
CA VAL H 40 11.08 35.45 -62.04
C VAL H 40 10.86 36.59 -61.03
N THR H 41 9.69 37.22 -61.07
CA THR H 41 9.48 38.48 -60.32
C THR H 41 9.54 38.34 -58.79
N GLY H 42 9.31 37.13 -58.29
CA GLY H 42 9.15 36.89 -56.84
C GLY H 42 7.80 37.37 -56.30
N LYS H 43 6.96 37.90 -57.19
CA LYS H 43 5.65 38.46 -56.85
C LYS H 43 4.58 37.36 -56.80
N MET H 44 3.66 37.51 -55.85
CA MET H 44 2.52 36.60 -55.68
C MET H 44 1.45 36.90 -56.70
N VAL H 45 1.21 35.95 -57.59
CA VAL H 45 0.12 35.97 -58.57
C VAL H 45 -1.20 36.41 -57.93
N ASP H 46 -1.97 37.30 -58.57
CA ASP H 46 -3.35 37.53 -58.07
C ASP H 46 -4.36 36.84 -58.99
N GLY H 47 -5.49 36.37 -58.48
CA GLY H 47 -5.80 36.23 -57.06
C GLY H 47 -6.08 34.75 -56.76
N ASP H 48 -7.22 34.47 -56.12
CA ASP H 48 -7.48 33.17 -55.46
C ASP H 48 -7.06 31.92 -56.23
N GLU H 49 -7.86 31.57 -57.24
CA GLU H 49 -7.60 30.36 -57.99
C GLU H 49 -6.23 30.34 -58.67
N ALA H 50 -5.82 31.48 -59.21
CA ALA H 50 -4.58 31.53 -59.95
C ALA H 50 -3.40 31.32 -58.99
N ARG H 51 -3.51 31.84 -57.77
CA ARG H 51 -2.41 31.75 -56.81
C ARG H 51 -2.22 30.31 -56.37
N ILE H 52 -3.33 29.65 -56.08
CA ILE H 52 -3.30 28.26 -55.67
C ILE H 52 -2.84 27.34 -56.80
N ARG H 53 -3.22 27.66 -58.04
CA ARG H 53 -2.76 26.92 -59.19
C ARG H 53 -1.26 27.07 -59.39
N ARG H 54 -0.77 28.29 -59.25
CA ARG H 54 0.68 28.51 -59.30
C ARG H 54 1.42 27.77 -58.18
N MET H 55 0.84 27.75 -56.98
CA MET H 55 1.39 27.03 -55.85
C MET H 55 1.64 25.57 -56.27
N PHE H 56 0.64 24.94 -56.85
CA PHE H 56 0.84 23.56 -57.31
C PHE H 56 1.84 23.41 -58.44
N ASP H 57 1.76 24.30 -59.44
CA ASP H 57 2.71 24.31 -60.57
C ASP H 57 4.15 24.37 -60.06
N ASN H 58 4.40 25.25 -59.09
CA ASN H 58 5.70 25.38 -58.48
C ASN H 58 6.23 24.12 -57.79
N MET H 59 5.38 23.46 -57.00
CA MET H 59 5.78 22.24 -56.30
C MET H 59 6.09 21.18 -57.35
N LEU H 60 5.28 21.15 -58.42
CA LEU H 60 5.42 20.10 -59.46
C LEU H 60 6.61 20.37 -60.35
N ALA H 61 6.81 21.63 -60.68
CA ALA H 61 8.03 22.07 -61.34
C ALA H 61 9.24 21.54 -60.55
N ALA H 62 9.30 21.83 -59.25
CA ALA H 62 10.42 21.35 -58.44
C ALA H 62 10.49 19.83 -58.42
N ALA H 63 9.34 19.17 -58.37
CA ALA H 63 9.32 17.70 -58.36
C ALA H 63 9.79 17.09 -59.69
N GLU H 64 9.38 17.70 -60.81
CA GLU H 64 9.90 17.30 -62.13
C GLU H 64 11.42 17.39 -62.18
N ALA H 65 11.97 18.50 -61.68
CA ALA H 65 13.43 18.73 -61.66
C ALA H 65 14.22 17.58 -61.01
N ALA H 66 13.54 16.78 -60.18
CA ALA H 66 14.12 15.55 -59.64
C ALA H 66 13.38 14.30 -60.10
N GLY H 67 12.69 14.38 -61.24
CA GLY H 67 12.03 13.23 -61.87
C GLY H 67 10.84 12.60 -61.15
N ALA H 68 9.93 13.42 -60.64
CA ALA H 68 8.69 12.90 -60.05
C ALA H 68 7.50 13.64 -60.64
N THR H 69 6.40 12.92 -60.82
CA THR H 69 5.26 13.50 -61.50
C THR H 69 4.12 13.68 -60.54
N LYS H 70 3.09 14.39 -60.99
CA LYS H 70 1.88 14.57 -60.20
C LYS H 70 1.36 13.21 -59.71
N ALA H 71 1.64 12.16 -60.47
CA ALA H 71 1.19 10.80 -60.17
C ALA H 71 2.00 10.09 -59.08
N ASP H 72 3.18 10.63 -58.75
CA ASP H 72 4.03 10.11 -57.67
C ASP H 72 3.83 10.74 -56.27
N ALA H 73 2.81 11.60 -56.13
CA ALA H 73 2.54 12.26 -54.85
C ALA H 73 2.03 11.27 -53.78
N VAL H 74 2.82 11.06 -52.73
CA VAL H 74 2.37 10.22 -51.63
C VAL H 74 1.79 11.02 -50.45
N ARG H 75 2.17 12.31 -50.34
CA ARG H 75 1.57 13.19 -49.32
C ARG H 75 1.51 14.64 -49.76
N LEU H 76 0.44 15.32 -49.38
CA LEU H 76 0.27 16.73 -49.68
C LEU H 76 -0.29 17.39 -48.45
N THR H 77 0.49 18.25 -47.81
CA THR H 77 -0.06 18.92 -46.64
C THR H 77 -0.26 20.34 -47.03
N VAL H 78 -1.50 20.78 -47.01
CA VAL H 78 -1.80 22.11 -47.50
C VAL H 78 -2.14 22.97 -46.30
N PHE H 79 -1.52 24.13 -46.21
CA PHE H 79 -1.79 25.06 -45.13
C PHE H 79 -2.45 26.27 -45.72
N VAL H 80 -3.60 26.62 -45.18
CA VAL H 80 -4.38 27.74 -45.73
C VAL H 80 -4.72 28.74 -44.66
N THR H 81 -5.00 29.95 -45.10
CA THR H 81 -5.27 31.03 -44.21
C THR H 81 -6.75 31.13 -43.81
N ASP H 82 -7.63 30.59 -44.66
CA ASP H 82 -9.06 30.50 -44.41
C ASP H 82 -9.58 29.24 -45.10
N VAL H 83 -9.83 28.19 -44.32
CA VAL H 83 -10.17 26.88 -44.88
C VAL H 83 -11.58 26.81 -45.49
N ALA H 84 -12.53 27.55 -44.93
CA ALA H 84 -13.87 27.60 -45.51
C ALA H 84 -13.86 28.25 -46.89
N LYS H 85 -13.01 29.26 -47.07
CA LYS H 85 -12.90 30.00 -48.33
C LYS H 85 -11.98 29.37 -49.39
N TYR H 86 -10.87 28.75 -48.96
CA TYR H 86 -9.85 28.31 -49.89
C TYR H 86 -9.84 26.82 -50.18
N ARG H 87 -10.41 26.04 -49.27
CA ARG H 87 -10.53 24.60 -49.46
C ARG H 87 -11.31 24.23 -50.73
N PRO H 88 -12.41 24.94 -51.04
CA PRO H 88 -13.10 24.65 -52.31
C PRO H 88 -12.20 24.97 -53.49
N VAL H 89 -11.47 26.08 -53.39
CA VAL H 89 -10.52 26.49 -54.44
C VAL H 89 -9.46 25.41 -54.66
N VAL H 90 -8.92 24.86 -53.56
CA VAL H 90 -7.98 23.74 -53.65
C VAL H 90 -8.64 22.51 -54.29
N ASN H 91 -9.92 22.31 -54.04
CA ASN H 91 -10.62 21.18 -54.63
C ASN H 91 -10.68 21.28 -56.16
N LYS H 92 -11.08 22.47 -56.63
CA LYS H 92 -11.17 22.77 -58.06
C LYS H 92 -9.84 22.59 -58.77
N VAL H 93 -8.80 23.19 -58.22
CA VAL H 93 -7.47 23.11 -58.78
C VAL H 93 -6.98 21.67 -58.86
N GLN H 94 -7.24 20.88 -57.84
CA GLN H 94 -6.83 19.48 -57.85
C GLN H 94 -7.61 18.68 -58.92
N LYS H 95 -8.85 19.11 -59.18
CA LYS H 95 -9.66 18.54 -60.26
C LYS H 95 -9.01 18.74 -61.62
N ASP H 96 -8.51 19.95 -61.88
CA ASP H 96 -7.76 20.27 -63.09
C ASP H 96 -6.44 19.47 -63.25
N ILE H 97 -5.61 19.41 -62.21
CA ILE H 97 -4.31 18.79 -62.36
C ILE H 97 -4.44 17.29 -62.40
N TRP H 98 -5.30 16.76 -61.54
CA TRP H 98 -5.44 15.31 -61.39
C TRP H 98 -6.65 14.69 -62.11
N GLY H 99 -7.54 15.51 -62.65
CA GLY H 99 -8.67 15.00 -63.41
C GLY H 99 -9.63 14.21 -62.54
N ASP H 100 -9.97 13.00 -62.98
CA ASP H 100 -10.92 12.14 -62.27
C ASP H 100 -10.22 11.11 -61.39
N GLY H 101 -9.03 11.46 -60.89
CA GLY H 101 -8.28 10.56 -60.00
C GLY H 101 -7.28 9.71 -60.75
N PRO H 102 -6.47 8.92 -60.02
CA PRO H 102 -6.40 8.88 -58.56
C PRO H 102 -5.78 10.16 -57.94
N TYR H 103 -6.17 10.46 -56.70
CA TYR H 103 -5.69 11.61 -55.93
C TYR H 103 -4.66 11.22 -54.88
N PRO H 104 -3.69 12.09 -54.59
CA PRO H 104 -2.77 11.70 -53.52
C PRO H 104 -3.39 11.92 -52.14
N PRO H 105 -2.84 11.26 -51.11
CA PRO H 105 -3.30 11.54 -49.75
C PRO H 105 -3.03 13.02 -49.39
N ARG H 106 -4.05 13.75 -48.95
CA ARG H 106 -3.87 15.13 -48.57
C ARG H 106 -4.25 15.38 -47.12
N THR H 107 -4.03 16.62 -46.69
CA THR H 107 -4.56 17.11 -45.45
C THR H 107 -4.55 18.65 -45.48
N VAL H 108 -5.62 19.29 -44.98
CA VAL H 108 -5.82 20.73 -45.24
C VAL H 108 -6.25 21.51 -44.00
N LEU H 109 -5.34 22.33 -43.47
CA LEU H 109 -5.58 23.03 -42.20
C LEU H 109 -5.64 24.51 -42.34
N GLN H 110 -6.41 25.18 -41.51
CA GLN H 110 -6.33 26.62 -41.40
C GLN H 110 -5.10 26.94 -40.54
N VAL H 111 -4.47 28.08 -40.80
CA VAL H 111 -3.27 28.45 -40.07
C VAL H 111 -3.30 29.97 -40.05
N PRO H 112 -2.85 30.61 -38.95
CA PRO H 112 -3.02 32.07 -38.79
C PRO H 112 -2.27 32.96 -39.79
N ALA H 113 -1.08 32.54 -40.23
CA ALA H 113 -0.27 33.30 -41.19
C ALA H 113 0.84 32.42 -41.78
N LEU H 114 1.39 32.84 -42.91
CA LEU H 114 2.35 32.01 -43.65
C LEU H 114 3.65 32.73 -44.08
N ASP H 115 4.60 31.92 -44.58
CA ASP H 115 5.71 32.40 -45.44
C ASP H 115 5.17 33.60 -46.29
N GLN H 116 5.72 34.81 -46.09
CA GLN H 116 5.46 35.95 -47.00
C GLN H 116 4.08 36.66 -46.89
N GLY H 117 3.18 36.15 -46.06
CA GLY H 117 1.82 36.73 -45.92
C GLY H 117 0.89 36.22 -47.01
N ASP H 118 1.24 35.07 -47.60
CA ASP H 118 0.38 34.42 -48.61
C ASP H 118 -0.88 33.78 -47.98
N ILE H 119 -1.80 33.34 -48.83
CA ILE H 119 -3.04 32.69 -48.41
C ILE H 119 -2.97 31.16 -48.35
N ALA H 120 -2.05 30.55 -49.10
CA ALA H 120 -1.88 29.09 -49.03
C ALA H 120 -0.44 28.69 -49.19
N GLU H 121 -0.09 27.51 -48.69
CA GLU H 121 1.25 26.96 -48.82
C GLU H 121 1.18 25.46 -48.74
N ILE H 122 2.16 24.77 -49.34
CA ILE H 122 2.06 23.33 -49.49
C ILE H 122 3.37 22.55 -49.43
N ASP H 123 3.35 21.47 -48.66
CA ASP H 123 4.45 20.52 -48.60
C ASP H 123 4.04 19.27 -49.38
N GLY H 124 4.85 18.87 -50.33
CA GLY H 124 4.60 17.66 -51.07
C GLY H 124 5.77 16.73 -50.81
N THR H 125 5.46 15.44 -50.72
CA THR H 125 6.43 14.34 -50.63
C THR H 125 6.09 13.37 -51.73
N PHE H 126 7.10 12.76 -52.31
CA PHE H 126 6.92 12.01 -53.55
C PHE H 126 7.71 10.73 -53.57
N TYR H 127 7.13 9.73 -54.24
CA TYR H 127 7.76 8.43 -54.44
C TYR H 127 7.94 8.20 -55.93
N ALA H 128 9.19 8.02 -56.36
CA ALA H 128 9.52 7.91 -57.77
C ALA H 128 10.86 7.20 -57.96
N PRO H 129 10.87 5.85 -57.88
CA PRO H 129 12.11 5.07 -57.95
C PRO H 129 12.84 5.25 -59.29
N ALA H 130 14.17 5.14 -59.26
CA ALA H 130 15.09 5.33 -60.42
C ALA H 130 14.50 5.00 -61.82
N SER I 2 6.49 1.51 -58.42
CA SER I 2 5.59 2.67 -58.15
C SER I 2 4.75 2.58 -56.89
N LEU I 3 3.98 3.64 -56.63
CA LEU I 3 3.13 3.75 -55.44
C LEU I 3 1.76 3.12 -55.69
N LYS I 4 1.18 2.57 -54.64
CA LYS I 4 -0.14 1.97 -54.71
C LYS I 4 -1.07 2.72 -53.78
N ILE I 5 -2.07 3.42 -54.35
CA ILE I 5 -3.10 4.05 -53.52
C ILE I 5 -3.83 2.97 -52.75
N ILE I 6 -4.05 3.18 -51.46
CA ILE I 6 -4.86 2.25 -50.66
C ILE I 6 -6.32 2.34 -51.09
N ALA I 7 -6.84 1.19 -51.53
CA ALA I 7 -8.23 1.05 -51.97
C ALA I 7 -9.19 0.90 -50.77
N PRO I 8 -10.27 1.69 -50.76
CA PRO I 8 -11.28 1.69 -49.68
C PRO I 8 -11.80 0.28 -49.34
N THR I 9 -12.19 0.10 -48.09
CA THR I 9 -12.41 -1.23 -47.55
C THR I 9 -13.66 -1.25 -46.68
N ASP I 10 -14.11 -2.45 -46.33
CA ASP I 10 -15.25 -2.64 -45.43
C ASP I 10 -14.91 -2.22 -43.99
N LYS I 11 -13.61 -2.07 -43.68
CA LYS I 11 -13.12 -1.60 -42.37
C LYS I 11 -12.64 -0.15 -42.44
N THR I 12 -12.58 0.38 -43.65
CA THR I 12 -11.89 1.64 -43.95
C THR I 12 -12.84 2.81 -44.19
N ILE I 13 -12.27 4.00 -44.38
CA ILE I 13 -13.05 5.21 -44.69
C ILE I 13 -13.38 5.22 -46.19
N THR I 14 -14.24 6.15 -46.61
CA THR I 14 -14.56 6.27 -48.03
C THR I 14 -14.33 7.69 -48.59
N PRO I 15 -13.35 7.83 -49.52
CA PRO I 15 -12.96 9.15 -50.03
C PRO I 15 -14.09 9.82 -50.80
N SER I 16 -14.37 11.08 -50.47
CA SER I 16 -15.58 11.77 -50.94
C SER I 16 -15.27 13.14 -51.57
N GLY I 17 -14.14 13.19 -52.26
CA GLY I 17 -13.63 14.44 -52.82
C GLY I 17 -12.29 14.17 -53.44
N THR I 18 -11.52 15.23 -53.66
CA THR I 18 -10.28 15.09 -54.44
C THR I 18 -9.15 14.57 -53.61
N TRP I 19 -9.28 13.35 -53.11
CA TRP I 19 -8.25 12.75 -52.25
C TRP I 19 -8.39 11.24 -52.10
N SER I 20 -7.31 10.61 -51.67
CA SER I 20 -7.39 9.21 -51.33
C SER I 20 -7.02 9.02 -49.85
N ILE I 21 -7.25 7.81 -49.33
CA ILE I 21 -7.09 7.59 -47.91
C ILE I 21 -5.62 7.46 -47.55
N GLY I 22 -4.85 6.87 -48.45
CA GLY I 22 -3.47 6.64 -48.15
C GLY I 22 -2.75 6.12 -49.35
N ALA I 23 -1.47 5.84 -49.18
CA ALA I 23 -0.69 5.26 -50.25
C ALA I 23 0.42 4.41 -49.69
N ARG I 24 0.67 3.29 -50.36
CA ARG I 24 1.84 2.49 -50.08
C ARG I 24 2.94 2.90 -51.05
N ALA I 25 4.14 3.09 -50.54
CA ALA I 25 5.26 3.50 -51.38
C ALA I 25 6.50 2.79 -50.92
N GLY I 26 6.93 1.79 -51.70
CA GLY I 26 8.00 0.87 -51.28
C GLY I 26 7.66 0.34 -49.90
N ASP I 27 8.52 0.65 -48.92
CA ASP I 27 8.31 0.15 -47.58
C ASP I 27 7.47 1.03 -46.69
N PHE I 28 7.08 2.20 -47.16
CA PHE I 28 6.35 3.13 -46.30
C PHE I 28 4.89 3.18 -46.66
N VAL I 29 4.07 3.57 -45.67
CA VAL I 29 2.65 3.75 -45.87
C VAL I 29 2.29 5.14 -45.39
N PHE I 30 1.69 5.93 -46.27
CA PHE I 30 1.30 7.28 -45.88
C PHE I 30 -0.21 7.40 -45.75
N ILE I 31 -0.70 7.79 -44.61
CA ILE I 31 -2.14 7.99 -44.48
C ILE I 31 -2.46 9.48 -44.55
N GLY I 32 -3.48 9.85 -45.31
CA GLY I 32 -3.87 11.24 -45.42
C GLY I 32 -4.56 11.65 -44.14
N GLY I 33 -4.99 12.91 -44.08
CA GLY I 33 -5.62 13.44 -42.86
C GLY I 33 -6.89 12.72 -42.47
N MET I 34 -6.87 12.08 -41.30
CA MET I 34 -8.03 11.41 -40.69
C MET I 34 -8.77 12.24 -39.60
N HIS I 35 -10.10 12.16 -39.60
CA HIS I 35 -10.93 12.83 -38.57
C HIS I 35 -11.64 11.75 -37.73
N GLY I 36 -12.33 12.15 -36.66
CA GLY I 36 -13.15 11.20 -35.89
C GLY I 36 -14.56 11.03 -36.43
N THR I 37 -14.66 10.66 -37.71
CA THR I 37 -15.95 10.40 -38.37
C THR I 37 -16.27 8.89 -38.44
N ASP I 38 -17.55 8.58 -38.60
CA ASP I 38 -17.98 7.19 -38.85
C ASP I 38 -17.77 6.81 -40.34
N ARG I 39 -17.11 5.67 -40.58
CA ARG I 39 -16.80 5.24 -41.94
C ARG I 39 -17.99 5.18 -42.86
N VAL I 40 -19.19 5.01 -42.31
CA VAL I 40 -20.35 4.86 -43.17
C VAL I 40 -21.07 6.20 -43.47
N THR I 41 -21.45 6.90 -42.41
CA THR I 41 -22.19 8.14 -42.56
C THR I 41 -21.25 9.28 -42.98
N GLY I 42 -20.05 9.28 -42.40
CA GLY I 42 -19.12 10.38 -42.53
C GLY I 42 -19.35 11.44 -41.47
N LYS I 43 -20.20 11.14 -40.48
CA LYS I 43 -20.52 12.07 -39.37
C LYS I 43 -19.56 11.95 -38.18
N MET I 44 -19.38 13.06 -37.48
CA MET I 44 -18.49 13.12 -36.32
C MET I 44 -19.13 12.45 -35.12
N VAL I 45 -18.50 11.40 -34.62
CA VAL I 45 -18.95 10.71 -33.41
C VAL I 45 -19.15 11.71 -32.25
N ASP I 46 -20.06 11.42 -31.33
CA ASP I 46 -20.32 12.32 -30.20
C ASP I 46 -19.28 12.19 -29.09
N GLY I 47 -18.92 13.35 -28.49
CA GLY I 47 -17.98 13.41 -27.36
C GLY I 47 -16.48 13.33 -27.62
N ASP I 48 -15.74 14.30 -27.06
CA ASP I 48 -14.26 14.33 -27.04
C ASP I 48 -13.53 12.98 -27.21
N GLU I 49 -13.65 12.11 -26.21
CA GLU I 49 -12.82 10.91 -26.15
C GLU I 49 -13.19 9.90 -27.21
N ALA I 50 -14.47 9.87 -27.58
CA ALA I 50 -14.91 8.93 -28.60
C ALA I 50 -14.30 9.37 -29.94
N ARG I 51 -14.40 10.67 -30.21
CA ARG I 51 -13.95 11.25 -31.46
C ARG I 51 -12.46 11.05 -31.70
N ILE I 52 -11.63 11.36 -30.70
CA ILE I 52 -10.19 11.15 -30.81
C ILE I 52 -9.84 9.67 -30.96
N ARG I 53 -10.60 8.80 -30.32
CA ARG I 53 -10.37 7.38 -30.48
C ARG I 53 -10.77 7.02 -31.91
N ARG I 54 -11.83 7.65 -32.41
CA ARG I 54 -12.32 7.33 -33.73
C ARG I 54 -11.28 7.75 -34.76
N MET I 55 -10.87 9.01 -34.68
CA MET I 55 -9.73 9.53 -35.42
C MET I 55 -8.61 8.48 -35.56
N PHE I 56 -8.10 7.97 -34.44
CA PHE I 56 -7.04 6.96 -34.49
C PHE I 56 -7.48 5.65 -35.10
N ASP I 57 -8.74 5.26 -34.84
CA ASP I 57 -9.26 4.00 -35.36
C ASP I 57 -9.29 4.08 -36.88
N ASN I 58 -9.75 5.22 -37.39
CA ASN I 58 -9.74 5.47 -38.83
C ASN I 58 -8.34 5.37 -39.42
N MET I 59 -7.39 6.09 -38.82
CA MET I 59 -6.01 6.06 -39.31
C MET I 59 -5.54 4.62 -39.35
N LEU I 60 -5.70 3.91 -38.24
CA LEU I 60 -5.12 2.57 -38.14
C LEU I 60 -5.78 1.58 -39.08
N ALA I 61 -7.08 1.72 -39.28
CA ALA I 61 -7.79 0.87 -40.24
C ALA I 61 -7.19 1.04 -41.64
N ALA I 62 -6.96 2.30 -42.03
CA ALA I 62 -6.33 2.61 -43.30
C ALA I 62 -4.92 2.05 -43.37
N ALA I 63 -4.14 2.23 -42.31
CA ALA I 63 -2.79 1.65 -42.27
C ALA I 63 -2.86 0.13 -42.38
N GLU I 64 -3.90 -0.43 -41.79
CA GLU I 64 -4.10 -1.87 -41.75
C GLU I 64 -4.39 -2.39 -43.15
N ALA I 65 -5.20 -1.65 -43.91
CA ALA I 65 -5.49 -2.04 -45.28
C ALA I 65 -4.24 -2.12 -46.20
N ALA I 66 -3.13 -1.51 -45.77
CA ALA I 66 -1.90 -1.51 -46.58
C ALA I 66 -0.84 -2.36 -45.93
N GLY I 67 -1.21 -3.03 -44.84
CA GLY I 67 -0.32 -3.95 -44.17
C GLY I 67 0.51 -3.33 -43.08
N ALA I 68 0.00 -2.27 -42.44
CA ALA I 68 0.75 -1.59 -41.39
C ALA I 68 -0.02 -1.64 -40.10
N THR I 69 0.68 -2.02 -39.03
CA THR I 69 0.10 -2.17 -37.69
C THR I 69 0.42 -0.93 -36.85
N LYS I 70 -0.19 -0.79 -35.68
CA LYS I 70 0.11 0.36 -34.77
C LYS I 70 1.59 0.49 -34.37
N ALA I 71 2.34 -0.61 -34.39
CA ALA I 71 3.73 -0.59 -33.96
C ALA I 71 4.65 -0.22 -35.12
N ASP I 72 4.04 0.11 -36.25
CA ASP I 72 4.76 0.54 -37.44
C ASP I 72 4.75 2.07 -37.69
N ALA I 73 4.15 2.85 -36.78
CA ALA I 73 4.10 4.30 -36.95
C ALA I 73 5.48 4.94 -36.71
N VAL I 74 5.84 5.85 -37.62
CA VAL I 74 7.12 6.52 -37.55
C VAL I 74 6.97 7.99 -37.34
N ARG I 75 5.79 8.53 -37.65
CA ARG I 75 5.45 9.89 -37.23
C ARG I 75 3.96 10.10 -37.19
N LEU I 76 3.50 10.70 -36.09
CA LEU I 76 2.12 11.15 -35.99
C LEU I 76 2.11 12.65 -35.79
N THR I 77 1.43 13.36 -36.67
CA THR I 77 1.25 14.80 -36.46
C THR I 77 -0.21 15.03 -36.12
N VAL I 78 -0.48 15.40 -34.89
CA VAL I 78 -1.83 15.61 -34.47
C VAL I 78 -2.15 17.10 -34.45
N PHE I 79 -3.30 17.47 -34.99
CA PHE I 79 -3.72 18.87 -35.01
C PHE I 79 -4.99 19.03 -34.20
N VAL I 80 -5.00 20.00 -33.28
CA VAL I 80 -6.16 20.20 -32.42
C VAL I 80 -6.68 21.64 -32.37
N THR I 81 -7.94 21.80 -31.95
CA THR I 81 -8.58 23.11 -31.87
C THR I 81 -8.08 23.88 -30.65
N ASP I 82 -7.95 23.17 -29.53
CA ASP I 82 -7.44 23.70 -28.25
C ASP I 82 -6.51 22.66 -27.70
N VAL I 83 -5.22 22.95 -27.69
CA VAL I 83 -4.23 21.97 -27.26
C VAL I 83 -4.37 21.59 -25.78
N ALA I 84 -4.44 22.59 -24.88
CA ALA I 84 -4.57 22.36 -23.45
C ALA I 84 -5.69 21.37 -23.11
N LYS I 85 -6.88 21.64 -23.68
CA LYS I 85 -8.10 20.84 -23.53
C LYS I 85 -8.02 19.44 -24.15
N TYR I 86 -7.32 19.30 -25.28
CA TYR I 86 -7.35 18.01 -25.99
C TYR I 86 -6.06 17.17 -25.93
N ARG I 87 -4.95 17.80 -25.58
CA ARG I 87 -3.69 17.07 -25.43
C ARG I 87 -3.85 15.88 -24.45
N PRO I 88 -4.47 16.14 -23.28
CA PRO I 88 -4.67 15.03 -22.33
C PRO I 88 -5.43 13.85 -22.98
N VAL I 89 -6.51 14.15 -23.71
CA VAL I 89 -7.34 13.11 -24.36
C VAL I 89 -6.53 12.25 -25.34
N VAL I 90 -5.77 12.93 -26.19
CA VAL I 90 -4.82 12.27 -27.08
C VAL I 90 -3.97 11.31 -26.29
N ASN I 91 -3.43 11.80 -25.17
CA ASN I 91 -2.51 11.02 -24.33
C ASN I 91 -3.20 9.78 -23.84
N LYS I 92 -4.42 9.96 -23.34
CA LYS I 92 -5.29 8.91 -22.83
C LYS I 92 -5.59 7.92 -23.94
N VAL I 93 -5.96 8.42 -25.10
CA VAL I 93 -6.23 7.52 -26.21
C VAL I 93 -4.98 6.67 -26.55
N GLN I 94 -3.82 7.29 -26.55
CA GLN I 94 -2.59 6.57 -26.88
C GLN I 94 -2.22 5.45 -25.89
N LYS I 95 -2.61 5.64 -24.62
CA LYS I 95 -2.40 4.64 -23.57
C LYS I 95 -3.19 3.37 -23.87
N ASP I 96 -4.49 3.53 -24.08
CA ASP I 96 -5.34 2.43 -24.58
C ASP I 96 -4.63 1.67 -25.69
N ILE I 97 -4.30 2.36 -26.78
CA ILE I 97 -3.78 1.73 -28.01
C ILE I 97 -2.35 1.21 -27.91
N TRP I 98 -1.49 1.98 -27.23
CA TRP I 98 -0.07 1.68 -27.28
C TRP I 98 0.50 1.01 -26.03
N GLY I 99 -0.27 1.03 -24.95
CA GLY I 99 0.12 0.34 -23.73
C GLY I 99 1.15 1.14 -22.97
N ASP I 100 2.10 0.45 -22.34
CA ASP I 100 3.19 1.14 -21.65
C ASP I 100 4.33 1.41 -22.64
N GLY I 101 4.05 1.15 -23.91
CA GLY I 101 4.99 1.48 -24.98
C GLY I 101 5.48 0.27 -25.75
N PRO I 102 6.42 0.47 -26.70
CA PRO I 102 7.01 1.74 -27.11
C PRO I 102 6.04 2.60 -27.95
N TYR I 103 6.24 3.91 -27.92
CA TYR I 103 5.39 4.86 -28.63
C TYR I 103 6.01 5.42 -29.92
N PRO I 104 5.16 5.87 -30.87
CA PRO I 104 5.74 6.50 -32.05
C PRO I 104 6.15 7.95 -31.80
N PRO I 105 7.15 8.45 -32.54
CA PRO I 105 7.44 9.87 -32.50
C PRO I 105 6.22 10.68 -32.93
N ARG I 106 5.97 11.79 -32.25
CA ARG I 106 4.81 12.58 -32.56
C ARG I 106 5.00 14.04 -32.32
N THR I 107 4.02 14.80 -32.80
CA THR I 107 4.03 16.22 -32.58
C THR I 107 2.58 16.68 -32.54
N VAL I 108 2.25 17.54 -31.57
CA VAL I 108 0.87 17.95 -31.32
C VAL I 108 0.75 19.48 -31.31
N LEU I 109 0.06 20.05 -32.30
CA LEU I 109 0.00 21.51 -32.46
C LEU I 109 -1.43 21.99 -32.43
N GLN I 110 -1.64 23.19 -31.89
CA GLN I 110 -2.94 23.80 -31.93
C GLN I 110 -3.07 24.56 -33.24
N VAL I 111 -4.26 24.56 -33.81
CA VAL I 111 -4.48 25.14 -35.11
C VAL I 111 -5.90 25.72 -35.08
N PRO I 112 -6.16 26.86 -35.75
CA PRO I 112 -7.43 27.56 -35.44
C PRO I 112 -8.72 26.91 -35.96
N ALA I 113 -8.62 26.13 -37.02
CA ALA I 113 -9.78 25.42 -37.54
C ALA I 113 -9.36 24.24 -38.42
N LEU I 114 -10.22 23.23 -38.50
CA LEU I 114 -9.96 22.07 -39.36
C LEU I 114 -11.15 21.85 -40.29
N ASP I 115 -11.11 20.77 -41.09
CA ASP I 115 -12.26 20.51 -41.99
C ASP I 115 -13.58 20.25 -41.24
N GLN I 116 -14.58 21.07 -41.60
CA GLN I 116 -15.97 21.00 -41.08
C GLN I 116 -16.11 21.23 -39.55
N GLY I 117 -15.18 21.99 -38.97
CA GLY I 117 -15.26 22.39 -37.57
C GLY I 117 -14.95 21.28 -36.58
N ASP I 118 -14.34 20.19 -37.06
CA ASP I 118 -13.88 19.13 -36.18
C ASP I 118 -12.87 19.70 -35.17
N ILE I 119 -12.42 18.86 -34.24
CA ILE I 119 -11.57 19.35 -33.17
C ILE I 119 -10.16 18.77 -33.21
N ALA I 120 -9.98 17.74 -34.05
CA ALA I 120 -8.69 17.06 -34.20
C ALA I 120 -8.59 16.41 -35.57
N GLU I 121 -7.39 16.44 -36.15
CA GLU I 121 -7.06 15.71 -37.37
C GLU I 121 -5.70 15.03 -37.18
N ILE I 122 -5.44 13.92 -37.87
CA ILE I 122 -4.14 13.27 -37.70
C ILE I 122 -3.49 12.77 -39.01
N ASP I 123 -2.18 12.97 -39.14
CA ASP I 123 -1.40 12.33 -40.19
C ASP I 123 -0.53 11.26 -39.60
N GLY I 124 -0.61 10.03 -40.12
CA GLY I 124 0.29 9.00 -39.69
C GLY I 124 1.14 8.56 -40.86
N THR I 125 2.38 8.20 -40.58
CA THR I 125 3.29 7.71 -41.60
C THR I 125 3.87 6.45 -41.03
N PHE I 126 3.92 5.39 -41.83
CA PHE I 126 4.21 4.07 -41.25
C PHE I 126 5.30 3.43 -42.05
N TYR I 127 6.11 2.62 -41.36
CA TYR I 127 7.11 1.78 -41.99
C TYR I 127 6.79 0.31 -41.73
N ALA I 128 6.39 -0.38 -42.80
CA ALA I 128 5.97 -1.77 -42.72
C ALA I 128 6.50 -2.60 -43.90
N PRO I 129 7.80 -2.97 -43.88
CA PRO I 129 8.30 -3.85 -44.95
C PRO I 129 7.78 -5.29 -44.84
N SER J 2 -0.88 -44.46 37.39
CA SER J 2 -0.03 -43.68 38.34
C SER J 2 0.86 -42.66 37.63
N LEU J 3 1.23 -41.61 38.36
CA LEU J 3 2.23 -40.65 37.86
C LEU J 3 3.54 -41.36 37.55
N LYS J 4 4.29 -40.81 36.60
CA LYS J 4 5.66 -41.24 36.32
C LYS J 4 6.59 -40.05 36.52
N ILE J 5 7.47 -40.12 37.50
CA ILE J 5 8.46 -39.06 37.74
C ILE J 5 9.39 -38.96 36.53
N ILE J 6 9.75 -37.73 36.14
CA ILE J 6 10.68 -37.56 35.03
C ILE J 6 12.12 -37.78 35.51
N ALA J 7 12.71 -38.89 35.04
CA ALA J 7 14.11 -39.20 35.29
C ALA J 7 15.01 -38.18 34.56
N PRO J 8 16.04 -37.67 35.25
CA PRO J 8 17.01 -36.78 34.60
C PRO J 8 17.60 -37.33 33.29
N THR J 9 18.05 -36.42 32.45
CA THR J 9 18.42 -36.68 31.06
C THR J 9 19.70 -35.86 30.81
N ASP J 10 20.48 -36.25 29.79
CA ASP J 10 21.65 -35.48 29.30
C ASP J 10 21.25 -34.07 28.79
N LYS J 11 20.00 -33.94 28.36
CA LYS J 11 19.44 -32.64 28.02
C LYS J 11 18.72 -31.93 29.18
N THR J 12 18.69 -32.56 30.36
CA THR J 12 17.89 -32.08 31.51
C THR J 12 18.70 -31.65 32.73
N ILE J 13 18.08 -30.80 33.56
CA ILE J 13 18.55 -30.42 34.91
C ILE J 13 18.78 -31.66 35.78
N THR J 14 19.63 -31.55 36.80
CA THR J 14 19.74 -32.65 37.79
C THR J 14 19.25 -32.24 39.20
N PRO J 15 18.27 -32.97 39.76
CA PRO J 15 17.80 -32.68 41.11
C PRO J 15 18.90 -32.79 42.15
N SER J 16 19.00 -31.78 43.03
CA SER J 16 20.02 -31.73 44.06
C SER J 16 19.44 -31.51 45.46
N GLY J 17 18.17 -31.87 45.66
CA GLY J 17 17.51 -31.70 46.96
C GLY J 17 16.21 -32.47 46.98
N THR J 18 15.36 -32.18 47.97
CA THR J 18 14.13 -32.96 48.14
C THR J 18 13.03 -32.61 47.11
N TRP J 19 13.35 -32.82 45.84
CA TRP J 19 12.40 -32.54 44.78
C TRP J 19 12.79 -33.32 43.55
N SER J 20 11.88 -33.36 42.59
CA SER J 20 12.11 -33.94 41.27
C SER J 20 11.84 -32.88 40.21
N ILE J 21 12.21 -33.17 38.97
CA ILE J 21 12.06 -32.17 37.95
C ILE J 21 10.60 -32.03 37.54
N GLY J 22 9.90 -33.15 37.41
CA GLY J 22 8.51 -33.09 36.98
C GLY J 22 7.85 -34.43 37.01
N ALA J 23 6.61 -34.50 36.55
CA ALA J 23 5.88 -35.74 36.54
C ALA J 23 4.94 -35.75 35.39
N ARG J 24 4.89 -36.85 34.64
CA ARG J 24 3.76 -37.07 33.76
C ARG J 24 2.67 -37.72 34.61
N ALA J 25 1.44 -37.34 34.36
CA ALA J 25 0.32 -37.86 35.09
C ALA J 25 -0.87 -37.89 34.15
N GLY J 26 -1.18 -39.07 33.64
CA GLY J 26 -2.22 -39.21 32.63
C GLY J 26 -1.73 -38.50 31.37
N ASP J 27 -2.52 -37.54 30.90
CA ASP J 27 -2.20 -36.73 29.75
C ASP J 27 -1.42 -35.47 30.13
N PHE J 28 -1.28 -35.19 31.43
CA PHE J 28 -0.69 -33.92 31.87
C PHE J 28 0.74 -34.05 32.29
N VAL J 29 1.52 -32.99 32.11
CA VAL J 29 2.91 -33.00 32.52
C VAL J 29 3.12 -31.77 33.40
N PHE J 30 3.72 -31.94 34.57
CA PHE J 30 3.84 -30.86 35.51
C PHE J 30 5.31 -30.66 35.76
N ILE J 31 5.86 -29.52 35.36
CA ILE J 31 7.25 -29.27 35.66
C ILE J 31 7.37 -28.49 36.95
N GLY J 32 8.34 -28.85 37.75
CA GLY J 32 8.66 -28.09 38.94
C GLY J 32 9.37 -26.81 38.58
N GLY J 33 9.60 -25.99 39.61
CA GLY J 33 10.15 -24.66 39.47
C GLY J 33 11.52 -24.71 38.82
N MET J 34 11.67 -23.97 37.73
CA MET J 34 12.91 -23.89 36.98
C MET J 34 13.58 -22.51 37.11
N HIS J 35 14.91 -22.50 37.23
CA HIS J 35 15.72 -21.28 37.26
C HIS J 35 16.49 -21.17 35.94
N GLY J 36 17.21 -20.08 35.74
CA GLY J 36 18.16 -20.02 34.64
C GLY J 36 19.53 -20.55 35.03
N THR J 37 19.60 -21.85 35.33
CA THR J 37 20.87 -22.44 35.73
C THR J 37 21.47 -23.25 34.59
N ASP J 38 22.80 -23.39 34.63
CA ASP J 38 23.46 -24.30 33.71
C ASP J 38 23.19 -25.76 34.11
N ARG J 39 22.66 -26.50 33.15
CA ARG J 39 22.40 -27.93 33.28
C ARG J 39 23.49 -28.68 34.05
N VAL J 40 24.75 -28.42 33.67
CA VAL J 40 25.91 -29.19 34.09
C VAL J 40 26.57 -28.60 35.34
N THR J 41 26.83 -27.30 35.32
CA THR J 41 27.57 -26.70 36.43
C THR J 41 26.62 -26.39 37.58
N GLY J 42 25.35 -26.18 37.26
CA GLY J 42 24.34 -25.83 38.26
C GLY J 42 24.41 -24.36 38.62
N LYS J 43 25.40 -23.68 38.08
CA LYS J 43 25.60 -22.26 38.34
C LYS J 43 24.62 -21.43 37.52
N MET J 44 24.29 -20.24 38.00
CA MET J 44 23.39 -19.33 37.30
C MET J 44 24.07 -18.62 36.12
N VAL J 45 23.38 -18.63 34.98
CA VAL J 45 23.82 -18.00 33.74
C VAL J 45 23.96 -16.46 33.84
N ASP J 46 24.66 -15.85 32.87
CA ASP J 46 25.19 -14.47 32.99
C ASP J 46 24.31 -13.28 32.65
N GLY J 47 23.77 -13.20 31.43
CA GLY J 47 22.95 -12.03 31.08
C GLY J 47 21.54 -12.05 31.67
N ASP J 48 21.06 -10.88 32.13
CA ASP J 48 19.63 -10.70 32.52
C ASP J 48 18.63 -11.52 31.66
N GLU J 49 18.82 -11.49 30.34
CA GLU J 49 17.88 -12.12 29.43
C GLU J 49 18.35 -13.50 28.97
N ALA J 50 19.64 -13.76 29.12
CA ALA J 50 20.17 -15.10 28.89
C ALA J 50 19.67 -16.03 29.99
N ARG J 51 19.45 -15.48 31.19
CA ARG J 51 18.99 -16.28 32.32
C ARG J 51 17.54 -16.69 32.12
N ILE J 52 16.68 -15.69 31.91
CA ILE J 52 15.28 -15.93 31.65
C ILE J 52 15.08 -16.87 30.48
N ARG J 53 15.94 -16.76 29.47
CA ARG J 53 15.83 -17.65 28.33
C ARG J 53 16.24 -19.04 28.78
N ARG J 54 17.21 -19.10 29.69
CA ARG J 54 17.67 -20.40 30.17
C ARG J 54 16.59 -21.09 31.01
N MET J 55 15.90 -20.30 31.83
CA MET J 55 14.68 -20.70 32.52
C MET J 55 13.75 -21.47 31.60
N PHE J 56 13.24 -20.80 30.57
CA PHE J 56 12.35 -21.46 29.63
C PHE J 56 12.97 -22.70 29.01
N ASP J 57 14.28 -22.68 28.74
CA ASP J 57 14.92 -23.80 28.02
C ASP J 57 14.95 -25.03 28.92
N ASN J 58 15.21 -24.81 30.21
CA ASN J 58 15.25 -25.88 31.19
C ASN J 58 13.88 -26.50 31.39
N MET J 59 12.86 -25.65 31.50
CA MET J 59 11.47 -26.12 31.61
C MET J 59 11.13 -26.93 30.38
N LEU J 60 11.49 -26.42 29.20
CA LEU J 60 11.06 -27.07 27.98
C LEU J 60 11.83 -28.37 27.74
N ALA J 61 13.10 -28.36 28.14
CA ALA J 61 13.90 -29.59 28.16
C ALA J 61 13.17 -30.68 28.97
N ALA J 62 12.85 -30.37 30.23
CA ALA J 62 12.08 -31.24 31.10
C ALA J 62 10.73 -31.69 30.51
N ALA J 63 9.96 -30.76 29.93
CA ALA J 63 8.71 -31.13 29.25
C ALA J 63 8.95 -32.05 28.03
N GLU J 64 10.09 -31.87 27.37
CA GLU J 64 10.43 -32.64 26.21
C GLU J 64 10.76 -34.07 26.64
N ALA J 65 11.44 -34.20 27.79
CA ALA J 65 11.75 -35.50 28.39
C ALA J 65 10.49 -36.34 28.72
N ALA J 66 9.30 -35.71 28.67
CA ALA J 66 8.01 -36.35 28.95
C ALA J 66 7.03 -36.37 27.76
N GLY J 67 7.53 -36.00 26.59
CA GLY J 67 6.73 -35.99 25.37
C GLY J 67 5.83 -34.77 25.23
N ALA J 68 6.21 -33.65 25.87
CA ALA J 68 5.49 -32.39 25.73
C ALA J 68 6.30 -31.26 25.08
N THR J 69 5.71 -30.63 24.07
CA THR J 69 6.36 -29.51 23.38
C THR J 69 5.92 -28.15 23.93
N LYS J 70 6.53 -27.08 23.43
CA LYS J 70 6.13 -25.71 23.77
C LYS J 70 4.64 -25.41 23.47
N ALA J 71 4.12 -26.01 22.39
CA ALA J 71 2.73 -25.81 21.95
C ALA J 71 1.72 -26.58 22.82
N ASP J 72 2.21 -27.07 23.95
CA ASP J 72 1.46 -27.95 24.85
C ASP J 72 1.25 -27.33 26.25
N ALA J 73 1.84 -26.16 26.50
CA ALA J 73 1.78 -25.50 27.78
C ALA J 73 0.36 -25.01 28.04
N VAL J 74 -0.21 -25.37 29.20
CA VAL J 74 -1.55 -24.92 29.58
C VAL J 74 -1.54 -23.86 30.68
N ARG J 75 -0.47 -23.75 31.45
CA ARG J 75 -0.35 -22.65 32.39
C ARG J 75 1.10 -22.35 32.61
N LEU J 76 1.48 -21.09 32.47
CA LEU J 76 2.82 -20.65 32.89
C LEU J 76 2.62 -19.66 34.01
N THR J 77 3.36 -19.89 35.08
CA THR J 77 3.30 -19.00 36.22
C THR J 77 4.72 -18.55 36.39
N VAL J 78 4.95 -17.25 36.19
CA VAL J 78 6.30 -16.70 36.26
C VAL J 78 6.46 -15.79 37.46
N PHE J 79 7.46 -16.06 38.30
CA PHE J 79 7.75 -15.24 39.45
C PHE J 79 9.02 -14.42 39.26
N VAL J 80 8.91 -13.10 39.34
CA VAL J 80 10.08 -12.23 39.15
C VAL J 80 10.43 -11.41 40.39
N THR J 81 11.68 -10.95 40.49
CA THR J 81 12.08 -10.13 41.63
C THR J 81 11.76 -8.66 41.42
N ASP J 82 11.65 -8.27 40.14
CA ASP J 82 11.25 -6.92 39.72
C ASP J 82 10.33 -7.03 38.51
N VAL J 83 9.06 -6.72 38.70
CA VAL J 83 8.12 -6.95 37.60
C VAL J 83 8.22 -5.94 36.43
N ALA J 84 8.35 -4.65 36.73
CA ALA J 84 8.64 -3.59 35.73
C ALA J 84 9.92 -3.84 34.90
N LYS J 85 10.98 -4.27 35.56
CA LYS J 85 12.24 -4.58 34.89
C LYS J 85 12.20 -5.90 34.10
N TYR J 86 11.56 -6.95 34.62
CA TYR J 86 11.69 -8.28 33.97
C TYR J 86 10.52 -8.74 33.07
N ARG J 87 9.35 -8.13 33.20
CA ARG J 87 8.25 -8.50 32.32
C ARG J 87 8.54 -8.28 30.82
N PRO J 88 9.12 -7.11 30.44
CA PRO J 88 9.42 -7.00 29.02
C PRO J 88 10.41 -8.06 28.53
N VAL J 89 11.38 -8.43 29.38
CA VAL J 89 12.31 -9.54 29.09
C VAL J 89 11.60 -10.90 28.94
N VAL J 90 10.62 -11.18 29.79
CA VAL J 90 9.84 -12.40 29.63
C VAL J 90 9.15 -12.33 28.27
N ASN J 91 8.47 -11.20 28.01
CA ASN J 91 7.79 -10.94 26.73
C ASN J 91 8.74 -11.13 25.53
N LYS J 92 9.95 -10.57 25.62
CA LYS J 92 10.90 -10.65 24.52
C LYS J 92 11.20 -12.12 24.23
N VAL J 93 11.45 -12.90 25.27
CA VAL J 93 11.76 -14.31 25.09
C VAL J 93 10.57 -15.11 24.56
N GLN J 94 9.41 -14.91 25.14
CA GLN J 94 8.26 -15.66 24.66
C GLN J 94 8.04 -15.48 23.16
N LYS J 95 8.31 -14.25 22.66
CA LYS J 95 8.21 -13.92 21.23
C LYS J 95 9.12 -14.77 20.37
N ASP J 96 10.30 -15.07 20.91
CA ASP J 96 11.29 -15.92 20.25
C ASP J 96 10.80 -17.36 20.15
N ILE J 97 10.25 -17.84 21.26
CA ILE J 97 9.93 -19.26 21.43
C ILE J 97 8.57 -19.57 20.80
N TRP J 98 7.60 -18.70 21.07
CA TRP J 98 6.27 -18.93 20.57
C TRP J 98 5.93 -18.18 19.28
N GLY J 99 6.88 -17.38 18.81
CA GLY J 99 6.72 -16.63 17.55
C GLY J 99 5.61 -15.61 17.74
N ASP J 100 4.68 -15.57 16.80
CA ASP J 100 3.49 -14.70 16.93
C ASP J 100 2.28 -15.47 17.51
N GLY J 101 2.51 -16.64 18.08
CA GLY J 101 1.41 -17.34 18.70
C GLY J 101 0.84 -18.50 17.91
N PRO J 102 -0.14 -19.21 18.52
CA PRO J 102 -0.71 -18.85 19.85
C PRO J 102 0.26 -19.00 21.03
N TYR J 103 0.02 -18.22 22.08
CA TYR J 103 0.77 -18.23 23.36
C TYR J 103 0.01 -18.91 24.50
N PRO J 104 0.73 -19.50 25.48
CA PRO J 104 0.04 -20.14 26.63
C PRO J 104 -0.58 -19.14 27.61
N PRO J 105 -1.67 -19.56 28.31
CA PRO J 105 -2.19 -18.77 29.41
C PRO J 105 -1.09 -18.60 30.42
N ARG J 106 -0.95 -17.43 31.00
CA ARG J 106 0.14 -17.24 31.94
C ARG J 106 -0.23 -16.20 32.94
N THR J 107 0.66 -16.02 33.89
CA THR J 107 0.49 -15.06 34.94
C THR J 107 1.89 -14.77 35.47
N VAL J 108 2.18 -13.49 35.69
CA VAL J 108 3.53 -13.02 36.01
C VAL J 108 3.46 -12.20 37.31
N LEU J 109 4.25 -12.53 38.32
CA LEU J 109 4.12 -11.83 39.60
C LEU J 109 5.44 -11.40 40.17
N GLN J 110 5.41 -10.34 40.97
CA GLN J 110 6.60 -9.94 41.66
C GLN J 110 6.64 -10.67 42.97
N VAL J 111 7.84 -11.02 43.36
CA VAL J 111 8.11 -11.85 44.52
C VAL J 111 9.42 -11.30 45.11
N PRO J 112 9.54 -11.21 46.45
CA PRO J 112 10.71 -10.58 47.04
C PRO J 112 12.02 -11.39 46.94
N ALA J 113 11.92 -12.71 46.87
CA ALA J 113 13.11 -13.57 46.81
C ALA J 113 12.78 -14.95 46.25
N LEU J 114 13.78 -15.58 45.63
CA LEU J 114 13.64 -16.97 45.17
C LEU J 114 14.82 -17.75 45.68
N ASP J 115 14.90 -19.03 45.29
CA ASP J 115 16.07 -19.82 45.67
C ASP J 115 17.27 -19.29 44.92
N GLN J 116 18.32 -18.99 45.69
CA GLN J 116 19.66 -18.66 45.18
C GLN J 116 19.84 -17.17 44.90
N GLY J 117 18.86 -16.38 45.34
CA GLY J 117 18.85 -14.95 45.08
C GLY J 117 18.70 -14.65 43.60
N ASP J 118 18.03 -15.55 42.87
CA ASP J 118 17.78 -15.41 41.43
C ASP J 118 16.73 -14.32 41.13
N ILE J 119 16.55 -13.99 39.85
CA ILE J 119 15.64 -12.93 39.42
C ILE J 119 14.29 -13.47 38.93
N ALA J 120 14.27 -14.71 38.46
CA ALA J 120 13.07 -15.32 37.88
C ALA J 120 13.05 -16.85 38.03
N GLU J 121 11.88 -17.37 38.43
CA GLU J 121 11.56 -18.82 38.47
C GLU J 121 10.25 -19.09 37.71
N ILE J 122 10.12 -20.26 37.08
CA ILE J 122 8.90 -20.56 36.36
C ILE J 122 8.26 -21.93 36.74
N ASP J 123 6.92 -21.97 36.77
CA ASP J 123 6.18 -23.21 36.94
C ASP J 123 5.38 -23.45 35.67
N GLY J 124 5.67 -24.53 34.97
CA GLY J 124 4.92 -24.83 33.77
C GLY J 124 4.17 -26.12 33.91
N THR J 125 3.01 -26.19 33.26
CA THR J 125 2.16 -27.34 33.30
C THR J 125 1.68 -27.55 31.88
N PHE J 126 1.70 -28.80 31.40
CA PHE J 126 1.48 -29.11 29.98
C PHE J 126 0.40 -30.17 29.80
N TYR J 127 -0.12 -30.28 28.57
CA TYR J 127 -1.11 -31.29 28.23
C TYR J 127 -0.67 -31.96 26.96
N ALA J 128 -0.28 -33.22 27.09
CA ALA J 128 0.37 -33.96 26.03
C ALA J 128 -0.18 -35.37 25.99
N PRO J 129 -1.42 -35.50 25.47
CA PRO J 129 -2.01 -36.84 25.36
C PRO J 129 -1.12 -37.67 24.45
N ALA J 130 -0.72 -38.86 24.94
CA ALA J 130 0.23 -39.78 24.26
C ALA J 130 0.04 -39.98 22.73
N SER K 2 -5.16 -32.88 21.64
CA SER K 2 -4.29 -31.80 22.20
C SER K 2 -5.07 -30.53 22.58
N LEU K 3 -4.37 -29.56 23.18
CA LEU K 3 -5.05 -28.40 23.80
C LEU K 3 -5.72 -27.43 22.80
N LYS K 4 -6.74 -26.73 23.24
CA LYS K 4 -7.36 -25.69 22.42
C LYS K 4 -7.34 -24.37 23.19
N ILE K 5 -6.83 -23.33 22.55
CA ILE K 5 -6.78 -22.01 23.16
C ILE K 5 -8.17 -21.40 23.04
N ILE K 6 -8.65 -20.84 24.14
CA ILE K 6 -9.92 -20.11 24.13
C ILE K 6 -9.86 -18.83 23.27
N ALA K 7 -10.68 -18.77 22.23
CA ALA K 7 -10.77 -17.54 21.44
C ALA K 7 -11.58 -16.45 22.19
N PRO K 8 -11.10 -15.20 22.16
CA PRO K 8 -11.85 -14.06 22.73
C PRO K 8 -13.28 -13.92 22.20
N THR K 9 -14.14 -13.29 22.98
CA THR K 9 -15.57 -13.26 22.74
C THR K 9 -16.03 -11.88 23.19
N ASP K 10 -17.20 -11.44 22.73
CA ASP K 10 -17.74 -10.15 23.19
C ASP K 10 -18.13 -10.12 24.68
N LYS K 11 -18.01 -11.28 25.33
CA LYS K 11 -18.22 -11.45 26.77
C LYS K 11 -16.89 -11.44 27.54
N THR K 12 -15.78 -11.42 26.81
CA THR K 12 -14.46 -11.79 27.32
C THR K 12 -13.38 -10.69 27.17
N ILE K 13 -12.32 -10.76 27.98
CA ILE K 13 -11.13 -9.91 27.83
C ILE K 13 -10.43 -10.20 26.47
N THR K 14 -9.75 -9.23 25.86
CA THR K 14 -8.99 -9.47 24.61
C THR K 14 -7.49 -9.36 24.83
N PRO K 15 -6.73 -10.44 24.57
CA PRO K 15 -5.25 -10.44 24.73
C PRO K 15 -4.48 -9.33 23.97
N SER K 16 -3.49 -8.76 24.65
CA SER K 16 -2.63 -7.73 24.11
C SER K 16 -1.23 -7.98 24.65
N GLY K 17 -0.75 -9.20 24.46
CA GLY K 17 0.51 -9.62 25.06
C GLY K 17 0.87 -10.99 24.58
N THR K 18 1.96 -11.51 25.12
CA THR K 18 2.33 -12.88 24.82
C THR K 18 1.61 -13.83 25.77
N TRP K 19 0.29 -13.90 25.60
CA TRP K 19 -0.55 -14.74 26.43
C TRP K 19 -1.95 -14.88 25.87
N SER K 20 -2.65 -15.92 26.33
CA SER K 20 -4.03 -16.19 25.99
C SER K 20 -4.84 -16.08 27.23
N ILE K 21 -6.15 -15.96 27.08
CA ILE K 21 -7.03 -15.88 28.23
C ILE K 21 -7.17 -17.26 28.90
N GLY K 22 -7.04 -18.32 28.11
CA GLY K 22 -6.99 -19.65 28.68
C GLY K 22 -7.05 -20.75 27.66
N ALA K 23 -7.09 -21.99 28.15
CA ALA K 23 -7.10 -23.16 27.29
C ALA K 23 -7.89 -24.29 27.88
N ARG K 24 -8.69 -24.96 27.04
CA ARG K 24 -9.24 -26.24 27.39
C ARG K 24 -8.21 -27.32 27.09
N ALA K 25 -7.90 -28.16 28.07
CA ALA K 25 -7.07 -29.32 27.84
C ALA K 25 -7.82 -30.56 28.30
N GLY K 26 -8.38 -31.32 27.34
CA GLY K 26 -9.20 -32.49 27.65
C GLY K 26 -10.44 -32.08 28.43
N ASP K 27 -10.56 -32.59 29.66
CA ASP K 27 -11.68 -32.20 30.53
C ASP K 27 -11.43 -30.94 31.37
N PHE K 28 -10.20 -30.44 31.36
CA PHE K 28 -9.85 -29.32 32.20
C PHE K 28 -9.84 -27.99 31.46
N VAL K 29 -9.99 -26.92 32.23
CA VAL K 29 -9.91 -25.58 31.71
C VAL K 29 -9.05 -24.67 32.61
N PHE K 30 -7.95 -24.16 32.04
CA PHE K 30 -7.00 -23.28 32.77
C PHE K 30 -7.18 -21.87 32.30
N ILE K 31 -7.41 -20.97 33.22
CA ILE K 31 -7.56 -19.59 32.89
C ILE K 31 -6.35 -18.84 33.44
N GLY K 32 -5.75 -18.00 32.59
CA GLY K 32 -4.54 -17.21 32.94
C GLY K 32 -4.89 -16.07 33.87
N GLY K 33 -3.91 -15.51 34.56
CA GLY K 33 -4.21 -14.45 35.53
C GLY K 33 -5.24 -13.43 35.01
N MET K 34 -6.26 -13.13 35.82
CA MET K 34 -7.22 -12.09 35.49
C MET K 34 -7.24 -10.97 36.51
N HIS K 35 -7.38 -9.73 36.02
CA HIS K 35 -7.37 -8.49 36.82
C HIS K 35 -8.77 -7.90 36.73
N GLY K 36 -9.10 -6.99 37.63
CA GLY K 36 -10.39 -6.31 37.54
C GLY K 36 -10.51 -5.24 36.45
N THR K 37 -10.24 -5.58 35.18
CA THR K 37 -10.23 -4.62 34.08
C THR K 37 -11.53 -4.68 33.27
N ASP K 38 -11.79 -3.67 32.45
CA ASP K 38 -12.94 -3.68 31.59
C ASP K 38 -12.58 -4.18 30.18
N ARG K 39 -13.30 -5.20 29.72
CA ARG K 39 -12.95 -5.86 28.47
C ARG K 39 -12.92 -4.97 27.20
N VAL K 40 -13.55 -3.79 27.26
CA VAL K 40 -13.60 -2.88 26.13
C VAL K 40 -12.52 -1.81 26.27
N THR K 41 -12.59 -1.04 27.36
CA THR K 41 -11.63 0.01 27.62
C THR K 41 -10.24 -0.57 27.88
N GLY K 42 -10.15 -1.60 28.73
CA GLY K 42 -8.85 -2.15 29.18
C GLY K 42 -8.35 -1.48 30.46
N LYS K 43 -9.16 -0.55 30.99
CA LYS K 43 -8.87 0.20 32.22
C LYS K 43 -9.37 -0.55 33.47
N MET K 44 -8.58 -0.55 34.54
CA MET K 44 -9.05 -1.04 35.84
C MET K 44 -10.27 -0.23 36.34
N VAL K 45 -11.24 -0.89 36.96
CA VAL K 45 -12.42 -0.23 37.55
C VAL K 45 -12.07 0.36 38.94
N ASP K 46 -12.82 1.36 39.41
CA ASP K 46 -12.73 1.80 40.82
C ASP K 46 -13.91 1.25 41.60
N GLY K 47 -13.83 1.10 42.93
CA GLY K 47 -12.62 1.00 43.70
C GLY K 47 -12.49 -0.46 44.08
N ASP K 48 -12.30 -0.71 45.38
CA ASP K 48 -11.72 -1.98 45.81
C ASP K 48 -12.57 -3.21 45.53
N GLU K 49 -13.81 -3.22 46.01
CA GLU K 49 -14.73 -4.34 45.77
C GLU K 49 -15.15 -4.48 44.28
N ALA K 50 -15.46 -3.35 43.66
CA ALA K 50 -15.81 -3.34 42.25
C ALA K 50 -14.70 -3.98 41.43
N ARG K 51 -13.45 -3.81 41.84
CA ARG K 51 -12.34 -4.39 41.11
C ARG K 51 -12.29 -5.91 41.29
N ILE K 52 -12.41 -6.34 42.53
CA ILE K 52 -12.34 -7.73 42.84
C ILE K 52 -13.56 -8.44 42.25
N ARG K 53 -14.73 -7.81 42.31
CA ARG K 53 -15.86 -8.42 41.63
C ARG K 53 -15.52 -8.57 40.14
N ARG K 54 -15.00 -7.51 39.52
CA ARG K 54 -14.70 -7.57 38.09
C ARG K 54 -13.72 -8.68 37.73
N MET K 55 -12.67 -8.81 38.51
CA MET K 55 -11.69 -9.89 38.40
C MET K 55 -12.40 -11.24 38.30
N PHE K 56 -13.24 -11.61 39.27
CA PHE K 56 -14.03 -12.85 39.19
C PHE K 56 -14.89 -12.98 37.93
N ASP K 57 -15.66 -11.94 37.63
CA ASP K 57 -16.50 -11.92 36.43
C ASP K 57 -15.73 -12.18 35.13
N ASN K 58 -14.54 -11.59 35.00
CA ASN K 58 -13.68 -11.85 33.85
C ASN K 58 -13.19 -13.30 33.85
N MET K 59 -12.76 -13.80 35.01
CA MET K 59 -12.33 -15.19 35.08
C MET K 59 -13.48 -16.10 34.62
N LEU K 60 -14.67 -15.91 35.20
CA LEU K 60 -15.80 -16.81 34.93
C LEU K 60 -16.33 -16.68 33.50
N ALA K 61 -16.16 -15.51 32.92
CA ALA K 61 -16.60 -15.27 31.55
C ALA K 61 -15.70 -16.06 30.61
N ALA K 62 -14.38 -16.03 30.88
CA ALA K 62 -13.41 -16.81 30.13
C ALA K 62 -13.76 -18.29 30.29
N ALA K 63 -14.04 -18.74 31.51
CA ALA K 63 -14.44 -20.12 31.76
C ALA K 63 -15.71 -20.53 30.98
N GLU K 64 -16.73 -19.68 31.04
CA GLU K 64 -17.96 -19.89 30.27
C GLU K 64 -17.69 -20.16 28.77
N ALA K 65 -16.77 -19.37 28.19
CA ALA K 65 -16.44 -19.46 26.77
C ALA K 65 -15.84 -20.81 26.35
N ALA K 66 -15.40 -21.57 27.35
CA ALA K 66 -14.87 -22.90 27.15
C ALA K 66 -15.76 -23.97 27.83
N GLY K 67 -16.97 -23.59 28.20
CA GLY K 67 -17.95 -24.52 28.76
C GLY K 67 -17.83 -24.91 30.23
N ALA K 68 -17.20 -24.04 31.06
CA ALA K 68 -17.06 -24.26 32.50
C ALA K 68 -17.79 -23.17 33.30
N THR K 69 -18.41 -23.57 34.41
CA THR K 69 -19.22 -22.67 35.24
C THR K 69 -18.53 -22.46 36.60
N LYS K 70 -19.06 -21.60 37.45
CA LYS K 70 -18.51 -21.46 38.80
C LYS K 70 -18.47 -22.80 39.58
N ALA K 71 -19.42 -23.69 39.31
CA ALA K 71 -19.45 -24.94 40.05
C ALA K 71 -18.29 -25.90 39.64
N ASP K 72 -17.57 -25.53 38.57
CA ASP K 72 -16.48 -26.34 38.02
C ASP K 72 -15.06 -25.95 38.49
N ALA K 73 -14.93 -24.90 39.32
CA ALA K 73 -13.61 -24.47 39.82
C ALA K 73 -12.96 -25.50 40.71
N VAL K 74 -11.78 -25.99 40.33
CA VAL K 74 -11.05 -26.90 41.21
C VAL K 74 -9.91 -26.25 41.95
N ARG K 75 -9.46 -25.07 41.53
CA ARG K 75 -8.53 -24.28 42.36
C ARG K 75 -8.51 -22.82 41.97
N LEU K 76 -8.58 -21.93 42.95
CA LEU K 76 -8.36 -20.52 42.72
C LEU K 76 -7.11 -20.11 43.46
N THR K 77 -6.17 -19.48 42.76
CA THR K 77 -5.04 -18.87 43.46
C THR K 77 -5.21 -17.35 43.31
N VAL K 78 -5.28 -16.67 44.44
CA VAL K 78 -5.60 -15.27 44.42
C VAL K 78 -4.39 -14.56 44.97
N PHE K 79 -3.93 -13.55 44.26
CA PHE K 79 -2.77 -12.78 44.65
C PHE K 79 -3.19 -11.36 44.89
N VAL K 80 -2.96 -10.91 46.11
CA VAL K 80 -3.35 -9.57 46.46
C VAL K 80 -2.12 -8.81 46.97
N THR K 81 -2.33 -7.51 47.10
CA THR K 81 -1.26 -6.57 47.31
C THR K 81 -1.17 -6.19 48.77
N ASP K 82 -2.20 -6.58 49.54
CA ASP K 82 -2.30 -6.39 50.98
C ASP K 82 -3.29 -7.42 51.55
N VAL K 83 -2.77 -8.54 52.05
CA VAL K 83 -3.63 -9.65 52.51
C VAL K 83 -4.60 -9.26 53.63
N ALA K 84 -4.12 -8.55 54.65
CA ALA K 84 -4.98 -8.16 55.79
C ALA K 84 -6.15 -7.30 55.34
N LYS K 85 -5.94 -6.51 54.28
CA LYS K 85 -6.95 -5.59 53.81
C LYS K 85 -7.89 -6.16 52.77
N TYR K 86 -7.39 -7.03 51.88
CA TYR K 86 -8.20 -7.46 50.73
C TYR K 86 -8.82 -8.85 50.79
N ARG K 87 -8.28 -9.75 51.62
CA ARG K 87 -8.86 -11.09 51.81
C ARG K 87 -10.32 -10.95 52.23
N PRO K 88 -10.63 -9.98 53.08
CA PRO K 88 -12.04 -9.74 53.39
C PRO K 88 -12.92 -9.43 52.18
N VAL K 89 -12.46 -8.56 51.29
CA VAL K 89 -13.26 -8.16 50.12
C VAL K 89 -13.45 -9.37 49.18
N VAL K 90 -12.34 -10.10 48.96
CA VAL K 90 -12.33 -11.40 48.30
C VAL K 90 -13.36 -12.34 48.91
N ASN K 91 -13.30 -12.58 50.20
CA ASN K 91 -14.31 -13.40 50.84
C ASN K 91 -15.73 -12.91 50.59
N LYS K 92 -15.90 -11.59 50.70
CA LYS K 92 -17.20 -10.98 50.55
C LYS K 92 -17.72 -11.21 49.14
N VAL K 93 -16.86 -10.96 48.14
CA VAL K 93 -17.24 -11.11 46.74
C VAL K 93 -17.61 -12.54 46.45
N GLN K 94 -16.86 -13.46 47.08
CA GLN K 94 -17.10 -14.90 46.95
C GLN K 94 -18.39 -15.34 47.63
N LYS K 95 -18.78 -14.69 48.73
CA LYS K 95 -20.11 -14.95 49.26
C LYS K 95 -21.19 -14.47 48.34
N ASP K 96 -20.97 -13.37 47.65
CA ASP K 96 -21.98 -12.84 46.74
C ASP K 96 -22.28 -13.82 45.61
N ILE K 97 -21.28 -14.61 45.24
CA ILE K 97 -21.31 -15.40 44.02
C ILE K 97 -21.71 -16.85 44.31
N TRP K 98 -21.04 -17.44 45.29
CA TRP K 98 -21.28 -18.82 45.70
C TRP K 98 -22.25 -18.98 46.87
N GLY K 99 -22.83 -17.91 47.37
CA GLY K 99 -23.71 -18.03 48.50
C GLY K 99 -23.00 -18.66 49.69
N ASP K 100 -23.66 -19.62 50.32
CA ASP K 100 -23.11 -20.23 51.51
C ASP K 100 -22.34 -21.52 51.21
N GLY K 101 -22.06 -21.73 49.93
CA GLY K 101 -21.11 -22.78 49.57
C GLY K 101 -21.78 -23.95 48.91
N PRO K 102 -21.04 -25.07 48.73
CA PRO K 102 -19.59 -25.20 49.00
C PRO K 102 -18.75 -24.26 48.09
N TYR K 103 -17.45 -24.12 48.35
CA TYR K 103 -16.64 -23.14 47.62
C TYR K 103 -15.49 -23.85 46.90
N PRO K 104 -14.81 -23.18 45.96
CA PRO K 104 -13.66 -23.88 45.38
C PRO K 104 -12.47 -23.92 46.34
N PRO K 105 -11.60 -24.92 46.18
CA PRO K 105 -10.34 -24.88 46.90
C PRO K 105 -9.61 -23.60 46.48
N ARG K 106 -8.98 -22.96 47.45
CA ARG K 106 -8.46 -21.61 47.27
C ARG K 106 -7.17 -21.43 48.02
N THR K 107 -6.48 -20.38 47.65
CA THR K 107 -5.29 -19.95 48.35
C THR K 107 -5.14 -18.43 48.07
N VAL K 108 -4.81 -17.65 49.10
CA VAL K 108 -4.70 -16.19 48.95
C VAL K 108 -3.35 -15.69 49.46
N LEU K 109 -2.51 -15.16 48.58
CA LEU K 109 -1.16 -14.68 48.98
C LEU K 109 -0.99 -13.19 48.83
N GLN K 110 -0.23 -12.60 49.77
CA GLN K 110 0.22 -11.21 49.58
C GLN K 110 1.39 -11.15 48.63
N VAL K 111 1.35 -10.17 47.75
CA VAL K 111 2.38 -10.00 46.74
C VAL K 111 2.75 -8.50 46.57
N PRO K 112 4.06 -8.17 46.41
CA PRO K 112 4.44 -6.74 46.41
C PRO K 112 3.95 -5.98 45.19
N ALA K 113 3.74 -6.66 44.07
CA ALA K 113 3.30 -5.98 42.86
C ALA K 113 2.70 -6.93 41.85
N LEU K 114 1.77 -6.39 41.06
CA LEU K 114 1.12 -7.11 39.94
C LEU K 114 1.20 -6.25 38.68
N ASP K 115 0.92 -6.86 37.53
CA ASP K 115 0.89 -6.10 36.28
C ASP K 115 -0.12 -4.96 36.40
N GLN K 116 0.33 -3.74 36.04
CA GLN K 116 -0.59 -2.61 35.91
C GLN K 116 -0.74 -1.93 37.26
N GLY K 117 -0.07 -2.46 38.28
CA GLY K 117 -0.25 -2.02 39.65
C GLY K 117 -1.63 -2.35 40.22
N ASP K 118 -2.21 -3.47 39.80
CA ASP K 118 -3.53 -3.84 40.30
C ASP K 118 -3.45 -4.25 41.75
N ILE K 119 -4.59 -4.32 42.42
CA ILE K 119 -4.60 -4.80 43.82
C ILE K 119 -4.74 -6.33 43.95
N ALA K 120 -5.29 -6.98 42.91
CA ALA K 120 -5.63 -8.41 42.93
C ALA K 120 -5.53 -9.02 41.57
N GLU K 121 -5.06 -10.26 41.55
CA GLU K 121 -5.10 -11.05 40.34
C GLU K 121 -5.45 -12.49 40.72
N ILE K 122 -6.17 -13.18 39.84
CA ILE K 122 -6.59 -14.56 40.12
C ILE K 122 -6.22 -15.59 39.04
N ASP K 123 -5.80 -16.78 39.47
CA ASP K 123 -5.62 -17.93 38.59
C ASP K 123 -6.74 -18.90 38.89
N GLY K 124 -7.49 -19.28 37.87
CA GLY K 124 -8.57 -20.22 38.03
C GLY K 124 -8.34 -21.45 37.17
N THR K 125 -8.57 -22.63 37.75
CA THR K 125 -8.47 -23.88 37.04
C THR K 125 -9.80 -24.60 37.22
N PHE K 126 -10.33 -25.16 36.14
CA PHE K 126 -11.68 -25.66 36.15
C PHE K 126 -11.73 -27.05 35.62
N TYR K 127 -12.85 -27.71 35.88
CA TYR K 127 -13.07 -29.07 35.45
C TYR K 127 -14.49 -29.17 34.92
N ALA K 128 -14.59 -29.30 33.60
CA ALA K 128 -15.87 -29.45 32.93
C ALA K 128 -15.71 -30.47 31.83
N PRO K 129 -16.01 -31.75 32.13
CA PRO K 129 -15.92 -32.84 31.15
C PRO K 129 -16.91 -32.61 30.00
N ALA K 130 -16.40 -32.54 28.76
CA ALA K 130 -17.20 -32.11 27.58
C ALA K 130 -17.83 -33.29 26.82
N SER L 2 -18.52 -34.82 37.03
CA SER L 2 -18.33 -33.54 37.77
C SER L 2 -17.32 -33.61 38.90
N LEU L 3 -16.94 -32.47 39.42
CA LEU L 3 -16.00 -32.47 40.53
C LEU L 3 -16.72 -32.91 41.81
N LYS L 4 -15.96 -33.27 42.85
CA LYS L 4 -16.53 -33.53 44.18
C LYS L 4 -15.72 -32.81 45.26
N ILE L 5 -16.39 -31.94 46.01
CA ILE L 5 -15.71 -31.27 47.11
C ILE L 5 -15.48 -32.32 48.17
N ILE L 6 -14.23 -32.43 48.61
CA ILE L 6 -13.92 -33.33 49.68
C ILE L 6 -14.60 -32.78 50.91
N ALA L 7 -15.58 -33.51 51.43
CA ALA L 7 -16.25 -33.14 52.68
C ALA L 7 -15.25 -33.28 53.87
N PRO L 8 -15.36 -32.40 54.87
CA PRO L 8 -14.44 -32.56 56.00
C PRO L 8 -14.67 -33.79 56.90
N THR L 9 -13.60 -34.17 57.60
CA THR L 9 -13.44 -35.46 58.24
C THR L 9 -12.68 -35.20 59.54
N ASP L 10 -12.76 -36.10 60.51
CA ASP L 10 -12.05 -35.88 61.77
C ASP L 10 -10.54 -36.14 61.72
N LYS L 11 -9.98 -36.33 60.53
CA LYS L 11 -8.51 -36.26 60.38
C LYS L 11 -8.13 -34.93 59.71
N THR L 12 -9.18 -34.14 59.47
CA THR L 12 -9.19 -33.04 58.53
C THR L 12 -9.57 -31.73 59.19
N ILE L 13 -9.16 -30.65 58.54
CA ILE L 13 -9.41 -29.32 58.95
C ILE L 13 -10.87 -28.98 58.55
N THR L 14 -11.50 -27.98 59.14
CA THR L 14 -12.87 -27.66 58.72
C THR L 14 -12.92 -26.27 58.16
N PRO L 15 -13.34 -26.14 56.88
CA PRO L 15 -13.50 -24.84 56.26
C PRO L 15 -14.27 -23.94 57.18
N SER L 16 -13.78 -22.72 57.37
CA SER L 16 -14.49 -21.74 58.17
C SER L 16 -14.91 -20.53 57.32
N GLY L 17 -14.21 -20.34 56.19
CA GLY L 17 -14.49 -19.21 55.32
C GLY L 17 -15.03 -19.66 53.98
N THR L 18 -14.78 -18.85 52.93
CA THR L 18 -15.35 -19.14 51.61
C THR L 18 -14.37 -19.97 50.83
N TRP L 19 -14.15 -21.20 51.34
CA TRP L 19 -13.23 -22.20 50.73
C TRP L 19 -13.59 -23.68 51.08
N SER L 20 -12.95 -24.63 50.37
CA SER L 20 -12.97 -26.10 50.61
C SER L 20 -11.59 -26.51 50.99
N ILE L 21 -11.48 -27.67 51.67
CA ILE L 21 -10.18 -28.29 51.85
C ILE L 21 -9.65 -28.78 50.48
N GLY L 22 -10.56 -29.11 49.55
CA GLY L 22 -10.13 -29.61 48.25
C GLY L 22 -11.19 -30.23 47.36
N ALA L 23 -10.75 -30.68 46.19
CA ALA L 23 -11.64 -31.34 45.22
C ALA L 23 -11.01 -32.52 44.49
N ARG L 24 -11.88 -33.50 44.23
CA ARG L 24 -11.60 -34.56 43.28
C ARG L 24 -12.18 -34.19 41.92
N ALA L 25 -11.33 -34.18 40.91
CA ALA L 25 -11.76 -34.01 39.53
C ALA L 25 -11.12 -35.12 38.70
N GLY L 26 -11.97 -35.96 38.10
CA GLY L 26 -11.52 -37.18 37.42
C GLY L 26 -10.46 -37.91 38.23
N ASP L 27 -9.26 -38.04 37.66
CA ASP L 27 -8.16 -38.69 38.41
C ASP L 27 -7.32 -37.73 39.24
N PHE L 28 -7.63 -36.43 39.18
CA PHE L 28 -6.81 -35.51 39.93
C PHE L 28 -7.47 -35.12 41.24
N VAL L 29 -6.63 -34.80 42.22
CA VAL L 29 -7.08 -34.21 43.45
C VAL L 29 -6.36 -32.89 43.71
N PHE L 30 -7.13 -31.81 43.87
CA PHE L 30 -6.56 -30.50 44.13
C PHE L 30 -6.82 -30.09 45.55
N ILE L 31 -5.77 -29.88 46.33
CA ILE L 31 -5.95 -29.49 47.72
C ILE L 31 -5.73 -28.00 47.80
N GLY L 32 -6.63 -27.30 48.47
CA GLY L 32 -6.54 -25.86 48.70
C GLY L 32 -5.37 -25.56 49.62
N GLY L 33 -5.17 -24.28 49.90
CA GLY L 33 -4.00 -23.84 50.63
C GLY L 33 -4.06 -24.29 52.06
N MET L 34 -3.01 -24.95 52.51
CA MET L 34 -2.99 -25.50 53.85
C MET L 34 -1.90 -24.80 54.64
N HIS L 35 -2.09 -24.67 55.95
CA HIS L 35 -0.99 -24.28 56.80
C HIS L 35 -1.03 -24.89 58.19
N GLY L 36 -0.06 -24.55 59.04
CA GLY L 36 0.19 -25.29 60.27
C GLY L 36 -0.83 -25.17 61.39
N THR L 37 -2.11 -25.12 61.06
CA THR L 37 -3.12 -25.01 62.10
C THR L 37 -3.48 -26.39 62.61
N ASP L 38 -3.92 -26.44 63.87
CA ASP L 38 -4.32 -27.66 64.52
C ASP L 38 -5.83 -27.82 64.34
N ARG L 39 -6.21 -28.89 63.65
CA ARG L 39 -7.60 -29.13 63.23
C ARG L 39 -8.61 -29.03 64.35
N VAL L 40 -8.18 -29.26 65.59
CA VAL L 40 -9.13 -29.16 66.69
C VAL L 40 -9.16 -27.76 67.33
N THR L 41 -8.06 -27.26 67.88
CA THR L 41 -8.10 -25.93 68.51
C THR L 41 -8.52 -24.85 67.52
N GLY L 42 -7.99 -24.92 66.29
CA GLY L 42 -8.19 -23.85 65.28
C GLY L 42 -7.00 -22.89 65.15
N LYS L 43 -6.07 -22.99 66.11
CA LYS L 43 -4.90 -22.12 66.21
C LYS L 43 -3.71 -22.71 65.48
N MET L 44 -2.77 -21.86 65.12
CA MET L 44 -1.52 -22.24 64.48
C MET L 44 -0.63 -22.80 65.57
N VAL L 45 0.19 -23.80 65.23
CA VAL L 45 0.97 -24.54 66.22
C VAL L 45 2.30 -23.82 66.50
N ASP L 46 2.84 -23.95 67.71
CA ASP L 46 4.20 -23.46 68.05
C ASP L 46 5.19 -24.61 67.80
N GLY L 47 6.43 -24.39 67.32
CA GLY L 47 6.94 -23.18 66.70
C GLY L 47 7.33 -23.56 65.26
N ASP L 48 8.51 -23.15 64.81
CA ASP L 48 8.82 -23.23 63.38
C ASP L 48 8.68 -24.63 62.73
N GLU L 49 9.34 -25.65 63.26
CA GLU L 49 9.29 -26.98 62.63
C GLU L 49 7.92 -27.66 62.81
N ALA L 50 7.30 -27.51 63.97
CA ALA L 50 6.06 -28.20 64.24
C ALA L 50 4.99 -27.75 63.27
N ARG L 51 5.01 -26.45 62.97
CA ARG L 51 4.05 -25.85 62.07
C ARG L 51 4.19 -26.29 60.62
N ILE L 52 5.42 -26.30 60.15
CA ILE L 52 5.69 -26.76 58.81
C ILE L 52 5.40 -28.26 58.69
N ARG L 53 5.79 -29.05 59.71
CA ARG L 53 5.28 -30.42 59.76
C ARG L 53 3.77 -30.47 59.65
N ARG L 54 3.09 -29.67 60.48
CA ARG L 54 1.62 -29.70 60.56
C ARG L 54 0.92 -29.32 59.26
N MET L 55 1.48 -28.31 58.60
CA MET L 55 1.06 -27.82 57.30
C MET L 55 1.01 -28.97 56.32
N PHE L 56 2.11 -29.72 56.27
CA PHE L 56 2.19 -30.95 55.48
C PHE L 56 1.16 -32.02 55.89
N ASP L 57 1.09 -32.32 57.19
CA ASP L 57 0.15 -33.32 57.64
C ASP L 57 -1.30 -32.97 57.29
N ASN L 58 -1.66 -31.69 57.43
CA ASN L 58 -2.97 -31.23 56.99
C ASN L 58 -3.20 -31.44 55.50
N MET L 59 -2.22 -31.12 54.66
CA MET L 59 -2.37 -31.35 53.23
C MET L 59 -2.62 -32.86 53.01
N LEU L 60 -1.79 -33.70 53.62
CA LEU L 60 -1.87 -35.15 53.33
C LEU L 60 -3.18 -35.76 53.82
N ALA L 61 -3.62 -35.31 54.99
CA ALA L 61 -4.88 -35.73 55.55
C ALA L 61 -6.04 -35.39 54.62
N ALA L 62 -6.01 -34.23 53.99
CA ALA L 62 -7.05 -33.92 52.96
C ALA L 62 -6.92 -34.78 51.68
N ALA L 63 -5.70 -34.93 51.18
CA ALA L 63 -5.43 -35.81 50.05
C ALA L 63 -6.01 -37.20 50.32
N GLU L 64 -5.60 -37.74 51.47
CA GLU L 64 -5.99 -39.06 51.96
C GLU L 64 -7.50 -39.20 51.96
N ALA L 65 -8.22 -38.15 52.36
CA ALA L 65 -9.66 -38.19 52.38
C ALA L 65 -10.25 -38.32 50.98
N ALA L 66 -9.43 -38.14 49.96
CA ALA L 66 -9.93 -38.20 48.58
C ALA L 66 -9.28 -39.37 47.83
N GLY L 67 -8.51 -40.19 48.53
CA GLY L 67 -7.99 -41.41 47.95
C GLY L 67 -6.60 -41.27 47.38
N ALA L 68 -5.83 -40.31 47.89
CA ALA L 68 -4.58 -39.88 47.29
C ALA L 68 -3.54 -39.77 48.38
N THR L 69 -2.32 -40.21 48.06
CA THR L 69 -1.29 -40.26 49.09
C THR L 69 -0.15 -39.32 48.74
N LYS L 70 0.91 -39.37 49.53
CA LYS L 70 2.05 -38.52 49.31
C LYS L 70 2.75 -38.90 47.99
N ALA L 71 2.67 -40.19 47.63
CA ALA L 71 3.31 -40.71 46.41
C ALA L 71 2.52 -40.25 45.18
N ASP L 72 1.38 -39.59 45.39
CA ASP L 72 0.52 -39.16 44.27
C ASP L 72 0.68 -37.70 43.89
N ALA L 73 1.63 -37.04 44.55
CA ALA L 73 1.85 -35.61 44.41
C ALA L 73 2.48 -35.25 43.09
N VAL L 74 1.80 -34.43 42.30
CA VAL L 74 2.39 -33.92 41.04
C VAL L 74 2.92 -32.49 41.08
N ARG L 75 2.65 -31.76 42.16
CA ARG L 75 3.16 -30.39 42.33
C ARG L 75 2.91 -29.95 43.76
N LEU L 76 3.98 -29.51 44.42
CA LEU L 76 3.85 -28.80 45.68
C LEU L 76 4.35 -27.38 45.44
N THR L 77 3.46 -26.42 45.60
CA THR L 77 3.87 -25.05 45.65
C THR L 77 3.86 -24.59 47.11
N VAL L 78 5.03 -24.17 47.56
CA VAL L 78 5.22 -23.77 48.94
C VAL L 78 5.53 -22.29 49.00
N PHE L 79 4.74 -21.54 49.76
CA PHE L 79 4.92 -20.12 49.91
C PHE L 79 5.34 -19.82 51.30
N VAL L 80 6.58 -19.42 51.49
CA VAL L 80 7.07 -19.06 52.83
C VAL L 80 7.33 -17.57 53.00
N THR L 81 7.46 -17.19 54.26
CA THR L 81 7.55 -15.80 54.71
C THR L 81 8.99 -15.33 54.93
N ASP L 82 9.93 -16.28 54.84
CA ASP L 82 11.36 -15.98 54.81
C ASP L 82 12.10 -17.22 54.26
N VAL L 83 12.53 -17.14 53.01
CA VAL L 83 13.01 -18.34 52.34
C VAL L 83 14.33 -18.88 52.91
N ALA L 84 15.24 -17.97 53.29
CA ALA L 84 16.56 -18.38 53.80
C ALA L 84 16.43 -19.13 55.13
N LYS L 85 15.43 -18.75 55.91
CA LYS L 85 15.13 -19.34 57.21
C LYS L 85 14.25 -20.59 57.14
N TYR L 86 13.31 -20.63 56.20
CA TYR L 86 12.30 -21.69 56.19
C TYR L 86 12.51 -22.82 55.20
N ARG L 87 13.36 -22.63 54.19
CA ARG L 87 13.63 -23.68 53.22
C ARG L 87 14.31 -24.90 53.87
N PRO L 88 15.41 -24.70 54.64
CA PRO L 88 15.92 -25.83 55.40
C PRO L 88 14.83 -26.60 56.15
N VAL L 89 13.99 -25.87 56.88
CA VAL L 89 12.91 -26.48 57.63
C VAL L 89 11.97 -27.24 56.69
N VAL L 90 11.65 -26.69 55.54
CA VAL L 90 10.82 -27.39 54.58
C VAL L 90 11.56 -28.65 54.15
N ASN L 91 12.83 -28.51 53.79
CA ASN L 91 13.62 -29.67 53.40
C ASN L 91 13.60 -30.78 54.46
N LYS L 92 14.03 -30.47 55.68
CA LYS L 92 14.01 -31.46 56.74
C LYS L 92 12.64 -32.15 56.94
N VAL L 93 11.57 -31.39 56.91
CA VAL L 93 10.25 -31.98 57.04
C VAL L 93 9.95 -32.98 55.90
N GLN L 94 10.38 -32.68 54.67
CA GLN L 94 10.07 -33.56 53.55
C GLN L 94 10.83 -34.86 53.66
N LYS L 95 12.04 -34.79 54.20
CA LYS L 95 12.81 -35.98 54.51
C LYS L 95 12.09 -36.85 55.54
N ASP L 96 11.54 -36.23 56.60
CA ASP L 96 10.78 -36.98 57.61
C ASP L 96 9.58 -37.67 57.02
N ILE L 97 8.89 -37.02 56.09
CA ILE L 97 7.69 -37.61 55.48
C ILE L 97 8.03 -38.60 54.34
N TRP L 98 8.80 -38.15 53.35
CA TRP L 98 9.12 -38.93 52.16
C TRP L 98 10.34 -39.86 52.30
N GLY L 99 11.11 -39.71 53.37
CA GLY L 99 12.43 -40.32 53.48
C GLY L 99 13.32 -40.18 52.25
N ASP L 100 13.76 -41.33 51.73
CA ASP L 100 14.40 -41.54 50.42
C ASP L 100 13.87 -40.67 49.32
N GLY L 101 12.55 -40.57 49.20
CA GLY L 101 11.95 -40.13 47.95
C GLY L 101 11.02 -41.24 47.47
N PRO L 102 10.65 -41.25 46.18
CA PRO L 102 10.76 -40.18 45.19
C PRO L 102 10.03 -38.93 45.69
N TYR L 103 10.72 -37.79 45.64
CA TYR L 103 10.16 -36.49 46.03
C TYR L 103 9.28 -35.91 44.94
N PRO L 104 8.22 -35.18 45.32
CA PRO L 104 7.40 -34.50 44.28
C PRO L 104 8.12 -33.39 43.52
N PRO L 105 7.65 -33.05 42.32
CA PRO L 105 8.09 -31.74 41.80
C PRO L 105 7.61 -30.60 42.76
N ARG L 106 8.47 -29.63 43.03
CA ARG L 106 8.05 -28.56 43.90
C ARG L 106 8.57 -27.23 43.45
N THR L 107 8.02 -26.17 44.05
CA THR L 107 8.50 -24.83 43.83
C THR L 107 8.37 -24.10 45.17
N VAL L 108 9.41 -23.40 45.61
CA VAL L 108 9.46 -22.72 46.92
C VAL L 108 9.74 -21.21 46.79
N LEU L 109 8.78 -20.36 47.19
CA LEU L 109 8.90 -18.91 47.03
C LEU L 109 8.72 -18.12 48.30
N GLN L 110 9.39 -16.98 48.38
CA GLN L 110 9.15 -16.06 49.48
C GLN L 110 8.01 -15.09 49.18
N VAL L 111 7.28 -14.72 50.20
CA VAL L 111 6.09 -13.94 50.03
C VAL L 111 5.98 -12.95 51.23
N PRO L 112 5.59 -11.69 50.98
CA PRO L 112 5.50 -10.72 52.10
C PRO L 112 4.62 -11.16 53.28
N ALA L 113 3.48 -11.78 53.02
CA ALA L 113 2.54 -12.11 54.08
C ALA L 113 1.57 -13.22 53.67
N LEU L 114 1.05 -13.94 54.67
CA LEU L 114 0.00 -14.96 54.50
C LEU L 114 -1.18 -14.65 55.46
N ASP L 115 -2.36 -15.27 55.25
CA ASP L 115 -3.46 -15.09 56.21
C ASP L 115 -3.02 -15.42 57.64
N GLN L 116 -3.51 -14.61 58.59
CA GLN L 116 -3.27 -14.80 60.01
C GLN L 116 -1.81 -14.51 60.40
N GLY L 117 -0.98 -14.20 59.40
CA GLY L 117 0.39 -13.82 59.66
C GLY L 117 1.18 -15.08 59.90
N ASP L 118 0.63 -16.20 59.42
CA ASP L 118 1.34 -17.46 59.38
C ASP L 118 2.67 -17.34 58.59
N ILE L 119 3.56 -18.32 58.77
CA ILE L 119 4.87 -18.27 58.13
C ILE L 119 5.03 -19.15 56.89
N ALA L 120 4.04 -19.99 56.58
CA ALA L 120 4.18 -20.95 55.48
C ALA L 120 2.84 -21.43 55.05
N GLU L 121 2.69 -21.66 53.75
CA GLU L 121 1.46 -22.20 53.22
C GLU L 121 1.77 -23.06 52.00
N ILE L 122 0.95 -24.08 51.75
CA ILE L 122 1.25 -25.04 50.70
C ILE L 122 0.07 -25.38 49.79
N ASP L 123 0.32 -25.46 48.48
CA ASP L 123 -0.66 -25.99 47.51
C ASP L 123 -0.13 -27.29 46.94
N GLY L 124 -0.93 -28.35 47.03
CA GLY L 124 -0.59 -29.66 46.47
C GLY L 124 -1.63 -30.08 45.47
N THR L 125 -1.18 -30.61 44.34
CA THR L 125 -2.05 -31.29 43.42
C THR L 125 -1.59 -32.76 43.33
N PHE L 126 -2.55 -33.68 43.20
CA PHE L 126 -2.20 -35.08 43.18
C PHE L 126 -2.87 -35.78 42.04
N TYR L 127 -2.24 -36.88 41.61
CA TYR L 127 -2.81 -37.74 40.58
C TYR L 127 -3.09 -39.11 41.21
N ALA L 128 -4.35 -39.46 41.32
CA ALA L 128 -4.70 -40.73 41.97
C ALA L 128 -5.84 -41.39 41.23
N PRO L 129 -5.55 -42.06 40.11
CA PRO L 129 -6.67 -42.75 39.44
C PRO L 129 -7.07 -44.03 40.21
#